data_6HO6
# 
_entry.id   6HO6 
# 
_audit_conform.dict_name       mmcif_pdbx.dic 
_audit_conform.dict_version    5.392 
_audit_conform.dict_location   http://mmcif.pdb.org/dictionaries/ascii/mmcif_pdbx.dic 
# 
loop_
_database_2.database_id 
_database_2.database_code 
_database_2.pdbx_database_accession 
_database_2.pdbx_DOI 
PDB   6HO6         pdb_00006ho6 10.2210/pdb6ho6/pdb 
WWPDB D_1200011928 ?            ?                   
# 
loop_
_pdbx_audit_revision_history.ordinal 
_pdbx_audit_revision_history.data_content_type 
_pdbx_audit_revision_history.major_revision 
_pdbx_audit_revision_history.minor_revision 
_pdbx_audit_revision_history.revision_date 
1 'Structure model' 1 0 2018-12-26 
2 'Structure model' 1 1 2019-01-23 
3 'Structure model' 1 2 2024-05-15 
# 
_pdbx_audit_revision_details.ordinal             1 
_pdbx_audit_revision_details.revision_ordinal    1 
_pdbx_audit_revision_details.data_content_type   'Structure model' 
_pdbx_audit_revision_details.provider            repository 
_pdbx_audit_revision_details.type                'Initial release' 
_pdbx_audit_revision_details.description         ? 
_pdbx_audit_revision_details.details             ? 
# 
loop_
_pdbx_audit_revision_group.ordinal 
_pdbx_audit_revision_group.revision_ordinal 
_pdbx_audit_revision_group.data_content_type 
_pdbx_audit_revision_group.group 
1 2 'Structure model' 'Data collection'     
2 2 'Structure model' 'Database references' 
3 3 'Structure model' 'Data collection'     
4 3 'Structure model' 'Database references' 
# 
loop_
_pdbx_audit_revision_category.ordinal 
_pdbx_audit_revision_category.revision_ordinal 
_pdbx_audit_revision_category.data_content_type 
_pdbx_audit_revision_category.category 
1 2 'Structure model' citation       
2 3 'Structure model' chem_comp_atom 
3 3 'Structure model' chem_comp_bond 
4 3 'Structure model' database_2     
# 
loop_
_pdbx_audit_revision_item.ordinal 
_pdbx_audit_revision_item.revision_ordinal 
_pdbx_audit_revision_item.data_content_type 
_pdbx_audit_revision_item.item 
1 2 'Structure model' '_citation.journal_volume'            
2 2 'Structure model' '_citation.page_first'                
3 2 'Structure model' '_citation.page_last'                 
4 3 'Structure model' '_database_2.pdbx_DOI'                
5 3 'Structure model' '_database_2.pdbx_database_accession' 
# 
_pdbx_database_status.status_code                     REL 
_pdbx_database_status.status_code_sf                  REL 
_pdbx_database_status.status_code_mr                  ? 
_pdbx_database_status.entry_id                        6HO6 
_pdbx_database_status.recvd_initial_deposition_date   2018-09-17 
_pdbx_database_status.SG_entry                        N 
_pdbx_database_status.deposit_site                    PDBE 
_pdbx_database_status.process_site                    PDBE 
_pdbx_database_status.status_code_cs                  ? 
_pdbx_database_status.methods_development_category    ? 
_pdbx_database_status.pdb_format_compatible           Y 
_pdbx_database_status.status_code_nmr_data            ? 
# 
loop_
_audit_author.name 
_audit_author.pdbx_ordinal 
_audit_author.identifier_ORCID 
'Wintjens, R.'  1 0000-0002-0234-7847 
'Wohlkonig, A.' 2 0000-0003-3103-5022 
# 
_citation.abstract                  ? 
_citation.abstract_id_CAS           ? 
_citation.book_id_ISBN              ? 
_citation.book_publisher            ? 
_citation.book_publisher_city       ? 
_citation.book_title                ? 
_citation.coordinate_linkage        ? 
_citation.country                   ? 
_citation.database_id_Medline       ? 
_citation.details                   ? 
_citation.id                        primary 
_citation.journal_abbrev            'Biochim Biophys Acta Proteins Proteom' 
_citation.journal_id_ASTM           ? 
_citation.journal_id_CSD            ? 
_citation.journal_id_ISSN           1878-1454 
_citation.journal_full              ? 
_citation.journal_issue             ? 
_citation.journal_volume            1867 
_citation.language                  ? 
_citation.page_first                248 
_citation.page_last                 258 
_citation.title                     
'A comprehensive analysis of the protein-ligand interactions in crystal structures of Mycobacterium tuberculosis EthR.' 
_citation.year                      2018 
_citation.database_id_CSD           ? 
_citation.pdbx_database_id_DOI      10.1016/j.bbapap.2018.12.003 
_citation.pdbx_database_id_PubMed   30553830 
_citation.unpublished_flag          ? 
# 
loop_
_citation_author.citation_id 
_citation_author.name 
_citation_author.ordinal 
_citation_author.identifier_ORCID 
primary 'Tanina, A.'     1  ? 
primary 'Wohlkonig, A.'  2  ? 
primary 'Soror, S.H.'    3  ? 
primary 'Flipo, M.'      4  ? 
primary 'Villemagne, B.' 5  ? 
primary 'Prevet, H.'     6  ? 
primary 'Deprez, B.'     7  ? 
primary 'Moune, M.'      8  ? 
primary 'Peree, H.'      9  ? 
primary 'Meyer, F.'      10 ? 
primary 'Baulard, A.R.'  11 ? 
primary 'Willand, N.'    12 ? 
primary 'Wintjens, R.'   13 ? 
# 
loop_
_entity.id 
_entity.type 
_entity.src_method 
_entity.pdbx_description 
_entity.formula_weight 
_entity.pdbx_number_of_molecules 
_entity.pdbx_ec 
_entity.pdbx_mutation 
_entity.pdbx_fragment 
_entity.details 
1 polymer     man 'HTH-type transcriptional regulator EthR'                                                     24927.980 1  ? ? ? 
? 
2 non-polymer syn '4-[3-(methylsulfonylamino)prop-1-ynyl]-~{N}-[3,3,3-tris(fluoranyl)propyl]benzenesulfonamide' 384.394   1  ? ? ? 
? 
3 water       nat water                                                                                         18.015    34 ? ? ? 
? 
# 
_entity_poly.entity_id                      1 
_entity_poly.type                           'polypeptide(L)' 
_entity_poly.nstd_linkage                   no 
_entity_poly.nstd_monomer                   no 
_entity_poly.pdbx_seq_one_letter_code       
;MTTSAASQASLPMTTSAASQASLPRGRRTARPSGDDRELAILATAENLLEDRPLADISVDDLAKGAGISRPTFYFYFPSK
EAVLLTLLDRVVNQADMALQTLAENPADTDRENMWRTGINVFFETFGSHKAVTRAGQAARATSVEVAELWSTFMQKWIAY
TAAVIDAERDRGAAPRTLPAHELATALNLMNERTLFASFAGEQPSVPEARVLDTLVHIWVTSIYGENR
;
_entity_poly.pdbx_seq_one_letter_code_can   
;MTTSAASQASLPMTTSAASQASLPRGRRTARPSGDDRELAILATAENLLEDRPLADISVDDLAKGAGISRPTFYFYFPSK
EAVLLTLLDRVVNQADMALQTLAENPADTDRENMWRTGINVFFETFGSHKAVTRAGQAARATSVEVAELWSTFMQKWIAY
TAAVIDAERDRGAAPRTLPAHELATALNLMNERTLFASFAGEQPSVPEARVLDTLVHIWVTSIYGENR
;
_entity_poly.pdbx_strand_id                 A 
_entity_poly.pdbx_target_identifier         ? 
# 
loop_
_pdbx_entity_nonpoly.entity_id 
_pdbx_entity_nonpoly.name 
_pdbx_entity_nonpoly.comp_id 
2 '4-[3-(methylsulfonylamino)prop-1-ynyl]-~{N}-[3,3,3-tris(fluoranyl)propyl]benzenesulfonamide' GGK 
3 water                                                                                         HOH 
# 
loop_
_entity_poly_seq.entity_id 
_entity_poly_seq.num 
_entity_poly_seq.mon_id 
_entity_poly_seq.hetero 
1 1   MET n 
1 2   THR n 
1 3   THR n 
1 4   SER n 
1 5   ALA n 
1 6   ALA n 
1 7   SER n 
1 8   GLN n 
1 9   ALA n 
1 10  SER n 
1 11  LEU n 
1 12  PRO n 
1 13  MET n 
1 14  THR n 
1 15  THR n 
1 16  SER n 
1 17  ALA n 
1 18  ALA n 
1 19  SER n 
1 20  GLN n 
1 21  ALA n 
1 22  SER n 
1 23  LEU n 
1 24  PRO n 
1 25  ARG n 
1 26  GLY n 
1 27  ARG n 
1 28  ARG n 
1 29  THR n 
1 30  ALA n 
1 31  ARG n 
1 32  PRO n 
1 33  SER n 
1 34  GLY n 
1 35  ASP n 
1 36  ASP n 
1 37  ARG n 
1 38  GLU n 
1 39  LEU n 
1 40  ALA n 
1 41  ILE n 
1 42  LEU n 
1 43  ALA n 
1 44  THR n 
1 45  ALA n 
1 46  GLU n 
1 47  ASN n 
1 48  LEU n 
1 49  LEU n 
1 50  GLU n 
1 51  ASP n 
1 52  ARG n 
1 53  PRO n 
1 54  LEU n 
1 55  ALA n 
1 56  ASP n 
1 57  ILE n 
1 58  SER n 
1 59  VAL n 
1 60  ASP n 
1 61  ASP n 
1 62  LEU n 
1 63  ALA n 
1 64  LYS n 
1 65  GLY n 
1 66  ALA n 
1 67  GLY n 
1 68  ILE n 
1 69  SER n 
1 70  ARG n 
1 71  PRO n 
1 72  THR n 
1 73  PHE n 
1 74  TYR n 
1 75  PHE n 
1 76  TYR n 
1 77  PHE n 
1 78  PRO n 
1 79  SER n 
1 80  LYS n 
1 81  GLU n 
1 82  ALA n 
1 83  VAL n 
1 84  LEU n 
1 85  LEU n 
1 86  THR n 
1 87  LEU n 
1 88  LEU n 
1 89  ASP n 
1 90  ARG n 
1 91  VAL n 
1 92  VAL n 
1 93  ASN n 
1 94  GLN n 
1 95  ALA n 
1 96  ASP n 
1 97  MET n 
1 98  ALA n 
1 99  LEU n 
1 100 GLN n 
1 101 THR n 
1 102 LEU n 
1 103 ALA n 
1 104 GLU n 
1 105 ASN n 
1 106 PRO n 
1 107 ALA n 
1 108 ASP n 
1 109 THR n 
1 110 ASP n 
1 111 ARG n 
1 112 GLU n 
1 113 ASN n 
1 114 MET n 
1 115 TRP n 
1 116 ARG n 
1 117 THR n 
1 118 GLY n 
1 119 ILE n 
1 120 ASN n 
1 121 VAL n 
1 122 PHE n 
1 123 PHE n 
1 124 GLU n 
1 125 THR n 
1 126 PHE n 
1 127 GLY n 
1 128 SER n 
1 129 HIS n 
1 130 LYS n 
1 131 ALA n 
1 132 VAL n 
1 133 THR n 
1 134 ARG n 
1 135 ALA n 
1 136 GLY n 
1 137 GLN n 
1 138 ALA n 
1 139 ALA n 
1 140 ARG n 
1 141 ALA n 
1 142 THR n 
1 143 SER n 
1 144 VAL n 
1 145 GLU n 
1 146 VAL n 
1 147 ALA n 
1 148 GLU n 
1 149 LEU n 
1 150 TRP n 
1 151 SER n 
1 152 THR n 
1 153 PHE n 
1 154 MET n 
1 155 GLN n 
1 156 LYS n 
1 157 TRP n 
1 158 ILE n 
1 159 ALA n 
1 160 TYR n 
1 161 THR n 
1 162 ALA n 
1 163 ALA n 
1 164 VAL n 
1 165 ILE n 
1 166 ASP n 
1 167 ALA n 
1 168 GLU n 
1 169 ARG n 
1 170 ASP n 
1 171 ARG n 
1 172 GLY n 
1 173 ALA n 
1 174 ALA n 
1 175 PRO n 
1 176 ARG n 
1 177 THR n 
1 178 LEU n 
1 179 PRO n 
1 180 ALA n 
1 181 HIS n 
1 182 GLU n 
1 183 LEU n 
1 184 ALA n 
1 185 THR n 
1 186 ALA n 
1 187 LEU n 
1 188 ASN n 
1 189 LEU n 
1 190 MET n 
1 191 ASN n 
1 192 GLU n 
1 193 ARG n 
1 194 THR n 
1 195 LEU n 
1 196 PHE n 
1 197 ALA n 
1 198 SER n 
1 199 PHE n 
1 200 ALA n 
1 201 GLY n 
1 202 GLU n 
1 203 GLN n 
1 204 PRO n 
1 205 SER n 
1 206 VAL n 
1 207 PRO n 
1 208 GLU n 
1 209 ALA n 
1 210 ARG n 
1 211 VAL n 
1 212 LEU n 
1 213 ASP n 
1 214 THR n 
1 215 LEU n 
1 216 VAL n 
1 217 HIS n 
1 218 ILE n 
1 219 TRP n 
1 220 VAL n 
1 221 THR n 
1 222 SER n 
1 223 ILE n 
1 224 TYR n 
1 225 GLY n 
1 226 GLU n 
1 227 ASN n 
1 228 ARG n 
# 
_entity_src_gen.entity_id                          1 
_entity_src_gen.pdbx_src_id                        1 
_entity_src_gen.pdbx_alt_source_flag               sample 
_entity_src_gen.pdbx_seq_type                      'Biological sequence' 
_entity_src_gen.pdbx_beg_seq_num                   1 
_entity_src_gen.pdbx_end_seq_num                   228 
_entity_src_gen.gene_src_common_name               ? 
_entity_src_gen.gene_src_genus                     ? 
_entity_src_gen.pdbx_gene_src_gene                 'ethR, etaR, MT3970' 
_entity_src_gen.gene_src_species                   ? 
_entity_src_gen.gene_src_strain                    ? 
_entity_src_gen.gene_src_tissue                    ? 
_entity_src_gen.gene_src_tissue_fraction           ? 
_entity_src_gen.gene_src_details                   ? 
_entity_src_gen.pdbx_gene_src_fragment             ? 
_entity_src_gen.pdbx_gene_src_scientific_name      'Mycobacterium tuberculosis CDC1551' 
_entity_src_gen.pdbx_gene_src_ncbi_taxonomy_id     83331 
_entity_src_gen.pdbx_gene_src_variant              'CDC 1551 / Oshkosh' 
_entity_src_gen.pdbx_gene_src_cell_line            ? 
_entity_src_gen.pdbx_gene_src_atcc                 ? 
_entity_src_gen.pdbx_gene_src_organ                ? 
_entity_src_gen.pdbx_gene_src_organelle            ? 
_entity_src_gen.pdbx_gene_src_cell                 ? 
_entity_src_gen.pdbx_gene_src_cellular_location    ? 
_entity_src_gen.host_org_common_name               ? 
_entity_src_gen.pdbx_host_org_scientific_name      'Escherichia coli BL21' 
_entity_src_gen.pdbx_host_org_ncbi_taxonomy_id     511693 
_entity_src_gen.host_org_genus                     ? 
_entity_src_gen.pdbx_host_org_gene                 ? 
_entity_src_gen.pdbx_host_org_organ                ? 
_entity_src_gen.host_org_species                   ? 
_entity_src_gen.pdbx_host_org_tissue               ? 
_entity_src_gen.pdbx_host_org_tissue_fraction      ? 
_entity_src_gen.pdbx_host_org_strain               ? 
_entity_src_gen.pdbx_host_org_variant              ? 
_entity_src_gen.pdbx_host_org_cell_line            ? 
_entity_src_gen.pdbx_host_org_atcc                 ? 
_entity_src_gen.pdbx_host_org_culture_collection   ? 
_entity_src_gen.pdbx_host_org_cell                 ? 
_entity_src_gen.pdbx_host_org_organelle            ? 
_entity_src_gen.pdbx_host_org_cellular_location    ? 
_entity_src_gen.pdbx_host_org_vector_type          ? 
_entity_src_gen.pdbx_host_org_vector               ? 
_entity_src_gen.host_org_details                   ? 
_entity_src_gen.expression_system_id               ? 
_entity_src_gen.plasmid_name                       ? 
_entity_src_gen.plasmid_details                    ? 
_entity_src_gen.pdbx_description                   ? 
# 
loop_
_chem_comp.id 
_chem_comp.type 
_chem_comp.mon_nstd_flag 
_chem_comp.name 
_chem_comp.pdbx_synonyms 
_chem_comp.formula 
_chem_comp.formula_weight 
ALA 'L-peptide linking' y ALANINE                                                                                       ? 
'C3 H7 N O2'          89.093  
ARG 'L-peptide linking' y ARGININE                                                                                      ? 
'C6 H15 N4 O2 1'      175.209 
ASN 'L-peptide linking' y ASPARAGINE                                                                                    ? 
'C4 H8 N2 O3'         132.118 
ASP 'L-peptide linking' y 'ASPARTIC ACID'                                                                               ? 
'C4 H7 N O4'          133.103 
GGK non-polymer         . '4-[3-(methylsulfonylamino)prop-1-ynyl]-~{N}-[3,3,3-tris(fluoranyl)propyl]benzenesulfonamide' ? 
'C13 H15 F3 N2 O4 S2' 384.394 
GLN 'L-peptide linking' y GLUTAMINE                                                                                     ? 
'C5 H10 N2 O3'        146.144 
GLU 'L-peptide linking' y 'GLUTAMIC ACID'                                                                               ? 
'C5 H9 N O4'          147.129 
GLY 'peptide linking'   y GLYCINE                                                                                       ? 
'C2 H5 N O2'          75.067  
HIS 'L-peptide linking' y HISTIDINE                                                                                     ? 
'C6 H10 N3 O2 1'      156.162 
HOH non-polymer         . WATER                                                                                         ? 'H2 O' 
18.015  
ILE 'L-peptide linking' y ISOLEUCINE                                                                                    ? 
'C6 H13 N O2'         131.173 
LEU 'L-peptide linking' y LEUCINE                                                                                       ? 
'C6 H13 N O2'         131.173 
LYS 'L-peptide linking' y LYSINE                                                                                        ? 
'C6 H15 N2 O2 1'      147.195 
MET 'L-peptide linking' y METHIONINE                                                                                    ? 
'C5 H11 N O2 S'       149.211 
PHE 'L-peptide linking' y PHENYLALANINE                                                                                 ? 
'C9 H11 N O2'         165.189 
PRO 'L-peptide linking' y PROLINE                                                                                       ? 
'C5 H9 N O2'          115.130 
SER 'L-peptide linking' y SERINE                                                                                        ? 
'C3 H7 N O3'          105.093 
THR 'L-peptide linking' y THREONINE                                                                                     ? 
'C4 H9 N O3'          119.119 
TRP 'L-peptide linking' y TRYPTOPHAN                                                                                    ? 
'C11 H12 N2 O2'       204.225 
TYR 'L-peptide linking' y TYROSINE                                                                                      ? 
'C9 H11 N O3'         181.189 
VAL 'L-peptide linking' y VALINE                                                                                        ? 
'C5 H11 N O2'         117.146 
# 
loop_
_pdbx_poly_seq_scheme.asym_id 
_pdbx_poly_seq_scheme.entity_id 
_pdbx_poly_seq_scheme.seq_id 
_pdbx_poly_seq_scheme.mon_id 
_pdbx_poly_seq_scheme.ndb_seq_num 
_pdbx_poly_seq_scheme.pdb_seq_num 
_pdbx_poly_seq_scheme.auth_seq_num 
_pdbx_poly_seq_scheme.pdb_mon_id 
_pdbx_poly_seq_scheme.auth_mon_id 
_pdbx_poly_seq_scheme.pdb_strand_id 
_pdbx_poly_seq_scheme.pdb_ins_code 
_pdbx_poly_seq_scheme.hetero 
A 1 1   MET 1   -11 ?   ?   ?   A . n 
A 1 2   THR 2   -10 ?   ?   ?   A . n 
A 1 3   THR 3   -9  ?   ?   ?   A . n 
A 1 4   SER 4   -8  ?   ?   ?   A . n 
A 1 5   ALA 5   -7  ?   ?   ?   A . n 
A 1 6   ALA 6   -6  ?   ?   ?   A . n 
A 1 7   SER 7   -5  ?   ?   ?   A . n 
A 1 8   GLN 8   -4  ?   ?   ?   A . n 
A 1 9   ALA 9   -3  ?   ?   ?   A . n 
A 1 10  SER 10  -2  ?   ?   ?   A . n 
A 1 11  LEU 11  -1  ?   ?   ?   A . n 
A 1 12  PRO 12  0   ?   ?   ?   A . n 
A 1 13  MET 13  1   ?   ?   ?   A . n 
A 1 14  THR 14  2   ?   ?   ?   A . n 
A 1 15  THR 15  3   ?   ?   ?   A . n 
A 1 16  SER 16  4   ?   ?   ?   A . n 
A 1 17  ALA 17  5   ?   ?   ?   A . n 
A 1 18  ALA 18  6   ?   ?   ?   A . n 
A 1 19  SER 19  7   ?   ?   ?   A . n 
A 1 20  GLN 20  8   ?   ?   ?   A . n 
A 1 21  ALA 21  9   ?   ?   ?   A . n 
A 1 22  SER 22  10  ?   ?   ?   A . n 
A 1 23  LEU 23  11  ?   ?   ?   A . n 
A 1 24  PRO 24  12  ?   ?   ?   A . n 
A 1 25  ARG 25  13  ?   ?   ?   A . n 
A 1 26  GLY 26  14  ?   ?   ?   A . n 
A 1 27  ARG 27  15  ?   ?   ?   A . n 
A 1 28  ARG 28  16  ?   ?   ?   A . n 
A 1 29  THR 29  17  ?   ?   ?   A . n 
A 1 30  ALA 30  18  ?   ?   ?   A . n 
A 1 31  ARG 31  19  ?   ?   ?   A . n 
A 1 32  PRO 32  20  ?   ?   ?   A . n 
A 1 33  SER 33  21  ?   ?   ?   A . n 
A 1 34  GLY 34  22  ?   ?   ?   A . n 
A 1 35  ASP 35  23  ?   ?   ?   A . n 
A 1 36  ASP 36  24  24  ASP ASP A . n 
A 1 37  ARG 37  25  25  ARG ARG A . n 
A 1 38  GLU 38  26  26  GLU GLU A . n 
A 1 39  LEU 39  27  27  LEU LEU A . n 
A 1 40  ALA 40  28  28  ALA ALA A . n 
A 1 41  ILE 41  29  29  ILE ILE A . n 
A 1 42  LEU 42  30  30  LEU LEU A . n 
A 1 43  ALA 43  31  31  ALA ALA A . n 
A 1 44  THR 44  32  32  THR THR A . n 
A 1 45  ALA 45  33  33  ALA ALA A . n 
A 1 46  GLU 46  34  34  GLU GLU A . n 
A 1 47  ASN 47  35  35  ASN ASN A . n 
A 1 48  LEU 48  36  36  LEU LEU A . n 
A 1 49  LEU 49  37  37  LEU LEU A . n 
A 1 50  GLU 50  38  38  GLU GLU A . n 
A 1 51  ASP 51  39  39  ASP ASP A . n 
A 1 52  ARG 52  40  40  ARG ARG A . n 
A 1 53  PRO 53  41  41  PRO PRO A . n 
A 1 54  LEU 54  42  42  LEU LEU A . n 
A 1 55  ALA 55  43  43  ALA ALA A . n 
A 1 56  ASP 56  44  44  ASP ASP A . n 
A 1 57  ILE 57  45  45  ILE ILE A . n 
A 1 58  SER 58  46  46  SER SER A . n 
A 1 59  VAL 59  47  47  VAL VAL A . n 
A 1 60  ASP 60  48  48  ASP ASP A . n 
A 1 61  ASP 61  49  49  ASP ASP A . n 
A 1 62  LEU 62  50  50  LEU LEU A . n 
A 1 63  ALA 63  51  51  ALA ALA A . n 
A 1 64  LYS 64  52  52  LYS LYS A . n 
A 1 65  GLY 65  53  53  GLY GLY A . n 
A 1 66  ALA 66  54  54  ALA ALA A . n 
A 1 67  GLY 67  55  55  GLY GLY A . n 
A 1 68  ILE 68  56  56  ILE ILE A . n 
A 1 69  SER 69  57  57  SER SER A . n 
A 1 70  ARG 70  58  58  ARG ARG A . n 
A 1 71  PRO 71  59  59  PRO PRO A . n 
A 1 72  THR 72  60  60  THR THR A . n 
A 1 73  PHE 73  61  61  PHE PHE A . n 
A 1 74  TYR 74  62  62  TYR TYR A . n 
A 1 75  PHE 75  63  63  PHE PHE A . n 
A 1 76  TYR 76  64  64  TYR TYR A . n 
A 1 77  PHE 77  65  65  PHE PHE A . n 
A 1 78  PRO 78  66  66  PRO PRO A . n 
A 1 79  SER 79  67  67  SER SER A . n 
A 1 80  LYS 80  68  68  LYS LYS A . n 
A 1 81  GLU 81  69  69  GLU GLU A . n 
A 1 82  ALA 82  70  70  ALA ALA A . n 
A 1 83  VAL 83  71  71  VAL VAL A . n 
A 1 84  LEU 84  72  72  LEU LEU A . n 
A 1 85  LEU 85  73  73  LEU LEU A . n 
A 1 86  THR 86  74  74  THR THR A . n 
A 1 87  LEU 87  75  75  LEU LEU A . n 
A 1 88  LEU 88  76  76  LEU LEU A . n 
A 1 89  ASP 89  77  77  ASP ASP A . n 
A 1 90  ARG 90  78  78  ARG ARG A . n 
A 1 91  VAL 91  79  79  VAL VAL A . n 
A 1 92  VAL 92  80  80  VAL VAL A . n 
A 1 93  ASN 93  81  81  ASN ASN A . n 
A 1 94  GLN 94  82  82  GLN GLN A . n 
A 1 95  ALA 95  83  83  ALA ALA A . n 
A 1 96  ASP 96  84  84  ASP ASP A . n 
A 1 97  MET 97  85  85  MET MET A . n 
A 1 98  ALA 98  86  86  ALA ALA A . n 
A 1 99  LEU 99  87  87  LEU LEU A . n 
A 1 100 GLN 100 88  88  GLN GLN A . n 
A 1 101 THR 101 89  89  THR THR A . n 
A 1 102 LEU 102 90  90  LEU LEU A . n 
A 1 103 ALA 103 91  91  ALA ALA A . n 
A 1 104 GLU 104 92  92  GLU GLU A . n 
A 1 105 ASN 105 93  93  ASN ASN A . n 
A 1 106 PRO 106 94  ?   ?   ?   A . n 
A 1 107 ALA 107 95  ?   ?   ?   A . n 
A 1 108 ASP 108 96  ?   ?   ?   A . n 
A 1 109 THR 109 97  ?   ?   ?   A . n 
A 1 110 ASP 110 98  98  ASP ASP A . n 
A 1 111 ARG 111 99  99  ARG ARG A . n 
A 1 112 GLU 112 100 100 GLU GLU A . n 
A 1 113 ASN 113 101 101 ASN ASN A . n 
A 1 114 MET 114 102 102 MET MET A . n 
A 1 115 TRP 115 103 103 TRP TRP A . n 
A 1 116 ARG 116 104 104 ARG ARG A . n 
A 1 117 THR 117 105 105 THR THR A . n 
A 1 118 GLY 118 106 106 GLY GLY A . n 
A 1 119 ILE 119 107 107 ILE ILE A . n 
A 1 120 ASN 120 108 108 ASN ASN A . n 
A 1 121 VAL 121 109 109 VAL VAL A . n 
A 1 122 PHE 122 110 110 PHE PHE A . n 
A 1 123 PHE 123 111 111 PHE PHE A . n 
A 1 124 GLU 124 112 112 GLU GLU A . n 
A 1 125 THR 125 113 113 THR THR A . n 
A 1 126 PHE 126 114 114 PHE PHE A . n 
A 1 127 GLY 127 115 115 GLY GLY A . n 
A 1 128 SER 128 116 116 SER SER A . n 
A 1 129 HIS 129 117 117 HIS HIS A . n 
A 1 130 LYS 130 118 118 LYS LYS A . n 
A 1 131 ALA 131 119 119 ALA ALA A . n 
A 1 132 VAL 132 120 120 VAL VAL A . n 
A 1 133 THR 133 121 121 THR THR A . n 
A 1 134 ARG 134 122 122 ARG ARG A . n 
A 1 135 ALA 135 123 123 ALA ALA A . n 
A 1 136 GLY 136 124 124 GLY GLY A . n 
A 1 137 GLN 137 125 125 GLN GLN A . n 
A 1 138 ALA 138 126 126 ALA ALA A . n 
A 1 139 ALA 139 127 127 ALA ALA A . n 
A 1 140 ARG 140 128 128 ARG ARG A . n 
A 1 141 ALA 141 129 129 ALA ALA A . n 
A 1 142 THR 142 130 130 THR THR A . n 
A 1 143 SER 143 131 131 SER SER A . n 
A 1 144 VAL 144 132 132 VAL VAL A . n 
A 1 145 GLU 145 133 133 GLU GLU A . n 
A 1 146 VAL 146 134 134 VAL VAL A . n 
A 1 147 ALA 147 135 135 ALA ALA A . n 
A 1 148 GLU 148 136 136 GLU GLU A . n 
A 1 149 LEU 149 137 137 LEU LEU A . n 
A 1 150 TRP 150 138 138 TRP TRP A . n 
A 1 151 SER 151 139 139 SER SER A . n 
A 1 152 THR 152 140 140 THR THR A . n 
A 1 153 PHE 153 141 141 PHE PHE A . n 
A 1 154 MET 154 142 142 MET MET A . n 
A 1 155 GLN 155 143 143 GLN GLN A . n 
A 1 156 LYS 156 144 144 LYS LYS A . n 
A 1 157 TRP 157 145 145 TRP TRP A . n 
A 1 158 ILE 158 146 146 ILE ILE A . n 
A 1 159 ALA 159 147 147 ALA ALA A . n 
A 1 160 TYR 160 148 148 TYR TYR A . n 
A 1 161 THR 161 149 149 THR THR A . n 
A 1 162 ALA 162 150 150 ALA ALA A . n 
A 1 163 ALA 163 151 151 ALA ALA A . n 
A 1 164 VAL 164 152 152 VAL VAL A . n 
A 1 165 ILE 165 153 153 ILE ILE A . n 
A 1 166 ASP 166 154 154 ASP ASP A . n 
A 1 167 ALA 167 155 155 ALA ALA A . n 
A 1 168 GLU 168 156 156 GLU GLU A . n 
A 1 169 ARG 169 157 157 ARG ARG A . n 
A 1 170 ASP 170 158 158 ASP ASP A . n 
A 1 171 ARG 171 159 159 ARG ARG A . n 
A 1 172 GLY 172 160 160 GLY GLY A . n 
A 1 173 ALA 173 161 161 ALA ALA A . n 
A 1 174 ALA 174 162 162 ALA ALA A . n 
A 1 175 PRO 175 163 163 PRO PRO A . n 
A 1 176 ARG 176 164 164 ARG ARG A . n 
A 1 177 THR 177 165 165 THR THR A . n 
A 1 178 LEU 178 166 166 LEU LEU A . n 
A 1 179 PRO 179 167 167 PRO PRO A . n 
A 1 180 ALA 180 168 168 ALA ALA A . n 
A 1 181 HIS 181 169 169 HIS HIS A . n 
A 1 182 GLU 182 170 170 GLU GLU A . n 
A 1 183 LEU 183 171 171 LEU LEU A . n 
A 1 184 ALA 184 172 172 ALA ALA A . n 
A 1 185 THR 185 173 173 THR THR A . n 
A 1 186 ALA 186 174 174 ALA ALA A . n 
A 1 187 LEU 187 175 175 LEU LEU A . n 
A 1 188 ASN 188 176 176 ASN ASN A . n 
A 1 189 LEU 189 177 177 LEU LEU A . n 
A 1 190 MET 190 178 178 MET MET A . n 
A 1 191 ASN 191 179 179 ASN ASN A . n 
A 1 192 GLU 192 180 180 GLU GLU A . n 
A 1 193 ARG 193 181 181 ARG ARG A . n 
A 1 194 THR 194 182 182 THR THR A . n 
A 1 195 LEU 195 183 183 LEU LEU A . n 
A 1 196 PHE 196 184 184 PHE PHE A . n 
A 1 197 ALA 197 185 185 ALA ALA A . n 
A 1 198 SER 198 186 186 SER SER A . n 
A 1 199 PHE 199 187 187 PHE PHE A . n 
A 1 200 ALA 200 188 188 ALA ALA A . n 
A 1 201 GLY 201 189 189 GLY GLY A . n 
A 1 202 GLU 202 190 190 GLU GLU A . n 
A 1 203 GLN 203 191 191 GLN GLN A . n 
A 1 204 PRO 204 192 192 PRO PRO A . n 
A 1 205 SER 205 193 193 SER SER A . n 
A 1 206 VAL 206 194 194 VAL VAL A . n 
A 1 207 PRO 207 195 195 PRO PRO A . n 
A 1 208 GLU 208 196 196 GLU GLU A . n 
A 1 209 ALA 209 197 197 ALA ALA A . n 
A 1 210 ARG 210 198 198 ARG ARG A . n 
A 1 211 VAL 211 199 199 VAL VAL A . n 
A 1 212 LEU 212 200 200 LEU LEU A . n 
A 1 213 ASP 213 201 201 ASP ASP A . n 
A 1 214 THR 214 202 202 THR THR A . n 
A 1 215 LEU 215 203 203 LEU LEU A . n 
A 1 216 VAL 216 204 204 VAL VAL A . n 
A 1 217 HIS 217 205 205 HIS HIS A . n 
A 1 218 ILE 218 206 206 ILE ILE A . n 
A 1 219 TRP 219 207 207 TRP TRP A . n 
A 1 220 VAL 220 208 208 VAL VAL A . n 
A 1 221 THR 221 209 209 THR THR A . n 
A 1 222 SER 222 210 210 SER SER A . n 
A 1 223 ILE 223 211 211 ILE ILE A . n 
A 1 224 TYR 224 212 212 TYR TYR A . n 
A 1 225 GLY 225 213 213 GLY GLY A . n 
A 1 226 GLU 226 214 214 GLU GLU A . n 
A 1 227 ASN 227 215 ?   ?   ?   A . n 
A 1 228 ARG 228 216 ?   ?   ?   A . n 
# 
loop_
_pdbx_nonpoly_scheme.asym_id 
_pdbx_nonpoly_scheme.entity_id 
_pdbx_nonpoly_scheme.mon_id 
_pdbx_nonpoly_scheme.ndb_seq_num 
_pdbx_nonpoly_scheme.pdb_seq_num 
_pdbx_nonpoly_scheme.auth_seq_num 
_pdbx_nonpoly_scheme.pdb_mon_id 
_pdbx_nonpoly_scheme.auth_mon_id 
_pdbx_nonpoly_scheme.pdb_strand_id 
_pdbx_nonpoly_scheme.pdb_ins_code 
B 2 GGK 1  301 1  GGK DRG A . 
C 3 HOH 1  401 29 HOH HOH A . 
C 3 HOH 2  402 19 HOH HOH A . 
C 3 HOH 3  403 13 HOH HOH A . 
C 3 HOH 4  404 8  HOH HOH A . 
C 3 HOH 5  405 16 HOH HOH A . 
C 3 HOH 6  406 3  HOH HOH A . 
C 3 HOH 7  407 9  HOH HOH A . 
C 3 HOH 8  408 4  HOH HOH A . 
C 3 HOH 9  409 15 HOH HOH A . 
C 3 HOH 10 410 32 HOH HOH A . 
C 3 HOH 11 411 30 HOH HOH A . 
C 3 HOH 12 412 33 HOH HOH A . 
C 3 HOH 13 413 5  HOH HOH A . 
C 3 HOH 14 414 21 HOH HOH A . 
C 3 HOH 15 415 26 HOH HOH A . 
C 3 HOH 16 416 28 HOH HOH A . 
C 3 HOH 17 417 12 HOH HOH A . 
C 3 HOH 18 418 1  HOH HOH A . 
C 3 HOH 19 419 23 HOH HOH A . 
C 3 HOH 20 420 7  HOH HOH A . 
C 3 HOH 21 421 14 HOH HOH A . 
C 3 HOH 22 422 20 HOH HOH A . 
C 3 HOH 23 423 22 HOH HOH A . 
C 3 HOH 24 424 10 HOH HOH A . 
C 3 HOH 25 425 11 HOH HOH A . 
C 3 HOH 26 426 17 HOH HOH A . 
C 3 HOH 27 427 2  HOH HOH A . 
C 3 HOH 28 428 6  HOH HOH A . 
C 3 HOH 29 429 18 HOH HOH A . 
C 3 HOH 30 430 31 HOH HOH A . 
C 3 HOH 31 431 27 HOH HOH A . 
C 3 HOH 32 432 24 HOH HOH A . 
C 3 HOH 33 433 34 HOH HOH A . 
C 3 HOH 34 434 25 HOH HOH A . 
# 
loop_
_software.citation_id 
_software.classification 
_software.compiler_name 
_software.compiler_version 
_software.contact_author 
_software.contact_author_email 
_software.date 
_software.description 
_software.dependencies 
_software.hardware 
_software.language 
_software.location 
_software.mods 
_software.name 
_software.os 
_software.os_version 
_software.type 
_software.version 
_software.pdbx_ordinal 
? refinement       ? ? ? ? ? ? ? ? ? ? ? REFMAC  ? ? ? 5.8.0232 1 
? 'data reduction' ? ? ? ? ? ? ? ? ? ? ? iMOSFLM ? ? ? .        2 
? phasing          ? ? ? ? ? ? ? ? ? ? ? MOLREP  ? ? ? .        3 
# 
_cell.angle_alpha                  90.00 
_cell.angle_alpha_esd              ? 
_cell.angle_beta                   90.00 
_cell.angle_beta_esd               ? 
_cell.angle_gamma                  90.00 
_cell.angle_gamma_esd              ? 
_cell.entry_id                     6HO6 
_cell.details                      ? 
_cell.formula_units_Z              ? 
_cell.length_a                     121.387 
_cell.length_a_esd                 ? 
_cell.length_b                     121.387 
_cell.length_b_esd                 ? 
_cell.length_c                     33.668 
_cell.length_c_esd                 ? 
_cell.volume                       ? 
_cell.volume_esd                   ? 
_cell.Z_PDB                        8 
_cell.reciprocal_angle_alpha       ? 
_cell.reciprocal_angle_beta        ? 
_cell.reciprocal_angle_gamma       ? 
_cell.reciprocal_angle_alpha_esd   ? 
_cell.reciprocal_angle_beta_esd    ? 
_cell.reciprocal_angle_gamma_esd   ? 
_cell.reciprocal_length_a          ? 
_cell.reciprocal_length_b          ? 
_cell.reciprocal_length_c          ? 
_cell.reciprocal_length_a_esd      ? 
_cell.reciprocal_length_b_esd      ? 
_cell.reciprocal_length_c_esd      ? 
_cell.pdbx_unique_axis             ? 
# 
_symmetry.entry_id                         6HO6 
_symmetry.cell_setting                     ? 
_symmetry.Int_Tables_number                92 
_symmetry.space_group_name_Hall            ? 
_symmetry.space_group_name_H-M             'P 41 21 2' 
_symmetry.pdbx_full_space_group_name_H-M   ? 
# 
_exptl.absorpt_coefficient_mu     ? 
_exptl.absorpt_correction_T_max   ? 
_exptl.absorpt_correction_T_min   ? 
_exptl.absorpt_correction_type    ? 
_exptl.absorpt_process_details    ? 
_exptl.entry_id                   6HO6 
_exptl.crystals_number            1 
_exptl.details                    ? 
_exptl.method                     'X-RAY DIFFRACTION' 
_exptl.method_details             ? 
# 
_exptl_crystal.colour                      ? 
_exptl_crystal.density_diffrn              ? 
_exptl_crystal.density_Matthews            2.39 
_exptl_crystal.density_method              ? 
_exptl_crystal.density_percent_sol         48.62 
_exptl_crystal.description                 ? 
_exptl_crystal.F_000                       ? 
_exptl_crystal.id                          1 
_exptl_crystal.preparation                 ? 
_exptl_crystal.size_max                    ? 
_exptl_crystal.size_mid                    ? 
_exptl_crystal.size_min                    ? 
_exptl_crystal.size_rad                    ? 
_exptl_crystal.colour_lustre               ? 
_exptl_crystal.colour_modifier             ? 
_exptl_crystal.colour_primary              ? 
_exptl_crystal.density_meas                ? 
_exptl_crystal.density_meas_esd            ? 
_exptl_crystal.density_meas_gt             ? 
_exptl_crystal.density_meas_lt             ? 
_exptl_crystal.density_meas_temp           ? 
_exptl_crystal.density_meas_temp_esd       ? 
_exptl_crystal.density_meas_temp_gt        ? 
_exptl_crystal.density_meas_temp_lt        ? 
_exptl_crystal.pdbx_crystal_image_url      ? 
_exptl_crystal.pdbx_crystal_image_format   ? 
_exptl_crystal.pdbx_mosaicity              ? 
_exptl_crystal.pdbx_mosaicity_esd          ? 
# 
_exptl_crystal_grow.apparatus       ? 
_exptl_crystal_grow.atmosphere      ? 
_exptl_crystal_grow.crystal_id      1 
_exptl_crystal_grow.details         ? 
_exptl_crystal_grow.method          'VAPOR DIFFUSION' 
_exptl_crystal_grow.method_ref      ? 
_exptl_crystal_grow.pH              6.7 
_exptl_crystal_grow.pressure        ? 
_exptl_crystal_grow.pressure_esd    ? 
_exptl_crystal_grow.seeding         ? 
_exptl_crystal_grow.seeding_ref     ? 
_exptl_crystal_grow.temp            293 
_exptl_crystal_grow.temp_details    ? 
_exptl_crystal_grow.temp_esd        ? 
_exptl_crystal_grow.time            ? 
_exptl_crystal_grow.pdbx_details    '1.4-1.6 ammonium sulfate, 15% glycerol, 100 mM MES' 
_exptl_crystal_grow.pdbx_pH_range   ? 
# 
_diffrn.ambient_environment              ? 
_diffrn.ambient_temp                     100 
_diffrn.ambient_temp_details             ? 
_diffrn.ambient_temp_esd                 ? 
_diffrn.crystal_id                       1 
_diffrn.crystal_support                  ? 
_diffrn.crystal_treatment                ? 
_diffrn.details                          ? 
_diffrn.id                               1 
_diffrn.ambient_pressure                 ? 
_diffrn.ambient_pressure_esd             ? 
_diffrn.ambient_pressure_gt              ? 
_diffrn.ambient_pressure_lt              ? 
_diffrn.ambient_temp_gt                  ? 
_diffrn.ambient_temp_lt                  ? 
_diffrn.pdbx_serial_crystal_experiment   ? 
# 
_diffrn_detector.details                      ? 
_diffrn_detector.detector                     PIXEL 
_diffrn_detector.diffrn_id                    1 
_diffrn_detector.type                         'DECTRIS PILATUS 6M' 
_diffrn_detector.area_resol_mean              ? 
_diffrn_detector.dtime                        ? 
_diffrn_detector.pdbx_frames_total            ? 
_diffrn_detector.pdbx_collection_time_total   ? 
_diffrn_detector.pdbx_collection_date         2010-12-06 
_diffrn_detector.pdbx_frequency               ? 
# 
_diffrn_radiation.collimation                      ? 
_diffrn_radiation.diffrn_id                        1 
_diffrn_radiation.filter_edge                      ? 
_diffrn_radiation.inhomogeneity                    ? 
_diffrn_radiation.monochromator                    ? 
_diffrn_radiation.polarisn_norm                    ? 
_diffrn_radiation.polarisn_ratio                   ? 
_diffrn_radiation.probe                            ? 
_diffrn_radiation.type                             ? 
_diffrn_radiation.xray_symbol                      ? 
_diffrn_radiation.wavelength_id                    1 
_diffrn_radiation.pdbx_monochromatic_or_laue_m_l   M 
_diffrn_radiation.pdbx_wavelength_list             ? 
_diffrn_radiation.pdbx_wavelength                  ? 
_diffrn_radiation.pdbx_diffrn_protocol             'SINGLE WAVELENGTH' 
_diffrn_radiation.pdbx_analyzer                    ? 
_diffrn_radiation.pdbx_scattering_type             x-ray 
# 
_diffrn_radiation_wavelength.id           1 
_diffrn_radiation_wavelength.wavelength   1.00 
_diffrn_radiation_wavelength.wt           1.0 
# 
_diffrn_source.current                     ? 
_diffrn_source.details                     ? 
_diffrn_source.diffrn_id                   1 
_diffrn_source.power                       ? 
_diffrn_source.size                        ? 
_diffrn_source.source                      SYNCHROTRON 
_diffrn_source.target                      ? 
_diffrn_source.type                        'SLS BEAMLINE X06SA' 
_diffrn_source.voltage                     ? 
_diffrn_source.take-off_angle              ? 
_diffrn_source.pdbx_wavelength_list        1.00 
_diffrn_source.pdbx_wavelength             ? 
_diffrn_source.pdbx_synchrotron_beamline   X06SA 
_diffrn_source.pdbx_synchrotron_site       SLS 
# 
_reflns.B_iso_Wilson_estimate            ? 
_reflns.entry_id                         6HO6 
_reflns.data_reduction_details           ? 
_reflns.data_reduction_method            ? 
_reflns.d_resolution_high                1.90 
_reflns.d_resolution_low                 42.92 
_reflns.details                          ? 
_reflns.limit_h_max                      ? 
_reflns.limit_h_min                      ? 
_reflns.limit_k_max                      ? 
_reflns.limit_k_min                      ? 
_reflns.limit_l_max                      ? 
_reflns.limit_l_min                      ? 
_reflns.number_all                       ? 
_reflns.number_obs                       20502 
_reflns.observed_criterion               ? 
_reflns.observed_criterion_F_max         ? 
_reflns.observed_criterion_F_min         ? 
_reflns.observed_criterion_I_max         ? 
_reflns.observed_criterion_I_min         ? 
_reflns.observed_criterion_sigma_F       ? 
_reflns.observed_criterion_sigma_I       ? 
_reflns.percent_possible_obs             99.6 
_reflns.R_free_details                   ? 
_reflns.Rmerge_F_all                     ? 
_reflns.Rmerge_F_obs                     ? 
_reflns.Friedel_coverage                 ? 
_reflns.number_gt                        ? 
_reflns.threshold_expression             ? 
_reflns.pdbx_redundancy                  12.7 
_reflns.pdbx_Rmerge_I_obs                0.047 
_reflns.pdbx_Rmerge_I_all                ? 
_reflns.pdbx_Rsym_value                  ? 
_reflns.pdbx_netI_over_av_sigmaI         ? 
_reflns.pdbx_netI_over_sigmaI            33.3 
_reflns.pdbx_res_netI_over_av_sigmaI_2   ? 
_reflns.pdbx_res_netI_over_sigmaI_2      ? 
_reflns.pdbx_chi_squared                 ? 
_reflns.pdbx_scaling_rejects             ? 
_reflns.pdbx_d_res_high_opt              ? 
_reflns.pdbx_d_res_low_opt               ? 
_reflns.pdbx_d_res_opt_method            ? 
_reflns.phase_calculation_details        ? 
_reflns.pdbx_Rrim_I_all                  ? 
_reflns.pdbx_Rpim_I_all                  ? 
_reflns.pdbx_d_opt                       ? 
_reflns.pdbx_number_measured_all         ? 
_reflns.pdbx_diffrn_id                   1 
_reflns.pdbx_ordinal                     1 
_reflns.pdbx_CC_half                     ? 
_reflns.pdbx_R_split                     ? 
# 
_reflns_shell.d_res_high                  1.90 
_reflns_shell.d_res_low                   2.00 
_reflns_shell.meanI_over_sigI_all         ? 
_reflns_shell.meanI_over_sigI_obs         6.9 
_reflns_shell.number_measured_all         ? 
_reflns_shell.number_measured_obs         ? 
_reflns_shell.number_possible             ? 
_reflns_shell.number_unique_all           ? 
_reflns_shell.number_unique_obs           2856 
_reflns_shell.percent_possible_all        97.6 
_reflns_shell.percent_possible_obs        ? 
_reflns_shell.Rmerge_F_all                ? 
_reflns_shell.Rmerge_F_obs                ? 
_reflns_shell.Rmerge_I_all                ? 
_reflns_shell.Rmerge_I_obs                0.374 
_reflns_shell.meanI_over_sigI_gt          ? 
_reflns_shell.meanI_over_uI_all           ? 
_reflns_shell.meanI_over_uI_gt            ? 
_reflns_shell.number_measured_gt          ? 
_reflns_shell.number_unique_gt            ? 
_reflns_shell.percent_possible_gt         ? 
_reflns_shell.Rmerge_F_gt                 ? 
_reflns_shell.Rmerge_I_gt                 ? 
_reflns_shell.pdbx_redundancy             13.0 
_reflns_shell.pdbx_Rsym_value             ? 
_reflns_shell.pdbx_chi_squared            ? 
_reflns_shell.pdbx_netI_over_sigmaI_all   ? 
_reflns_shell.pdbx_netI_over_sigmaI_obs   ? 
_reflns_shell.pdbx_Rrim_I_all             ? 
_reflns_shell.pdbx_Rpim_I_all             ? 
_reflns_shell.pdbx_rejects                ? 
_reflns_shell.pdbx_ordinal                1 
_reflns_shell.pdbx_diffrn_id              1 
_reflns_shell.pdbx_CC_half                ? 
_reflns_shell.pdbx_R_split                ? 
# 
_refine.aniso_B[1][1]                            -0.00 
_refine.aniso_B[1][2]                            0.00 
_refine.aniso_B[1][3]                            0.00 
_refine.aniso_B[2][2]                            -0.00 
_refine.aniso_B[2][3]                            0.00 
_refine.aniso_B[3][3]                            0.00 
_refine.B_iso_max                                ? 
_refine.B_iso_mean                               30.871 
_refine.B_iso_min                                ? 
_refine.correlation_coeff_Fo_to_Fc               0.955 
_refine.correlation_coeff_Fo_to_Fc_free          0.936 
_refine.details                                  'HYDROGENS HAVE BEEN ADDED IN THE RIDING POSITIONS' 
_refine.diff_density_max                         ? 
_refine.diff_density_max_esd                     ? 
_refine.diff_density_min                         ? 
_refine.diff_density_min_esd                     ? 
_refine.diff_density_rms                         ? 
_refine.diff_density_rms_esd                     ? 
_refine.entry_id                                 6HO6 
_refine.pdbx_refine_id                           'X-RAY DIFFRACTION' 
_refine.ls_abs_structure_details                 ? 
_refine.ls_abs_structure_Flack                   ? 
_refine.ls_abs_structure_Flack_esd               ? 
_refine.ls_abs_structure_Rogers                  ? 
_refine.ls_abs_structure_Rogers_esd              ? 
_refine.ls_d_res_high                            1.90 
_refine.ls_d_res_low                             42.92 
_refine.ls_extinction_coef                       ? 
_refine.ls_extinction_coef_esd                   ? 
_refine.ls_extinction_expression                 ? 
_refine.ls_extinction_method                     ? 
_refine.ls_goodness_of_fit_all                   ? 
_refine.ls_goodness_of_fit_all_esd               ? 
_refine.ls_goodness_of_fit_obs                   ? 
_refine.ls_goodness_of_fit_obs_esd               ? 
_refine.ls_hydrogen_treatment                    ? 
_refine.ls_matrix_type                           ? 
_refine.ls_number_constraints                    ? 
_refine.ls_number_parameters                     ? 
_refine.ls_number_reflns_all                     ? 
_refine.ls_number_reflns_obs                     19436 
_refine.ls_number_reflns_R_free                  1021 
_refine.ls_number_reflns_R_work                  ? 
_refine.ls_number_restraints                     ? 
_refine.ls_percent_reflns_obs                    99.63 
_refine.ls_percent_reflns_R_free                 5.0 
_refine.ls_R_factor_all                          ? 
_refine.ls_R_factor_obs                          0.18811 
_refine.ls_R_factor_R_free                       0.22185 
_refine.ls_R_factor_R_free_error                 ? 
_refine.ls_R_factor_R_free_error_details         ? 
_refine.ls_R_factor_R_work                       0.18632 
_refine.ls_R_Fsqd_factor_obs                     ? 
_refine.ls_R_I_factor_obs                        ? 
_refine.ls_redundancy_reflns_all                 ? 
_refine.ls_redundancy_reflns_obs                 ? 
_refine.ls_restrained_S_all                      ? 
_refine.ls_restrained_S_obs                      ? 
_refine.ls_shift_over_esd_max                    ? 
_refine.ls_shift_over_esd_mean                   ? 
_refine.ls_structure_factor_coef                 ? 
_refine.ls_weighting_details                     ? 
_refine.ls_weighting_scheme                      ? 
_refine.ls_wR_factor_all                         ? 
_refine.ls_wR_factor_obs                         ? 
_refine.ls_wR_factor_R_free                      ? 
_refine.ls_wR_factor_R_work                      ? 
_refine.occupancy_max                            ? 
_refine.occupancy_min                            ? 
_refine.solvent_model_details                    ? 
_refine.solvent_model_param_bsol                 ? 
_refine.solvent_model_param_ksol                 ? 
_refine.ls_R_factor_gt                           ? 
_refine.ls_goodness_of_fit_gt                    ? 
_refine.ls_goodness_of_fit_ref                   ? 
_refine.ls_shift_over_su_max                     ? 
_refine.ls_shift_over_su_max_lt                  ? 
_refine.ls_shift_over_su_mean                    ? 
_refine.ls_shift_over_su_mean_lt                 ? 
_refine.pdbx_ls_sigma_I                          ? 
_refine.pdbx_ls_sigma_F                          ? 
_refine.pdbx_ls_sigma_Fsqd                       ? 
_refine.pdbx_data_cutoff_high_absF               ? 
_refine.pdbx_data_cutoff_high_rms_absF           ? 
_refine.pdbx_data_cutoff_low_absF                ? 
_refine.pdbx_isotropic_thermal_model             ? 
_refine.pdbx_ls_cross_valid_method               THROUGHOUT 
_refine.pdbx_method_to_determine_struct          ? 
_refine.pdbx_starting_model                      ? 
_refine.pdbx_stereochemistry_target_values       ? 
_refine.pdbx_R_Free_selection_details            RANDOM 
_refine.pdbx_stereochem_target_val_spec_case     ? 
_refine.pdbx_overall_ESU_R                       0.122 
_refine.pdbx_overall_ESU_R_Free                  0.120 
_refine.pdbx_solvent_vdw_probe_radii             1.20 
_refine.pdbx_solvent_ion_probe_radii             0.80 
_refine.pdbx_solvent_shrinkage_radii             0.80 
_refine.pdbx_real_space_R                        ? 
_refine.pdbx_density_correlation                 ? 
_refine.pdbx_pd_number_of_powder_patterns        ? 
_refine.pdbx_pd_number_of_points                 ? 
_refine.pdbx_pd_meas_number_of_points            ? 
_refine.pdbx_pd_proc_ls_prof_R_factor            ? 
_refine.pdbx_pd_proc_ls_prof_wR_factor           ? 
_refine.pdbx_pd_Marquardt_correlation_coeff      ? 
_refine.pdbx_pd_Fsqrd_R_factor                   ? 
_refine.pdbx_pd_ls_matrix_band_width             ? 
_refine.pdbx_overall_phase_error                 ? 
_refine.pdbx_overall_SU_R_free_Cruickshank_DPI   ? 
_refine.pdbx_overall_SU_R_free_Blow_DPI          ? 
_refine.pdbx_overall_SU_R_Blow_DPI               ? 
_refine.pdbx_TLS_residual_ADP_flag               ? 
_refine.pdbx_diffrn_id                           1 
_refine.overall_SU_B                             2.601 
_refine.overall_SU_ML                            0.078 
_refine.overall_SU_R_Cruickshank_DPI             ? 
_refine.overall_SU_R_free                        ? 
_refine.overall_FOM_free_R_set                   ? 
_refine.overall_FOM_work_R_set                   ? 
_refine.pdbx_average_fsc_overall                 ? 
_refine.pdbx_average_fsc_work                    ? 
_refine.pdbx_average_fsc_free                    ? 
# 
_refine_hist.pdbx_refine_id                   'X-RAY DIFFRACTION' 
_refine_hist.cycle_id                         1 
_refine_hist.pdbx_number_atoms_protein        1463 
_refine_hist.pdbx_number_atoms_nucleic_acid   0 
_refine_hist.pdbx_number_atoms_ligand         24 
_refine_hist.number_atoms_solvent             34 
_refine_hist.number_atoms_total               1521 
_refine_hist.d_res_high                       1.90 
_refine_hist.d_res_low                        42.92 
# 
loop_
_refine_ls_restr.pdbx_refine_id 
_refine_ls_restr.criterion 
_refine_ls_restr.dev_ideal 
_refine_ls_restr.dev_ideal_target 
_refine_ls_restr.number 
_refine_ls_restr.rejects 
_refine_ls_restr.type 
_refine_ls_restr.weight 
_refine_ls_restr.pdbx_restraint_function 
'X-RAY DIFFRACTION' ? 0.011  0.013  1516 ? r_bond_refined_d             ? ? 
'X-RAY DIFFRACTION' ? 0.001  0.017  1403 ? r_bond_other_d               ? ? 
'X-RAY DIFFRACTION' ? 1.774  1.663  2066 ? r_angle_refined_deg          ? ? 
'X-RAY DIFFRACTION' ? 1.519  1.584  3225 ? r_angle_other_deg            ? ? 
'X-RAY DIFFRACTION' ? 5.231  5.000  185  ? r_dihedral_angle_1_deg       ? ? 
'X-RAY DIFFRACTION' ? 34.902 21.429 84   ? r_dihedral_angle_2_deg       ? ? 
'X-RAY DIFFRACTION' ? 12.771 15.000 238  ? r_dihedral_angle_3_deg       ? ? 
'X-RAY DIFFRACTION' ? 15.432 15.000 13   ? r_dihedral_angle_4_deg       ? ? 
'X-RAY DIFFRACTION' ? 0.086  0.200  202  ? r_chiral_restr               ? ? 
'X-RAY DIFFRACTION' ? 0.010  0.020  1693 ? r_gen_planes_refined         ? ? 
'X-RAY DIFFRACTION' ? 0.001  0.020  338  ? r_gen_planes_other           ? ? 
'X-RAY DIFFRACTION' ? ?      ?      ?    ? r_nbd_refined                ? ? 
'X-RAY DIFFRACTION' ? ?      ?      ?    ? r_nbd_other                  ? ? 
'X-RAY DIFFRACTION' ? ?      ?      ?    ? r_nbtor_refined              ? ? 
'X-RAY DIFFRACTION' ? ?      ?      ?    ? r_nbtor_other                ? ? 
'X-RAY DIFFRACTION' ? ?      ?      ?    ? r_xyhbond_nbd_refined        ? ? 
'X-RAY DIFFRACTION' ? ?      ?      ?    ? r_xyhbond_nbd_other          ? ? 
'X-RAY DIFFRACTION' ? ?      ?      ?    ? r_metal_ion_refined          ? ? 
'X-RAY DIFFRACTION' ? ?      ?      ?    ? r_metal_ion_other            ? ? 
'X-RAY DIFFRACTION' ? ?      ?      ?    ? r_symmetry_vdw_refined       ? ? 
'X-RAY DIFFRACTION' ? ?      ?      ?    ? r_symmetry_vdw_other         ? ? 
'X-RAY DIFFRACTION' ? ?      ?      ?    ? r_symmetry_hbond_refined     ? ? 
'X-RAY DIFFRACTION' ? ?      ?      ?    ? r_symmetry_hbond_other       ? ? 
'X-RAY DIFFRACTION' ? ?      ?      ?    ? r_symmetry_metal_ion_refined ? ? 
'X-RAY DIFFRACTION' ? ?      ?      ?    ? r_symmetry_metal_ion_other   ? ? 
'X-RAY DIFFRACTION' ? 2.959  3.053  746  ? r_mcbond_it                  ? ? 
'X-RAY DIFFRACTION' ? 2.961  3.051  745  ? r_mcbond_other               ? ? 
'X-RAY DIFFRACTION' ? 3.995  4.556  929  ? r_mcangle_it                 ? ? 
'X-RAY DIFFRACTION' ? 3.992  4.558  930  ? r_mcangle_other              ? ? 
'X-RAY DIFFRACTION' ? 4.217  3.493  770  ? r_scbond_it                  ? ? 
'X-RAY DIFFRACTION' ? 4.214  3.494  768  ? r_scbond_other               ? ? 
'X-RAY DIFFRACTION' ? ?      ?      ?    ? r_scangle_it                 ? ? 
'X-RAY DIFFRACTION' ? 6.185  5.063  1138 ? r_scangle_other              ? ? 
'X-RAY DIFFRACTION' ? 6.860  35.970 1718 ? r_long_range_B_refined       ? ? 
'X-RAY DIFFRACTION' ? 6.855  35.951 1717 ? r_long_range_B_other         ? ? 
'X-RAY DIFFRACTION' ? ?      ?      ?    ? r_rigid_bond_restr           ? ? 
'X-RAY DIFFRACTION' ? ?      ?      ?    ? r_sphericity_free            ? ? 
'X-RAY DIFFRACTION' ? ?      ?      ?    ? r_sphericity_bonded          ? ? 
# 
_refine_ls_shell.pdbx_refine_id                   'X-RAY DIFFRACTION' 
_refine_ls_shell.d_res_high                       1.899 
_refine_ls_shell.d_res_low                        1.948 
_refine_ls_shell.number_reflns_all                ? 
_refine_ls_shell.number_reflns_obs                ? 
_refine_ls_shell.number_reflns_R_free             70 
_refine_ls_shell.number_reflns_R_work             1342 
_refine_ls_shell.percent_reflns_obs               95.28 
_refine_ls_shell.percent_reflns_R_free            ? 
_refine_ls_shell.R_factor_all                     ? 
_refine_ls_shell.R_factor_obs                     ? 
_refine_ls_shell.R_factor_R_free                  0.274 
_refine_ls_shell.R_factor_R_free_error            ? 
_refine_ls_shell.R_factor_R_work                  0.216 
_refine_ls_shell.redundancy_reflns_all            ? 
_refine_ls_shell.redundancy_reflns_obs            ? 
_refine_ls_shell.wR_factor_all                    ? 
_refine_ls_shell.wR_factor_obs                    ? 
_refine_ls_shell.wR_factor_R_free                 ? 
_refine_ls_shell.wR_factor_R_work                 ? 
_refine_ls_shell.pdbx_total_number_of_bins_used   20 
_refine_ls_shell.pdbx_phase_error                 ? 
_refine_ls_shell.pdbx_fsc_work                    ? 
_refine_ls_shell.pdbx_fsc_free                    ? 
# 
_struct.entry_id                     6HO6 
_struct.title                        'TRANSCRIPTIONAL REPRESSOR ETHR FROM MYCOBACTERIUM TUBERCULOSIS IN COMPLEX WITH BDM44725' 
_struct.pdbx_model_details           ? 
_struct.pdbx_formula_weight          ? 
_struct.pdbx_formula_weight_method   ? 
_struct.pdbx_model_type_details      ? 
_struct.pdbx_CASP_flag               N 
# 
_struct_keywords.entry_id        6HO6 
_struct_keywords.text            
'HELIX-TURN-HELIX, DNA BINDING PROTEIN, TETR-FAMILY, COMPLEX, INHIBITOR, DRUG DESIGN, TUBERCULOSIS, ETHIONAMIDE' 
_struct_keywords.pdbx_keywords   'DNA BINDING PROTEIN' 
# 
loop_
_struct_asym.id 
_struct_asym.pdbx_blank_PDB_chainid_flag 
_struct_asym.pdbx_modified 
_struct_asym.entity_id 
_struct_asym.details 
A N N 1 ? 
B N N 2 ? 
C N N 3 ? 
# 
_struct_ref.id                         1 
_struct_ref.db_name                    UNP 
_struct_ref.db_code                    ETHR_MYCTO 
_struct_ref.pdbx_db_accession          P9WMC0 
_struct_ref.pdbx_db_isoform            ? 
_struct_ref.entity_id                  1 
_struct_ref.pdbx_seq_one_letter_code   
;MTTSAASQASLPRGRRTARPSGDDRELAILATAENLLEDRPLADISVDDLAKGAGISRPTFYFYFPSKEAVLLTLLDRVV
NQADMALQTLAENPADTDRENMWRTGINVFFETFGSHKAVTRAGQAARATSVEVAELWSTFMQKWIAYTAAVIDAERDRG
AAPRTLPAHELATALNLMNERTLFASFAGEQPSVPEARVLDTLVHIWVTSIYGENR
;
_struct_ref.pdbx_align_begin           1 
# 
_struct_ref_seq.align_id                      1 
_struct_ref_seq.ref_id                        1 
_struct_ref_seq.pdbx_PDB_id_code              6HO6 
_struct_ref_seq.pdbx_strand_id                A 
_struct_ref_seq.seq_align_beg                 13 
_struct_ref_seq.pdbx_seq_align_beg_ins_code   ? 
_struct_ref_seq.seq_align_end                 228 
_struct_ref_seq.pdbx_seq_align_end_ins_code   ? 
_struct_ref_seq.pdbx_db_accession             P9WMC0 
_struct_ref_seq.db_align_beg                  1 
_struct_ref_seq.pdbx_db_align_beg_ins_code    ? 
_struct_ref_seq.db_align_end                  216 
_struct_ref_seq.pdbx_db_align_end_ins_code    ? 
_struct_ref_seq.pdbx_auth_seq_align_beg       1 
_struct_ref_seq.pdbx_auth_seq_align_end       216 
# 
loop_
_struct_ref_seq_dif.align_id 
_struct_ref_seq_dif.pdbx_pdb_id_code 
_struct_ref_seq_dif.mon_id 
_struct_ref_seq_dif.pdbx_pdb_strand_id 
_struct_ref_seq_dif.seq_num 
_struct_ref_seq_dif.pdbx_pdb_ins_code 
_struct_ref_seq_dif.pdbx_seq_db_name 
_struct_ref_seq_dif.pdbx_seq_db_accession_code 
_struct_ref_seq_dif.db_mon_id 
_struct_ref_seq_dif.pdbx_seq_db_seq_num 
_struct_ref_seq_dif.details 
_struct_ref_seq_dif.pdbx_auth_seq_num 
_struct_ref_seq_dif.pdbx_ordinal 
1 6HO6 MET A 1  ? UNP P9WMC0 ? ? 'initiating methionine' -11 1  
1 6HO6 THR A 2  ? UNP P9WMC0 ? ? 'expression tag'        -10 2  
1 6HO6 THR A 3  ? UNP P9WMC0 ? ? 'expression tag'        -9  3  
1 6HO6 SER A 4  ? UNP P9WMC0 ? ? 'expression tag'        -8  4  
1 6HO6 ALA A 5  ? UNP P9WMC0 ? ? 'expression tag'        -7  5  
1 6HO6 ALA A 6  ? UNP P9WMC0 ? ? 'expression tag'        -6  6  
1 6HO6 SER A 7  ? UNP P9WMC0 ? ? 'expression tag'        -5  7  
1 6HO6 GLN A 8  ? UNP P9WMC0 ? ? 'expression tag'        -4  8  
1 6HO6 ALA A 9  ? UNP P9WMC0 ? ? 'expression tag'        -3  9  
1 6HO6 SER A 10 ? UNP P9WMC0 ? ? 'expression tag'        -2  10 
1 6HO6 LEU A 11 ? UNP P9WMC0 ? ? 'expression tag'        -1  11 
1 6HO6 PRO A 12 ? UNP P9WMC0 ? ? 'expression tag'        0   12 
# 
_pdbx_struct_assembly.id                   1 
_pdbx_struct_assembly.details              author_and_software_defined_assembly 
_pdbx_struct_assembly.method_details       PISA 
_pdbx_struct_assembly.oligomeric_details   dimeric 
_pdbx_struct_assembly.oligomeric_count     2 
# 
loop_
_pdbx_struct_assembly_prop.biol_id 
_pdbx_struct_assembly_prop.type 
_pdbx_struct_assembly_prop.value 
_pdbx_struct_assembly_prop.details 
1 'ABSA (A^2)' 2730  ? 
1 MORE         -22   ? 
1 'SSA (A^2)'  16730 ? 
# 
_pdbx_struct_assembly_gen.assembly_id       1 
_pdbx_struct_assembly_gen.oper_expression   1,2 
_pdbx_struct_assembly_gen.asym_id_list      A,B,C 
# 
_pdbx_struct_assembly_auth_evidence.id                     1 
_pdbx_struct_assembly_auth_evidence.assembly_id            1 
_pdbx_struct_assembly_auth_evidence.experimental_support   none 
_pdbx_struct_assembly_auth_evidence.details                ? 
# 
loop_
_pdbx_struct_oper_list.id 
_pdbx_struct_oper_list.type 
_pdbx_struct_oper_list.name 
_pdbx_struct_oper_list.symmetry_operation 
_pdbx_struct_oper_list.matrix[1][1] 
_pdbx_struct_oper_list.matrix[1][2] 
_pdbx_struct_oper_list.matrix[1][3] 
_pdbx_struct_oper_list.vector[1] 
_pdbx_struct_oper_list.matrix[2][1] 
_pdbx_struct_oper_list.matrix[2][2] 
_pdbx_struct_oper_list.matrix[2][3] 
_pdbx_struct_oper_list.vector[2] 
_pdbx_struct_oper_list.matrix[3][1] 
_pdbx_struct_oper_list.matrix[3][2] 
_pdbx_struct_oper_list.matrix[3][3] 
_pdbx_struct_oper_list.vector[3] 
1 'identity operation'         1_555 x,y,z  1.0000000000  0.0000000000 0.0000000000 0.0000000000   0.0000000000 1.0000000000  0.0000000000 0.0000000000  0.0000000000 0.0000000000 1.0000000000  0.0000000000  
2 'crystal symmetry operation' 7_555 y,x,-z -0.0294465459 0.4396221911 0.8976999666 -13.0685046246 0.4396221911 -0.8008685971 0.4066224530 -9.0798204791 0.8976999666 0.4066224530 -0.1696848570 18.5756639157 
# 
loop_
_struct_conf.conf_type_id 
_struct_conf.id 
_struct_conf.pdbx_PDB_helix_id 
_struct_conf.beg_label_comp_id 
_struct_conf.beg_label_asym_id 
_struct_conf.beg_label_seq_id 
_struct_conf.pdbx_beg_PDB_ins_code 
_struct_conf.end_label_comp_id 
_struct_conf.end_label_asym_id 
_struct_conf.end_label_seq_id 
_struct_conf.pdbx_end_PDB_ins_code 
_struct_conf.beg_auth_comp_id 
_struct_conf.beg_auth_asym_id 
_struct_conf.beg_auth_seq_id 
_struct_conf.end_auth_comp_id 
_struct_conf.end_auth_asym_id 
_struct_conf.end_auth_seq_id 
_struct_conf.pdbx_PDB_helix_class 
_struct_conf.details 
_struct_conf.pdbx_PDB_helix_length 
HELX_P HELX_P1  AA1 ASP A 36  ? GLU A 50  ? ASP A 24  GLU A 38  1 ? 15 
HELX_P HELX_P2  AA2 PRO A 53  ? ILE A 57  ? PRO A 41  ILE A 45  5 ? 5  
HELX_P HELX_P3  AA3 SER A 58  ? GLY A 67  ? SER A 46  GLY A 55  1 ? 10 
HELX_P HELX_P4  AA4 SER A 69  ? PHE A 77  ? SER A 57  PHE A 65  1 ? 9  
HELX_P HELX_P5  AA5 SER A 79  ? GLU A 104 ? SER A 67  GLU A 92  1 ? 26 
HELX_P HELX_P6  AA6 ARG A 111 ? SER A 128 ? ARG A 99  SER A 116 1 ? 18 
HELX_P HELX_P7  AA7 HIS A 129 ? ARG A 140 ? HIS A 117 ARG A 128 1 ? 12 
HELX_P HELX_P8  AA8 SER A 143 ? ARG A 171 ? SER A 131 ARG A 159 1 ? 29 
HELX_P HELX_P9  AA9 PRO A 179 ? ALA A 200 ? PRO A 167 ALA A 188 1 ? 22 
HELX_P HELX_P10 AB1 PRO A 207 ? GLY A 225 ? PRO A 195 GLY A 213 1 ? 19 
# 
_struct_conf_type.id          HELX_P 
_struct_conf_type.criteria    ? 
_struct_conf_type.reference   ? 
# 
_struct_mon_prot_cis.pdbx_id                1 
_struct_mon_prot_cis.label_comp_id          GLN 
_struct_mon_prot_cis.label_seq_id           203 
_struct_mon_prot_cis.label_asym_id          A 
_struct_mon_prot_cis.label_alt_id           . 
_struct_mon_prot_cis.pdbx_PDB_ins_code      ? 
_struct_mon_prot_cis.auth_comp_id           GLN 
_struct_mon_prot_cis.auth_seq_id            191 
_struct_mon_prot_cis.auth_asym_id           A 
_struct_mon_prot_cis.pdbx_label_comp_id_2   PRO 
_struct_mon_prot_cis.pdbx_label_seq_id_2    204 
_struct_mon_prot_cis.pdbx_label_asym_id_2   A 
_struct_mon_prot_cis.pdbx_PDB_ins_code_2    ? 
_struct_mon_prot_cis.pdbx_auth_comp_id_2    PRO 
_struct_mon_prot_cis.pdbx_auth_seq_id_2     192 
_struct_mon_prot_cis.pdbx_auth_asym_id_2    A 
_struct_mon_prot_cis.pdbx_PDB_model_num     1 
_struct_mon_prot_cis.pdbx_omega_angle       5.84 
# 
_struct_site.id                   AC1 
_struct_site.pdbx_evidence_code   Software 
_struct_site.pdbx_auth_asym_id    A 
_struct_site.pdbx_auth_comp_id    GGK 
_struct_site.pdbx_auth_seq_id     301 
_struct_site.pdbx_auth_ins_code   ? 
_struct_site.pdbx_num_residues    16 
_struct_site.details              'binding site for residue GGK A 301' 
# 
loop_
_struct_site_gen.id 
_struct_site_gen.site_id 
_struct_site_gen.pdbx_num_res 
_struct_site_gen.label_comp_id 
_struct_site_gen.label_asym_id 
_struct_site_gen.label_seq_id 
_struct_site_gen.pdbx_auth_ins_code 
_struct_site_gen.auth_comp_id 
_struct_site_gen.auth_asym_id 
_struct_site_gen.auth_seq_id 
_struct_site_gen.label_atom_id 
_struct_site_gen.label_alt_id 
_struct_site_gen.symmetry 
_struct_site_gen.details 
1  AC1 16 LEU A 99  ? LEU A 87  . ? 1_555 ? 
2  AC1 16 LEU A 102 ? LEU A 90  . ? 1_555 ? 
3  AC1 16 MET A 114 ? MET A 102 . ? 1_555 ? 
4  AC1 16 TRP A 115 ? TRP A 103 . ? 1_555 ? 
5  AC1 16 GLY A 118 ? GLY A 106 . ? 1_555 ? 
6  AC1 16 ILE A 119 ? ILE A 107 . ? 1_555 ? 
7  AC1 16 PHE A 122 ? PHE A 110 . ? 1_555 ? 
8  AC1 16 TRP A 150 ? TRP A 138 . ? 1_555 ? 
9  AC1 16 TRP A 157 ? TRP A 145 . ? 1_555 ? 
10 AC1 16 TYR A 160 ? TYR A 148 . ? 1_555 ? 
11 AC1 16 THR A 161 ? THR A 149 . ? 1_555 ? 
12 AC1 16 ASN A 188 ? ASN A 176 . ? 1_555 ? 
13 AC1 16 ASN A 191 ? ASN A 179 . ? 1_555 ? 
14 AC1 16 GLU A 192 ? GLU A 180 . ? 1_555 ? 
15 AC1 16 LEU A 195 ? LEU A 183 . ? 1_555 ? 
16 AC1 16 TRP A 219 ? TRP A 207 . ? 1_555 ? 
# 
_pdbx_validate_torsion.id              1 
_pdbx_validate_torsion.PDB_model_num   1 
_pdbx_validate_torsion.auth_comp_id    THR 
_pdbx_validate_torsion.auth_asym_id    A 
_pdbx_validate_torsion.auth_seq_id     165 
_pdbx_validate_torsion.PDB_ins_code    ? 
_pdbx_validate_torsion.label_alt_id    ? 
_pdbx_validate_torsion.phi             -105.68 
_pdbx_validate_torsion.psi             -105.99 
# 
_pdbx_struct_special_symmetry.id              1 
_pdbx_struct_special_symmetry.PDB_model_num   1 
_pdbx_struct_special_symmetry.auth_asym_id    A 
_pdbx_struct_special_symmetry.auth_comp_id    HOH 
_pdbx_struct_special_symmetry.auth_seq_id     411 
_pdbx_struct_special_symmetry.PDB_ins_code    ? 
_pdbx_struct_special_symmetry.label_asym_id   C 
_pdbx_struct_special_symmetry.label_comp_id   HOH 
_pdbx_struct_special_symmetry.label_seq_id    . 
# 
loop_
_pdbx_unobs_or_zero_occ_residues.id 
_pdbx_unobs_or_zero_occ_residues.PDB_model_num 
_pdbx_unobs_or_zero_occ_residues.polymer_flag 
_pdbx_unobs_or_zero_occ_residues.occupancy_flag 
_pdbx_unobs_or_zero_occ_residues.auth_asym_id 
_pdbx_unobs_or_zero_occ_residues.auth_comp_id 
_pdbx_unobs_or_zero_occ_residues.auth_seq_id 
_pdbx_unobs_or_zero_occ_residues.PDB_ins_code 
_pdbx_unobs_or_zero_occ_residues.label_asym_id 
_pdbx_unobs_or_zero_occ_residues.label_comp_id 
_pdbx_unobs_or_zero_occ_residues.label_seq_id 
1  1 Y 1 A MET -11 ? A MET 1   
2  1 Y 1 A THR -10 ? A THR 2   
3  1 Y 1 A THR -9  ? A THR 3   
4  1 Y 1 A SER -8  ? A SER 4   
5  1 Y 1 A ALA -7  ? A ALA 5   
6  1 Y 1 A ALA -6  ? A ALA 6   
7  1 Y 1 A SER -5  ? A SER 7   
8  1 Y 1 A GLN -4  ? A GLN 8   
9  1 Y 1 A ALA -3  ? A ALA 9   
10 1 Y 1 A SER -2  ? A SER 10  
11 1 Y 1 A LEU -1  ? A LEU 11  
12 1 Y 1 A PRO 0   ? A PRO 12  
13 1 Y 1 A MET 1   ? A MET 13  
14 1 Y 1 A THR 2   ? A THR 14  
15 1 Y 1 A THR 3   ? A THR 15  
16 1 Y 1 A SER 4   ? A SER 16  
17 1 Y 1 A ALA 5   ? A ALA 17  
18 1 Y 1 A ALA 6   ? A ALA 18  
19 1 Y 1 A SER 7   ? A SER 19  
20 1 Y 1 A GLN 8   ? A GLN 20  
21 1 Y 1 A ALA 9   ? A ALA 21  
22 1 Y 1 A SER 10  ? A SER 22  
23 1 Y 1 A LEU 11  ? A LEU 23  
24 1 Y 1 A PRO 12  ? A PRO 24  
25 1 Y 1 A ARG 13  ? A ARG 25  
26 1 Y 1 A GLY 14  ? A GLY 26  
27 1 Y 1 A ARG 15  ? A ARG 27  
28 1 Y 1 A ARG 16  ? A ARG 28  
29 1 Y 1 A THR 17  ? A THR 29  
30 1 Y 1 A ALA 18  ? A ALA 30  
31 1 Y 1 A ARG 19  ? A ARG 31  
32 1 Y 1 A PRO 20  ? A PRO 32  
33 1 Y 1 A SER 21  ? A SER 33  
34 1 Y 1 A GLY 22  ? A GLY 34  
35 1 Y 1 A ASP 23  ? A ASP 35  
36 1 Y 1 A PRO 94  ? A PRO 106 
37 1 Y 1 A ALA 95  ? A ALA 107 
38 1 Y 1 A ASP 96  ? A ASP 108 
39 1 Y 1 A THR 97  ? A THR 109 
40 1 Y 1 A ASN 215 ? A ASN 227 
41 1 Y 1 A ARG 216 ? A ARG 228 
# 
loop_
_chem_comp_atom.comp_id 
_chem_comp_atom.atom_id 
_chem_comp_atom.type_symbol 
_chem_comp_atom.pdbx_aromatic_flag 
_chem_comp_atom.pdbx_stereo_config 
_chem_comp_atom.pdbx_ordinal 
ALA N    N N N 1   
ALA CA   C N S 2   
ALA C    C N N 3   
ALA O    O N N 4   
ALA CB   C N N 5   
ALA OXT  O N N 6   
ALA H    H N N 7   
ALA H2   H N N 8   
ALA HA   H N N 9   
ALA HB1  H N N 10  
ALA HB2  H N N 11  
ALA HB3  H N N 12  
ALA HXT  H N N 13  
ARG N    N N N 14  
ARG CA   C N S 15  
ARG C    C N N 16  
ARG O    O N N 17  
ARG CB   C N N 18  
ARG CG   C N N 19  
ARG CD   C N N 20  
ARG NE   N N N 21  
ARG CZ   C N N 22  
ARG NH1  N N N 23  
ARG NH2  N N N 24  
ARG OXT  O N N 25  
ARG H    H N N 26  
ARG H2   H N N 27  
ARG HA   H N N 28  
ARG HB2  H N N 29  
ARG HB3  H N N 30  
ARG HG2  H N N 31  
ARG HG3  H N N 32  
ARG HD2  H N N 33  
ARG HD3  H N N 34  
ARG HE   H N N 35  
ARG HH11 H N N 36  
ARG HH12 H N N 37  
ARG HH21 H N N 38  
ARG HH22 H N N 39  
ARG HXT  H N N 40  
ASN N    N N N 41  
ASN CA   C N S 42  
ASN C    C N N 43  
ASN O    O N N 44  
ASN CB   C N N 45  
ASN CG   C N N 46  
ASN OD1  O N N 47  
ASN ND2  N N N 48  
ASN OXT  O N N 49  
ASN H    H N N 50  
ASN H2   H N N 51  
ASN HA   H N N 52  
ASN HB2  H N N 53  
ASN HB3  H N N 54  
ASN HD21 H N N 55  
ASN HD22 H N N 56  
ASN HXT  H N N 57  
ASP N    N N N 58  
ASP CA   C N S 59  
ASP C    C N N 60  
ASP O    O N N 61  
ASP CB   C N N 62  
ASP CG   C N N 63  
ASP OD1  O N N 64  
ASP OD2  O N N 65  
ASP OXT  O N N 66  
ASP H    H N N 67  
ASP H2   H N N 68  
ASP HA   H N N 69  
ASP HB2  H N N 70  
ASP HB3  H N N 71  
ASP HD2  H N N 72  
ASP HXT  H N N 73  
GGK C4   C N N 74  
GGK C5   C Y N 75  
GGK C6   C Y N 76  
GGK C11  C N N 77  
GGK C7   C Y N 78  
GGK C8   C Y N 79  
GGK C9   C Y N 80  
GGK C10  C Y N 81  
GGK C12  C N N 82  
GGK C13  C N N 83  
GGK N1   N N N 84  
GGK N2   N N N 85  
GGK C3   C N N 86  
GGK C1   C N N 87  
GGK S1   S N N 88  
GGK O1   O N N 89  
GGK O2   O N N 90  
GGK C2   C N N 91  
GGK S2   S N N 92  
GGK O3   O N N 93  
GGK O4   O N N 94  
GGK F1   F N N 95  
GGK F2   F N N 96  
GGK F3   F N N 97  
GGK H1   H N N 98  
GGK H2   H N N 99  
GGK H3   H N N 100 
GGK H4   H N N 101 
GGK H5   H N N 102 
GGK H6   H N N 103 
GGK H7   H N N 104 
GGK H8   H N N 105 
GGK H9   H N N 106 
GGK H10  H N N 107 
GGK H11  H N N 108 
GGK H12  H N N 109 
GGK H13  H N N 110 
GGK H14  H N N 111 
GGK H15  H N N 112 
GLN N    N N N 113 
GLN CA   C N S 114 
GLN C    C N N 115 
GLN O    O N N 116 
GLN CB   C N N 117 
GLN CG   C N N 118 
GLN CD   C N N 119 
GLN OE1  O N N 120 
GLN NE2  N N N 121 
GLN OXT  O N N 122 
GLN H    H N N 123 
GLN H2   H N N 124 
GLN HA   H N N 125 
GLN HB2  H N N 126 
GLN HB3  H N N 127 
GLN HG2  H N N 128 
GLN HG3  H N N 129 
GLN HE21 H N N 130 
GLN HE22 H N N 131 
GLN HXT  H N N 132 
GLU N    N N N 133 
GLU CA   C N S 134 
GLU C    C N N 135 
GLU O    O N N 136 
GLU CB   C N N 137 
GLU CG   C N N 138 
GLU CD   C N N 139 
GLU OE1  O N N 140 
GLU OE2  O N N 141 
GLU OXT  O N N 142 
GLU H    H N N 143 
GLU H2   H N N 144 
GLU HA   H N N 145 
GLU HB2  H N N 146 
GLU HB3  H N N 147 
GLU HG2  H N N 148 
GLU HG3  H N N 149 
GLU HE2  H N N 150 
GLU HXT  H N N 151 
GLY N    N N N 152 
GLY CA   C N N 153 
GLY C    C N N 154 
GLY O    O N N 155 
GLY OXT  O N N 156 
GLY H    H N N 157 
GLY H2   H N N 158 
GLY HA2  H N N 159 
GLY HA3  H N N 160 
GLY HXT  H N N 161 
HIS N    N N N 162 
HIS CA   C N S 163 
HIS C    C N N 164 
HIS O    O N N 165 
HIS CB   C N N 166 
HIS CG   C Y N 167 
HIS ND1  N Y N 168 
HIS CD2  C Y N 169 
HIS CE1  C Y N 170 
HIS NE2  N Y N 171 
HIS OXT  O N N 172 
HIS H    H N N 173 
HIS H2   H N N 174 
HIS HA   H N N 175 
HIS HB2  H N N 176 
HIS HB3  H N N 177 
HIS HD1  H N N 178 
HIS HD2  H N N 179 
HIS HE1  H N N 180 
HIS HE2  H N N 181 
HIS HXT  H N N 182 
HOH O    O N N 183 
HOH H1   H N N 184 
HOH H2   H N N 185 
ILE N    N N N 186 
ILE CA   C N S 187 
ILE C    C N N 188 
ILE O    O N N 189 
ILE CB   C N S 190 
ILE CG1  C N N 191 
ILE CG2  C N N 192 
ILE CD1  C N N 193 
ILE OXT  O N N 194 
ILE H    H N N 195 
ILE H2   H N N 196 
ILE HA   H N N 197 
ILE HB   H N N 198 
ILE HG12 H N N 199 
ILE HG13 H N N 200 
ILE HG21 H N N 201 
ILE HG22 H N N 202 
ILE HG23 H N N 203 
ILE HD11 H N N 204 
ILE HD12 H N N 205 
ILE HD13 H N N 206 
ILE HXT  H N N 207 
LEU N    N N N 208 
LEU CA   C N S 209 
LEU C    C N N 210 
LEU O    O N N 211 
LEU CB   C N N 212 
LEU CG   C N N 213 
LEU CD1  C N N 214 
LEU CD2  C N N 215 
LEU OXT  O N N 216 
LEU H    H N N 217 
LEU H2   H N N 218 
LEU HA   H N N 219 
LEU HB2  H N N 220 
LEU HB3  H N N 221 
LEU HG   H N N 222 
LEU HD11 H N N 223 
LEU HD12 H N N 224 
LEU HD13 H N N 225 
LEU HD21 H N N 226 
LEU HD22 H N N 227 
LEU HD23 H N N 228 
LEU HXT  H N N 229 
LYS N    N N N 230 
LYS CA   C N S 231 
LYS C    C N N 232 
LYS O    O N N 233 
LYS CB   C N N 234 
LYS CG   C N N 235 
LYS CD   C N N 236 
LYS CE   C N N 237 
LYS NZ   N N N 238 
LYS OXT  O N N 239 
LYS H    H N N 240 
LYS H2   H N N 241 
LYS HA   H N N 242 
LYS HB2  H N N 243 
LYS HB3  H N N 244 
LYS HG2  H N N 245 
LYS HG3  H N N 246 
LYS HD2  H N N 247 
LYS HD3  H N N 248 
LYS HE2  H N N 249 
LYS HE3  H N N 250 
LYS HZ1  H N N 251 
LYS HZ2  H N N 252 
LYS HZ3  H N N 253 
LYS HXT  H N N 254 
MET N    N N N 255 
MET CA   C N S 256 
MET C    C N N 257 
MET O    O N N 258 
MET CB   C N N 259 
MET CG   C N N 260 
MET SD   S N N 261 
MET CE   C N N 262 
MET OXT  O N N 263 
MET H    H N N 264 
MET H2   H N N 265 
MET HA   H N N 266 
MET HB2  H N N 267 
MET HB3  H N N 268 
MET HG2  H N N 269 
MET HG3  H N N 270 
MET HE1  H N N 271 
MET HE2  H N N 272 
MET HE3  H N N 273 
MET HXT  H N N 274 
PHE N    N N N 275 
PHE CA   C N S 276 
PHE C    C N N 277 
PHE O    O N N 278 
PHE CB   C N N 279 
PHE CG   C Y N 280 
PHE CD1  C Y N 281 
PHE CD2  C Y N 282 
PHE CE1  C Y N 283 
PHE CE2  C Y N 284 
PHE CZ   C Y N 285 
PHE OXT  O N N 286 
PHE H    H N N 287 
PHE H2   H N N 288 
PHE HA   H N N 289 
PHE HB2  H N N 290 
PHE HB3  H N N 291 
PHE HD1  H N N 292 
PHE HD2  H N N 293 
PHE HE1  H N N 294 
PHE HE2  H N N 295 
PHE HZ   H N N 296 
PHE HXT  H N N 297 
PRO N    N N N 298 
PRO CA   C N S 299 
PRO C    C N N 300 
PRO O    O N N 301 
PRO CB   C N N 302 
PRO CG   C N N 303 
PRO CD   C N N 304 
PRO OXT  O N N 305 
PRO H    H N N 306 
PRO HA   H N N 307 
PRO HB2  H N N 308 
PRO HB3  H N N 309 
PRO HG2  H N N 310 
PRO HG3  H N N 311 
PRO HD2  H N N 312 
PRO HD3  H N N 313 
PRO HXT  H N N 314 
SER N    N N N 315 
SER CA   C N S 316 
SER C    C N N 317 
SER O    O N N 318 
SER CB   C N N 319 
SER OG   O N N 320 
SER OXT  O N N 321 
SER H    H N N 322 
SER H2   H N N 323 
SER HA   H N N 324 
SER HB2  H N N 325 
SER HB3  H N N 326 
SER HG   H N N 327 
SER HXT  H N N 328 
THR N    N N N 329 
THR CA   C N S 330 
THR C    C N N 331 
THR O    O N N 332 
THR CB   C N R 333 
THR OG1  O N N 334 
THR CG2  C N N 335 
THR OXT  O N N 336 
THR H    H N N 337 
THR H2   H N N 338 
THR HA   H N N 339 
THR HB   H N N 340 
THR HG1  H N N 341 
THR HG21 H N N 342 
THR HG22 H N N 343 
THR HG23 H N N 344 
THR HXT  H N N 345 
TRP N    N N N 346 
TRP CA   C N S 347 
TRP C    C N N 348 
TRP O    O N N 349 
TRP CB   C N N 350 
TRP CG   C Y N 351 
TRP CD1  C Y N 352 
TRP CD2  C Y N 353 
TRP NE1  N Y N 354 
TRP CE2  C Y N 355 
TRP CE3  C Y N 356 
TRP CZ2  C Y N 357 
TRP CZ3  C Y N 358 
TRP CH2  C Y N 359 
TRP OXT  O N N 360 
TRP H    H N N 361 
TRP H2   H N N 362 
TRP HA   H N N 363 
TRP HB2  H N N 364 
TRP HB3  H N N 365 
TRP HD1  H N N 366 
TRP HE1  H N N 367 
TRP HE3  H N N 368 
TRP HZ2  H N N 369 
TRP HZ3  H N N 370 
TRP HH2  H N N 371 
TRP HXT  H N N 372 
TYR N    N N N 373 
TYR CA   C N S 374 
TYR C    C N N 375 
TYR O    O N N 376 
TYR CB   C N N 377 
TYR CG   C Y N 378 
TYR CD1  C Y N 379 
TYR CD2  C Y N 380 
TYR CE1  C Y N 381 
TYR CE2  C Y N 382 
TYR CZ   C Y N 383 
TYR OH   O N N 384 
TYR OXT  O N N 385 
TYR H    H N N 386 
TYR H2   H N N 387 
TYR HA   H N N 388 
TYR HB2  H N N 389 
TYR HB3  H N N 390 
TYR HD1  H N N 391 
TYR HD2  H N N 392 
TYR HE1  H N N 393 
TYR HE2  H N N 394 
TYR HH   H N N 395 
TYR HXT  H N N 396 
VAL N    N N N 397 
VAL CA   C N S 398 
VAL C    C N N 399 
VAL O    O N N 400 
VAL CB   C N N 401 
VAL CG1  C N N 402 
VAL CG2  C N N 403 
VAL OXT  O N N 404 
VAL H    H N N 405 
VAL H2   H N N 406 
VAL HA   H N N 407 
VAL HB   H N N 408 
VAL HG11 H N N 409 
VAL HG12 H N N 410 
VAL HG13 H N N 411 
VAL HG21 H N N 412 
VAL HG22 H N N 413 
VAL HG23 H N N 414 
VAL HXT  H N N 415 
# 
loop_
_chem_comp_bond.comp_id 
_chem_comp_bond.atom_id_1 
_chem_comp_bond.atom_id_2 
_chem_comp_bond.value_order 
_chem_comp_bond.pdbx_aromatic_flag 
_chem_comp_bond.pdbx_stereo_config 
_chem_comp_bond.pdbx_ordinal 
ALA N   CA   sing N N 1   
ALA N   H    sing N N 2   
ALA N   H2   sing N N 3   
ALA CA  C    sing N N 4   
ALA CA  CB   sing N N 5   
ALA CA  HA   sing N N 6   
ALA C   O    doub N N 7   
ALA C   OXT  sing N N 8   
ALA CB  HB1  sing N N 9   
ALA CB  HB2  sing N N 10  
ALA CB  HB3  sing N N 11  
ALA OXT HXT  sing N N 12  
ARG N   CA   sing N N 13  
ARG N   H    sing N N 14  
ARG N   H2   sing N N 15  
ARG CA  C    sing N N 16  
ARG CA  CB   sing N N 17  
ARG CA  HA   sing N N 18  
ARG C   O    doub N N 19  
ARG C   OXT  sing N N 20  
ARG CB  CG   sing N N 21  
ARG CB  HB2  sing N N 22  
ARG CB  HB3  sing N N 23  
ARG CG  CD   sing N N 24  
ARG CG  HG2  sing N N 25  
ARG CG  HG3  sing N N 26  
ARG CD  NE   sing N N 27  
ARG CD  HD2  sing N N 28  
ARG CD  HD3  sing N N 29  
ARG NE  CZ   sing N N 30  
ARG NE  HE   sing N N 31  
ARG CZ  NH1  sing N N 32  
ARG CZ  NH2  doub N N 33  
ARG NH1 HH11 sing N N 34  
ARG NH1 HH12 sing N N 35  
ARG NH2 HH21 sing N N 36  
ARG NH2 HH22 sing N N 37  
ARG OXT HXT  sing N N 38  
ASN N   CA   sing N N 39  
ASN N   H    sing N N 40  
ASN N   H2   sing N N 41  
ASN CA  C    sing N N 42  
ASN CA  CB   sing N N 43  
ASN CA  HA   sing N N 44  
ASN C   O    doub N N 45  
ASN C   OXT  sing N N 46  
ASN CB  CG   sing N N 47  
ASN CB  HB2  sing N N 48  
ASN CB  HB3  sing N N 49  
ASN CG  OD1  doub N N 50  
ASN CG  ND2  sing N N 51  
ASN ND2 HD21 sing N N 52  
ASN ND2 HD22 sing N N 53  
ASN OXT HXT  sing N N 54  
ASP N   CA   sing N N 55  
ASP N   H    sing N N 56  
ASP N   H2   sing N N 57  
ASP CA  C    sing N N 58  
ASP CA  CB   sing N N 59  
ASP CA  HA   sing N N 60  
ASP C   O    doub N N 61  
ASP C   OXT  sing N N 62  
ASP CB  CG   sing N N 63  
ASP CB  HB2  sing N N 64  
ASP CB  HB3  sing N N 65  
ASP CG  OD1  doub N N 66  
ASP CG  OD2  sing N N 67  
ASP OD2 HD2  sing N N 68  
ASP OXT HXT  sing N N 69  
GGK F2  C13  sing N N 70  
GGK O4  S2   doub N N 71  
GGK F3  C13  sing N N 72  
GGK C13 F1   sing N N 73  
GGK C13 C12  sing N N 74  
GGK C1  S1   sing N N 75  
GGK C7  C6   doub Y N 76  
GGK C7  C8   sing Y N 77  
GGK S2  O3   doub N N 78  
GGK S2  N2   sing N N 79  
GGK S2  C8   sing N N 80  
GGK C6  C5   sing Y N 81  
GGK C12 C11  sing N N 82  
GGK N2  C11  sing N N 83  
GGK C8  C9   doub Y N 84  
GGK N1  S1   sing N N 85  
GGK N1  C2   sing N N 86  
GGK S1  O1   doub N N 87  
GGK S1  O2   doub N N 88  
GGK C5  C4   sing N N 89  
GGK C5  C10  doub Y N 90  
GGK C4  C3   trip N N 91  
GGK C3  C2   sing N N 92  
GGK C9  C10  sing Y N 93  
GGK C6  H1   sing N N 94  
GGK C11 H2   sing N N 95  
GGK C11 H3   sing N N 96  
GGK C7  H4   sing N N 97  
GGK C9  H5   sing N N 98  
GGK C10 H6   sing N N 99  
GGK C12 H7   sing N N 100 
GGK C12 H8   sing N N 101 
GGK N1  H9   sing N N 102 
GGK N2  H10  sing N N 103 
GGK C1  H11  sing N N 104 
GGK C1  H12  sing N N 105 
GGK C1  H13  sing N N 106 
GGK C2  H14  sing N N 107 
GGK C2  H15  sing N N 108 
GLN N   CA   sing N N 109 
GLN N   H    sing N N 110 
GLN N   H2   sing N N 111 
GLN CA  C    sing N N 112 
GLN CA  CB   sing N N 113 
GLN CA  HA   sing N N 114 
GLN C   O    doub N N 115 
GLN C   OXT  sing N N 116 
GLN CB  CG   sing N N 117 
GLN CB  HB2  sing N N 118 
GLN CB  HB3  sing N N 119 
GLN CG  CD   sing N N 120 
GLN CG  HG2  sing N N 121 
GLN CG  HG3  sing N N 122 
GLN CD  OE1  doub N N 123 
GLN CD  NE2  sing N N 124 
GLN NE2 HE21 sing N N 125 
GLN NE2 HE22 sing N N 126 
GLN OXT HXT  sing N N 127 
GLU N   CA   sing N N 128 
GLU N   H    sing N N 129 
GLU N   H2   sing N N 130 
GLU CA  C    sing N N 131 
GLU CA  CB   sing N N 132 
GLU CA  HA   sing N N 133 
GLU C   O    doub N N 134 
GLU C   OXT  sing N N 135 
GLU CB  CG   sing N N 136 
GLU CB  HB2  sing N N 137 
GLU CB  HB3  sing N N 138 
GLU CG  CD   sing N N 139 
GLU CG  HG2  sing N N 140 
GLU CG  HG3  sing N N 141 
GLU CD  OE1  doub N N 142 
GLU CD  OE2  sing N N 143 
GLU OE2 HE2  sing N N 144 
GLU OXT HXT  sing N N 145 
GLY N   CA   sing N N 146 
GLY N   H    sing N N 147 
GLY N   H2   sing N N 148 
GLY CA  C    sing N N 149 
GLY CA  HA2  sing N N 150 
GLY CA  HA3  sing N N 151 
GLY C   O    doub N N 152 
GLY C   OXT  sing N N 153 
GLY OXT HXT  sing N N 154 
HIS N   CA   sing N N 155 
HIS N   H    sing N N 156 
HIS N   H2   sing N N 157 
HIS CA  C    sing N N 158 
HIS CA  CB   sing N N 159 
HIS CA  HA   sing N N 160 
HIS C   O    doub N N 161 
HIS C   OXT  sing N N 162 
HIS CB  CG   sing N N 163 
HIS CB  HB2  sing N N 164 
HIS CB  HB3  sing N N 165 
HIS CG  ND1  sing Y N 166 
HIS CG  CD2  doub Y N 167 
HIS ND1 CE1  doub Y N 168 
HIS ND1 HD1  sing N N 169 
HIS CD2 NE2  sing Y N 170 
HIS CD2 HD2  sing N N 171 
HIS CE1 NE2  sing Y N 172 
HIS CE1 HE1  sing N N 173 
HIS NE2 HE2  sing N N 174 
HIS OXT HXT  sing N N 175 
HOH O   H1   sing N N 176 
HOH O   H2   sing N N 177 
ILE N   CA   sing N N 178 
ILE N   H    sing N N 179 
ILE N   H2   sing N N 180 
ILE CA  C    sing N N 181 
ILE CA  CB   sing N N 182 
ILE CA  HA   sing N N 183 
ILE C   O    doub N N 184 
ILE C   OXT  sing N N 185 
ILE CB  CG1  sing N N 186 
ILE CB  CG2  sing N N 187 
ILE CB  HB   sing N N 188 
ILE CG1 CD1  sing N N 189 
ILE CG1 HG12 sing N N 190 
ILE CG1 HG13 sing N N 191 
ILE CG2 HG21 sing N N 192 
ILE CG2 HG22 sing N N 193 
ILE CG2 HG23 sing N N 194 
ILE CD1 HD11 sing N N 195 
ILE CD1 HD12 sing N N 196 
ILE CD1 HD13 sing N N 197 
ILE OXT HXT  sing N N 198 
LEU N   CA   sing N N 199 
LEU N   H    sing N N 200 
LEU N   H2   sing N N 201 
LEU CA  C    sing N N 202 
LEU CA  CB   sing N N 203 
LEU CA  HA   sing N N 204 
LEU C   O    doub N N 205 
LEU C   OXT  sing N N 206 
LEU CB  CG   sing N N 207 
LEU CB  HB2  sing N N 208 
LEU CB  HB3  sing N N 209 
LEU CG  CD1  sing N N 210 
LEU CG  CD2  sing N N 211 
LEU CG  HG   sing N N 212 
LEU CD1 HD11 sing N N 213 
LEU CD1 HD12 sing N N 214 
LEU CD1 HD13 sing N N 215 
LEU CD2 HD21 sing N N 216 
LEU CD2 HD22 sing N N 217 
LEU CD2 HD23 sing N N 218 
LEU OXT HXT  sing N N 219 
LYS N   CA   sing N N 220 
LYS N   H    sing N N 221 
LYS N   H2   sing N N 222 
LYS CA  C    sing N N 223 
LYS CA  CB   sing N N 224 
LYS CA  HA   sing N N 225 
LYS C   O    doub N N 226 
LYS C   OXT  sing N N 227 
LYS CB  CG   sing N N 228 
LYS CB  HB2  sing N N 229 
LYS CB  HB3  sing N N 230 
LYS CG  CD   sing N N 231 
LYS CG  HG2  sing N N 232 
LYS CG  HG3  sing N N 233 
LYS CD  CE   sing N N 234 
LYS CD  HD2  sing N N 235 
LYS CD  HD3  sing N N 236 
LYS CE  NZ   sing N N 237 
LYS CE  HE2  sing N N 238 
LYS CE  HE3  sing N N 239 
LYS NZ  HZ1  sing N N 240 
LYS NZ  HZ2  sing N N 241 
LYS NZ  HZ3  sing N N 242 
LYS OXT HXT  sing N N 243 
MET N   CA   sing N N 244 
MET N   H    sing N N 245 
MET N   H2   sing N N 246 
MET CA  C    sing N N 247 
MET CA  CB   sing N N 248 
MET CA  HA   sing N N 249 
MET C   O    doub N N 250 
MET C   OXT  sing N N 251 
MET CB  CG   sing N N 252 
MET CB  HB2  sing N N 253 
MET CB  HB3  sing N N 254 
MET CG  SD   sing N N 255 
MET CG  HG2  sing N N 256 
MET CG  HG3  sing N N 257 
MET SD  CE   sing N N 258 
MET CE  HE1  sing N N 259 
MET CE  HE2  sing N N 260 
MET CE  HE3  sing N N 261 
MET OXT HXT  sing N N 262 
PHE N   CA   sing N N 263 
PHE N   H    sing N N 264 
PHE N   H2   sing N N 265 
PHE CA  C    sing N N 266 
PHE CA  CB   sing N N 267 
PHE CA  HA   sing N N 268 
PHE C   O    doub N N 269 
PHE C   OXT  sing N N 270 
PHE CB  CG   sing N N 271 
PHE CB  HB2  sing N N 272 
PHE CB  HB3  sing N N 273 
PHE CG  CD1  doub Y N 274 
PHE CG  CD2  sing Y N 275 
PHE CD1 CE1  sing Y N 276 
PHE CD1 HD1  sing N N 277 
PHE CD2 CE2  doub Y N 278 
PHE CD2 HD2  sing N N 279 
PHE CE1 CZ   doub Y N 280 
PHE CE1 HE1  sing N N 281 
PHE CE2 CZ   sing Y N 282 
PHE CE2 HE2  sing N N 283 
PHE CZ  HZ   sing N N 284 
PHE OXT HXT  sing N N 285 
PRO N   CA   sing N N 286 
PRO N   CD   sing N N 287 
PRO N   H    sing N N 288 
PRO CA  C    sing N N 289 
PRO CA  CB   sing N N 290 
PRO CA  HA   sing N N 291 
PRO C   O    doub N N 292 
PRO C   OXT  sing N N 293 
PRO CB  CG   sing N N 294 
PRO CB  HB2  sing N N 295 
PRO CB  HB3  sing N N 296 
PRO CG  CD   sing N N 297 
PRO CG  HG2  sing N N 298 
PRO CG  HG3  sing N N 299 
PRO CD  HD2  sing N N 300 
PRO CD  HD3  sing N N 301 
PRO OXT HXT  sing N N 302 
SER N   CA   sing N N 303 
SER N   H    sing N N 304 
SER N   H2   sing N N 305 
SER CA  C    sing N N 306 
SER CA  CB   sing N N 307 
SER CA  HA   sing N N 308 
SER C   O    doub N N 309 
SER C   OXT  sing N N 310 
SER CB  OG   sing N N 311 
SER CB  HB2  sing N N 312 
SER CB  HB3  sing N N 313 
SER OG  HG   sing N N 314 
SER OXT HXT  sing N N 315 
THR N   CA   sing N N 316 
THR N   H    sing N N 317 
THR N   H2   sing N N 318 
THR CA  C    sing N N 319 
THR CA  CB   sing N N 320 
THR CA  HA   sing N N 321 
THR C   O    doub N N 322 
THR C   OXT  sing N N 323 
THR CB  OG1  sing N N 324 
THR CB  CG2  sing N N 325 
THR CB  HB   sing N N 326 
THR OG1 HG1  sing N N 327 
THR CG2 HG21 sing N N 328 
THR CG2 HG22 sing N N 329 
THR CG2 HG23 sing N N 330 
THR OXT HXT  sing N N 331 
TRP N   CA   sing N N 332 
TRP N   H    sing N N 333 
TRP N   H2   sing N N 334 
TRP CA  C    sing N N 335 
TRP CA  CB   sing N N 336 
TRP CA  HA   sing N N 337 
TRP C   O    doub N N 338 
TRP C   OXT  sing N N 339 
TRP CB  CG   sing N N 340 
TRP CB  HB2  sing N N 341 
TRP CB  HB3  sing N N 342 
TRP CG  CD1  doub Y N 343 
TRP CG  CD2  sing Y N 344 
TRP CD1 NE1  sing Y N 345 
TRP CD1 HD1  sing N N 346 
TRP CD2 CE2  doub Y N 347 
TRP CD2 CE3  sing Y N 348 
TRP NE1 CE2  sing Y N 349 
TRP NE1 HE1  sing N N 350 
TRP CE2 CZ2  sing Y N 351 
TRP CE3 CZ3  doub Y N 352 
TRP CE3 HE3  sing N N 353 
TRP CZ2 CH2  doub Y N 354 
TRP CZ2 HZ2  sing N N 355 
TRP CZ3 CH2  sing Y N 356 
TRP CZ3 HZ3  sing N N 357 
TRP CH2 HH2  sing N N 358 
TRP OXT HXT  sing N N 359 
TYR N   CA   sing N N 360 
TYR N   H    sing N N 361 
TYR N   H2   sing N N 362 
TYR CA  C    sing N N 363 
TYR CA  CB   sing N N 364 
TYR CA  HA   sing N N 365 
TYR C   O    doub N N 366 
TYR C   OXT  sing N N 367 
TYR CB  CG   sing N N 368 
TYR CB  HB2  sing N N 369 
TYR CB  HB3  sing N N 370 
TYR CG  CD1  doub Y N 371 
TYR CG  CD2  sing Y N 372 
TYR CD1 CE1  sing Y N 373 
TYR CD1 HD1  sing N N 374 
TYR CD2 CE2  doub Y N 375 
TYR CD2 HD2  sing N N 376 
TYR CE1 CZ   doub Y N 377 
TYR CE1 HE1  sing N N 378 
TYR CE2 CZ   sing Y N 379 
TYR CE2 HE2  sing N N 380 
TYR CZ  OH   sing N N 381 
TYR OH  HH   sing N N 382 
TYR OXT HXT  sing N N 383 
VAL N   CA   sing N N 384 
VAL N   H    sing N N 385 
VAL N   H2   sing N N 386 
VAL CA  C    sing N N 387 
VAL CA  CB   sing N N 388 
VAL CA  HA   sing N N 389 
VAL C   O    doub N N 390 
VAL C   OXT  sing N N 391 
VAL CB  CG1  sing N N 392 
VAL CB  CG2  sing N N 393 
VAL CB  HB   sing N N 394 
VAL CG1 HG11 sing N N 395 
VAL CG1 HG12 sing N N 396 
VAL CG1 HG13 sing N N 397 
VAL CG2 HG21 sing N N 398 
VAL CG2 HG22 sing N N 399 
VAL CG2 HG23 sing N N 400 
VAL OXT HXT  sing N N 401 
# 
_atom_sites.entry_id                    6HO6 
_atom_sites.fract_transf_matrix[1][1]   -0.00711738 
_atom_sites.fract_transf_matrix[1][2]   -0.00409537 
_atom_sites.fract_transf_matrix[1][3]   0.00065992 
_atom_sites.fract_transf_matrix[2][1]   -0.00099842 
_atom_sites.fract_transf_matrix[2][2]   0.00041923 
_atom_sites.fract_transf_matrix[2][3]   -0.00816652 
_atom_sites.fract_transf_matrix[3][1]   0.01451658 
_atom_sites.fract_transf_matrix[3][2]   -0.02572733 
_atom_sites.fract_transf_matrix[3][3]   -0.00309548 
_atom_sites.fract_transf_vector[1]      0.144899 
_atom_sites.fract_transf_vector[2]      0.287356 
_atom_sites.fract_transf_vector[3]      0.006806 
# 
loop_
_atom_type.symbol 
C 
F 
N 
O 
S 
# 
loop_
_atom_site.group_PDB 
_atom_site.id 
_atom_site.type_symbol 
_atom_site.label_atom_id 
_atom_site.label_alt_id 
_atom_site.label_comp_id 
_atom_site.label_asym_id 
_atom_site.label_entity_id 
_atom_site.label_seq_id 
_atom_site.pdbx_PDB_ins_code 
_atom_site.Cartn_x 
_atom_site.Cartn_y 
_atom_site.Cartn_z 
_atom_site.occupancy 
_atom_site.B_iso_or_equiv 
_atom_site.pdbx_formal_charge 
_atom_site.auth_seq_id 
_atom_site.auth_comp_id 
_atom_site.auth_asym_id 
_atom_site.auth_atom_id 
_atom_site.pdbx_PDB_model_num 
ATOM   1    N N   . ASP A 1 36  ? -1.617  2.496   -23.531 1.00 63.76 ? 24  ASP A N   1 
ATOM   2    C CA  . ASP A 1 36  ? -2.142  3.228   -24.724 1.00 63.20 ? 24  ASP A CA  1 
ATOM   3    C C   . ASP A 1 36  ? -3.677  3.354   -24.602 1.00 57.86 ? 24  ASP A C   1 
ATOM   4    O O   . ASP A 1 36  ? -4.188  4.231   -23.853 1.00 51.10 ? 24  ASP A O   1 
ATOM   5    C CB  . ASP A 1 36  ? -1.655  2.488   -25.972 1.00 73.82 ? 24  ASP A CB  1 
ATOM   6    C CG  . ASP A 1 36  ? -2.086  3.125   -27.280 1.00 84.87 ? 24  ASP A CG  1 
ATOM   7    O OD1 . ASP A 1 36  ? -2.721  4.206   -27.217 1.00 87.13 ? 24  ASP A OD1 1 
ATOM   8    O OD2 . ASP A 1 36  ? -1.791  2.532   -28.347 1.00 79.45 ? 24  ASP A OD2 1 
ATOM   9    N N   . ARG A 1 37  ? -4.429  2.484   -25.278 1.00 47.17 ? 25  ARG A N   1 
ATOM   10   C CA  . ARG A 1 37  ? -5.816  2.177   -24.859 1.00 45.96 ? 25  ARG A CA  1 
ATOM   11   C C   . ARG A 1 37  ? -5.765  1.529   -23.465 1.00 42.70 ? 25  ARG A C   1 
ATOM   12   O O   . ARG A 1 37  ? -6.622  1.828   -22.661 1.00 36.84 ? 25  ARG A O   1 
ATOM   13   C CB  . ARG A 1 37  ? -6.500  1.356   -25.952 1.00 48.32 ? 25  ARG A CB  1 
ATOM   14   C CG  . ARG A 1 37  ? -6.900  2.246   -27.121 1.00 51.30 ? 25  ARG A CG  1 
ATOM   15   C CD  . ARG A 1 37  ? -7.683  1.546   -28.210 1.00 59.34 ? 25  ARG A CD  1 
ATOM   16   N NE  . ARG A 1 37  ? -6.875  0.576   -28.932 1.00 57.87 ? 25  ARG A NE  1 
ATOM   17   C CZ  . ARG A 1 37  ? -7.287  -0.090  -29.995 1.00 60.27 ? 25  ARG A CZ  1 
ATOM   18   N NH1 . ARG A 1 37  ? -8.500  0.106   -30.484 1.00 59.37 ? 25  ARG A NH1 1 
ATOM   19   N NH2 . ARG A 1 37  ? -6.480  -0.954  -30.571 1.00 65.48 ? 25  ARG A NH2 1 
ATOM   20   N N   . GLU A 1 38  ? -4.758  0.707   -23.190 1.00 40.53 ? 26  GLU A N   1 
ATOM   21   C CA  . GLU A 1 38  ? -4.548  0.110   -21.850 1.00 41.63 ? 26  GLU A CA  1 
ATOM   22   C C   . GLU A 1 38  ? -4.525  1.220   -20.785 1.00 37.68 ? 26  GLU A C   1 
ATOM   23   O O   . GLU A 1 38  ? -5.303  1.127   -19.829 1.00 40.06 ? 26  GLU A O   1 
ATOM   24   C CB  . GLU A 1 38  ? -3.263  -0.708  -21.839 1.00 43.82 ? 26  GLU A CB  1 
ATOM   25   C CG  . GLU A 1 38  ? -3.251  -1.690  -20.701 1.00 48.68 ? 26  GLU A CG  1 
ATOM   26   C CD  . GLU A 1 38  ? -2.026  -2.572  -20.615 1.00 55.21 ? 26  GLU A CD  1 
ATOM   27   O OE1 . GLU A 1 38  ? -1.523  -2.942  -21.677 1.00 58.36 ? 26  GLU A OE1 1 
ATOM   28   O OE2 . GLU A 1 38  ? -1.613  -2.899  -19.480 1.00 58.63 ? 26  GLU A OE2 1 
ATOM   29   N N   . LEU A 1 39  ? -3.651  2.211   -20.948 1.00 39.41 ? 27  LEU A N   1 
ATOM   30   C CA  . LEU A 1 39  ? -3.492  3.351   -20.003 1.00 43.53 ? 27  LEU A CA  1 
ATOM   31   C C   . LEU A 1 39  ? -4.820  4.089   -19.838 1.00 40.33 ? 27  LEU A C   1 
ATOM   32   O O   . LEU A 1 39  ? -5.172  4.479   -18.693 1.00 35.64 ? 27  LEU A O   1 
ATOM   33   C CB  . LEU A 1 39  ? -2.396  4.291   -20.505 1.00 45.91 ? 27  LEU A CB  1 
ATOM   34   C CG  . LEU A 1 39  ? -0.966  3.824   -20.252 1.00 51.90 ? 27  LEU A CG  1 
ATOM   35   C CD1 . LEU A 1 39  ? 0.022   4.813   -20.826 1.00 52.78 ? 27  LEU A CD1 1 
ATOM   36   C CD2 . LEU A 1 39  ? -0.696  3.619   -18.764 1.00 53.47 ? 27  LEU A CD2 1 
ATOM   37   N N   . ALA A 1 40  ? -5.552  4.307   -20.932 1.00 38.57 ? 28  ALA A N   1 
ATOM   38   C CA  . ALA A 1 40  ? -6.852  5.013   -20.880 1.00 36.86 ? 28  ALA A CA  1 
ATOM   39   C C   . ALA A 1 40  ? -7.826  4.190   -20.035 1.00 33.51 ? 28  ALA A C   1 
ATOM   40   O O   . ALA A 1 40  ? -8.669  4.778   -19.327 1.00 35.02 ? 28  ALA A O   1 
ATOM   41   C CB  . ALA A 1 40  ? -7.391  5.249   -22.276 1.00 40.69 ? 28  ALA A CB  1 
ATOM   42   N N   . ILE A 1 41  ? -7.782  2.857   -20.150 1.00 29.86 ? 29  ILE A N   1 
ATOM   43   C CA  . ILE A 1 41  ? -8.715  1.981   -19.398 1.00 30.59 ? 29  ILE A CA  1 
ATOM   44   C C   . ILE A 1 41  ? -8.342  2.158   -17.916 1.00 28.58 ? 29  ILE A C   1 
ATOM   45   O O   . ILE A 1 41  ? -9.240  2.257   -17.086 1.00 29.61 ? 29  ILE A O   1 
ATOM   46   C CB  . ILE A 1 41  ? -8.628  0.501   -19.855 1.00 32.60 ? 29  ILE A CB  1 
ATOM   47   C CG1 . ILE A 1 41  ? -9.273  0.279   -21.231 1.00 34.61 ? 29  ILE A CG1 1 
ATOM   48   C CG2 . ILE A 1 41  ? -9.284  -0.407  -18.832 1.00 32.79 ? 29  ILE A CG2 1 
ATOM   49   C CD1 . ILE A 1 41  ? -9.031  -1.107  -21.832 1.00 34.97 ? 29  ILE A CD1 1 
ATOM   50   N N   . LEU A 1 42  ? -7.056  2.069   -17.613 1.00 31.72 ? 30  LEU A N   1 
ATOM   51   C CA  . LEU A 1 42  ? -6.567  2.150   -16.201 1.00 32.30 ? 30  LEU A CA  1 
ATOM   52   C C   . LEU A 1 42  ? -6.926  3.520   -15.594 1.00 30.78 ? 30  LEU A C   1 
ATOM   53   O O   . LEU A 1 42  ? -7.466  3.538   -14.454 1.00 32.00 ? 30  LEU A O   1 
ATOM   54   C CB  . LEU A 1 42  ? -5.066  1.906   -16.197 1.00 29.47 ? 30  LEU A CB  1 
ATOM   55   C CG  . LEU A 1 42  ? -4.690  0.450   -16.453 1.00 30.17 ? 30  LEU A CG  1 
ATOM   56   C CD1 . LEU A 1 42  ? -3.231  0.352   -16.792 1.00 31.30 ? 30  LEU A CD1 1 
ATOM   57   C CD2 . LEU A 1 42  ? -5.038  -0.444  -15.261 1.00 32.72 ? 30  LEU A CD2 1 
ATOM   58   N N   . ALA A 1 43  ? -6.678  4.603   -16.340 1.00 31.98 ? 31  ALA A N   1 
ATOM   59   C CA  . ALA A 1 43  ? -6.985  5.988   -15.918 1.00 33.52 ? 31  ALA A CA  1 
ATOM   60   C C   . ALA A 1 43  ? -8.482  6.131   -15.697 1.00 32.85 ? 31  ALA A C   1 
ATOM   61   O O   . ALA A 1 43  ? -8.910  6.735   -14.664 1.00 30.06 ? 31  ALA A O   1 
ATOM   62   C CB  . ALA A 1 43  ? -6.458  6.973   -16.934 1.00 36.71 ? 31  ALA A CB  1 
ATOM   63   N N   . THR A 1 44  ? -9.307  5.568   -16.587 1.00 32.41 ? 32  THR A N   1 
ATOM   64   C CA  . THR A 1 44  ? -10.782 5.614   -16.423 1.00 32.52 ? 32  THR A CA  1 
ATOM   65   C C   . THR A 1 44  ? -11.165 4.908   -15.133 1.00 32.86 ? 32  THR A C   1 
ATOM   66   O O   . THR A 1 44  ? -11.982 5.479   -14.391 1.00 36.15 ? 32  THR A O   1 
ATOM   67   C CB  . THR A 1 44  ? -11.566 5.015   -17.600 1.00 30.77 ? 32  THR A CB  1 
ATOM   68   O OG1 . THR A 1 44  ? -11.190 5.776   -18.736 1.00 34.70 ? 32  THR A OG1 1 
ATOM   69   C CG2 . THR A 1 44  ? -13.067 5.065   -17.435 1.00 35.65 ? 32  THR A CG2 1 
ATOM   70   N N   . ALA A 1 45  ? -10.671 3.684   -14.907 1.00 31.69 ? 33  ALA A N   1 
ATOM   71   C CA  . ALA A 1 45  ? -11.017 2.860   -13.726 1.00 31.02 ? 33  ALA A CA  1 
ATOM   72   C C   . ALA A 1 45  ? -10.647 3.623   -12.427 1.00 29.37 ? 33  ALA A C   1 
ATOM   73   O O   . ALA A 1 45  ? -11.513 3.746   -11.533 1.00 32.54 ? 33  ALA A O   1 
ATOM   74   C CB  . ALA A 1 45  ? -10.297 1.541   -13.827 1.00 31.29 ? 33  ALA A CB  1 
ATOM   75   N N   . GLU A 1 46  ? -9.453  4.205   -12.384 1.00 31.63 ? 34  GLU A N   1 
ATOM   76   C CA  . GLU A 1 46  ? -8.980  4.977   -11.200 1.00 33.82 ? 34  GLU A CA  1 
ATOM   77   C C   . GLU A 1 46  ? -9.947  6.157   -10.951 1.00 38.42 ? 34  GLU A C   1 
ATOM   78   O O   . GLU A 1 46  ? -10.414 6.338   -9.792  1.00 34.51 ? 34  GLU A O   1 
ATOM   79   C CB  . GLU A 1 46  ? -7.522  5.406   -11.351 1.00 35.83 ? 34  GLU A CB  1 
ATOM   80   C CG  . GLU A 1 46  ? -6.994  6.012   -10.054 1.00 39.92 ? 34  GLU A CG  1 
ATOM   81   C CD  . GLU A 1 46  ? -5.491  6.078   -9.859  1.00 44.86 ? 34  GLU A CD  1 
ATOM   82   O OE1 . GLU A 1 46  ? -4.759  6.011   -10.867 1.00 41.81 ? 34  GLU A OE1 1 
ATOM   83   O OE2 . GLU A 1 46  ? -5.060  6.202   -8.684  1.00 41.66 ? 34  GLU A OE2 1 
ATOM   84   N N   . ASN A 1 47  ? -10.327 6.874   -12.011 1.00 36.52 ? 35  ASN A N   1 
ATOM   85   C CA  . ASN A 1 47  ? -11.296 7.997   -11.939 1.00 39.95 ? 35  ASN A CA  1 
ATOM   86   C C   . ASN A 1 47  ? -12.640 7.527   -11.407 1.00 37.81 ? 35  ASN A C   1 
ATOM   87   O O   . ASN A 1 47  ? -13.180 8.187   -10.508 1.00 41.95 ? 35  ASN A O   1 
ATOM   88   C CB  . ASN A 1 47  ? -11.476 8.697   -13.281 1.00 47.89 ? 35  ASN A CB  1 
ATOM   89   C CG  . ASN A 1 47  ? -10.511 9.846   -13.401 1.00 56.59 ? 35  ASN A CG  1 
ATOM   90   O OD1 . ASN A 1 47  ? -10.903 10.990  -13.196 1.00 75.16 ? 35  ASN A OD1 1 
ATOM   91   N ND2 . ASN A 1 47  ? -9.245  9.551   -13.644 1.00 61.13 ? 35  ASN A ND2 1 
ATOM   92   N N   . LEU A 1 48  ? -13.176 6.436   -11.929 1.00 37.48 ? 36  LEU A N   1 
ATOM   93   C CA  . LEU A 1 48  ? -14.519 5.969   -11.544 1.00 38.66 ? 36  LEU A CA  1 
ATOM   94   C C   . LEU A 1 48  ? -14.479 5.411   -10.120 1.00 42.57 ? 36  LEU A C   1 
ATOM   95   O O   . LEU A 1 48  ? -15.499 5.518   -9.448  1.00 38.98 ? 36  LEU A O   1 
ATOM   96   C CB  . LEU A 1 48  ? -14.999 4.910   -12.534 1.00 43.04 ? 36  LEU A CB  1 
ATOM   97   C CG  . LEU A 1 48  ? -15.274 5.430   -13.945 1.00 47.20 ? 36  LEU A CG  1 
ATOM   98   C CD1 . LEU A 1 48  ? -15.822 4.304   -14.815 1.00 48.20 ? 36  LEU A CD1 1 
ATOM   99   C CD2 . LEU A 1 48  ? -16.222 6.629   -13.903 1.00 45.92 ? 36  LEU A CD2 1 
ATOM   100  N N   . LEU A 1 49  ? -13.366 4.798   -9.702  1.00 39.90 ? 37  LEU A N   1 
ATOM   101  C CA  . LEU A 1 49  ? -13.249 4.236   -8.335  1.00 37.99 ? 37  LEU A CA  1 
ATOM   102  C C   . LEU A 1 49  ? -13.258 5.389   -7.326  1.00 36.91 ? 37  LEU A C   1 
ATOM   103  O O   . LEU A 1 49  ? -13.510 5.108   -6.145  1.00 34.90 ? 37  LEU A O   1 
ATOM   104  C CB  . LEU A 1 49  ? -11.997 3.367   -8.221  1.00 37.77 ? 37  LEU A CB  1 
ATOM   105  C CG  . LEU A 1 49  ? -12.134 1.976   -8.837  1.00 36.77 ? 37  LEU A CG  1 
ATOM   106  C CD1 . LEU A 1 49  ? -10.786 1.323   -9.025  1.00 34.79 ? 37  LEU A CD1 1 
ATOM   107  C CD2 . LEU A 1 49  ? -13.065 1.081   -8.032  1.00 35.80 ? 37  LEU A CD2 1 
ATOM   108  N N   . GLU A 1 50  ? -12.973 6.621   -7.752  1.00 43.16 ? 38  GLU A N   1 
ATOM   109  C CA  . GLU A 1 50  ? -13.028 7.809   -6.854  1.00 49.77 ? 38  GLU A CA  1 
ATOM   110  C C   . GLU A 1 50  ? -14.487 8.058   -6.458  1.00 54.91 ? 38  GLU A C   1 
ATOM   111  O O   . GLU A 1 50  ? -14.693 8.545   -5.362  1.00 48.83 ? 38  GLU A O   1 
ATOM   112  C CB  . GLU A 1 50  ? -12.342 9.025   -7.483  1.00 55.08 ? 38  GLU A CB  1 
ATOM   113  C CG  . GLU A 1 50  ? -10.901 9.211   -7.003  1.00 63.98 ? 38  GLU A CG  1 
ATOM   114  C CD  . GLU A 1 50  ? -9.876  9.604   -8.058  1.00 72.08 ? 38  GLU A CD  1 
ATOM   115  O OE1 . GLU A 1 50  ? -10.118 10.592  -8.781  1.00 69.38 ? 38  GLU A OE1 1 
ATOM   116  O OE2 . GLU A 1 50  ? -8.843  8.904   -8.170  1.00 71.19 ? 38  GLU A OE2 1 
ATOM   117  N N   . ASP A 1 51  ? -15.453 7.643   -7.285  1.00 60.53 ? 39  ASP A N   1 
ATOM   118  C CA  . ASP A 1 51  ? -16.893 7.971   -7.115  1.00 61.49 ? 39  ASP A CA  1 
ATOM   119  C C   . ASP A 1 51  ? -17.694 6.758   -6.636  1.00 56.91 ? 39  ASP A C   1 
ATOM   120  O O   . ASP A 1 51  ? -18.728 6.980   -6.042  1.00 55.74 ? 39  ASP A O   1 
ATOM   121  C CB  . ASP A 1 51  ? -17.492 8.516   -8.413  1.00 67.95 ? 39  ASP A CB  1 
ATOM   122  C CG  . ASP A 1 51  ? -17.320 10.018  -8.564  1.00 78.32 ? 39  ASP A CG  1 
ATOM   123  O OD1 . ASP A 1 51  ? -16.653 10.621  -7.701  1.00 78.79 ? 39  ASP A OD1 1 
ATOM   124  O OD2 . ASP A 1 51  ? -17.868 10.578  -9.536  1.00 96.43 ? 39  ASP A OD2 1 
ATOM   125  N N   . ARG A 1 52  ? -17.275 5.523   -6.901  1.00 51.24 ? 40  ARG A N   1 
ATOM   126  C CA  . ARG A 1 52  ? -18.122 4.354   -6.582  1.00 47.28 ? 40  ARG A CA  1 
ATOM   127  C C   . ARG A 1 52  ? -17.286 3.090   -6.585  1.00 43.94 ? 40  ARG A C   1 
ATOM   128  O O   . ARG A 1 52  ? -16.182 3.074   -7.135  1.00 43.90 ? 40  ARG A O   1 
ATOM   129  C CB  . ARG A 1 52  ? -19.277 4.249   -7.584  1.00 57.94 ? 40  ARG A CB  1 
ATOM   130  C CG  . ARG A 1 52  ? -18.916 4.540   -9.038  1.00 58.68 ? 40  ARG A CG  1 
ATOM   131  C CD  . ARG A 1 52  ? -20.195 4.666   -9.865  1.00 64.46 ? 40  ARG A CD  1 
ATOM   132  N NE  . ARG A 1 52  ? -20.144 3.915   -11.115 1.00 60.60 ? 40  ARG A NE  1 
ATOM   133  C CZ  . ARG A 1 52  ? -19.929 4.437   -12.321 1.00 58.46 ? 40  ARG A CZ  1 
ATOM   134  N NH1 . ARG A 1 52  ? -19.739 5.734   -12.477 1.00 61.36 ? 40  ARG A NH1 1 
ATOM   135  N NH2 . ARG A 1 52  ? -19.889 3.646   -13.374 1.00 58.49 ? 40  ARG A NH2 1 
ATOM   136  N N   . PRO A 1 53  ? -17.817 2.013   -5.972  1.00 44.95 ? 41  PRO A N   1 
ATOM   137  C CA  . PRO A 1 53  ? -17.138 0.717   -5.898  1.00 45.25 ? 41  PRO A CA  1 
ATOM   138  C C   . PRO A 1 53  ? -17.015 -0.014  -7.242  1.00 50.01 ? 41  PRO A C   1 
ATOM   139  O O   . PRO A 1 53  ? -17.827 0.265   -8.123  1.00 50.17 ? 41  PRO A O   1 
ATOM   140  C CB  . PRO A 1 53  ? -18.068 -0.152  -5.031  1.00 44.48 ? 41  PRO A CB  1 
ATOM   141  C CG  . PRO A 1 53  ? -18.968 0.828   -4.336  1.00 47.23 ? 41  PRO A CG  1 
ATOM   142  C CD  . PRO A 1 53  ? -19.121 1.994   -5.290  1.00 46.49 ? 41  PRO A CD  1 
ATOM   143  N N   . LEU A 1 54  ? -16.087 -0.976  -7.329  1.00 45.62 ? 42  LEU A N   1 
ATOM   144  C CA  . LEU A 1 54  ? -15.900 -1.827  -8.531  1.00 52.53 ? 42  LEU A CA  1 
ATOM   145  C C   . LEU A 1 54  ? -17.249 -2.451  -8.929  1.00 56.45 ? 42  LEU A C   1 
ATOM   146  O O   . LEU A 1 54  ? -17.617 -2.319  -10.099 1.00 53.18 ? 42  LEU A O   1 
ATOM   147  C CB  . LEU A 1 54  ? -14.835 -2.899  -8.285  1.00 49.58 ? 42  LEU A CB  1 
ATOM   148  C CG  . LEU A 1 54  ? -14.245 -3.513  -9.558  1.00 49.41 ? 42  LEU A CG  1 
ATOM   149  C CD1 . LEU A 1 54  ? -13.622 -2.458  -10.471 1.00 50.24 ? 42  LEU A CD1 1 
ATOM   150  C CD2 . LEU A 1 54  ? -13.223 -4.596  -9.242  1.00 52.24 ? 42  LEU A CD2 1 
ATOM   151  N N   . ALA A 1 55  ? -17.977 -3.041  -7.975  1.00 59.46 ? 43  ALA A N   1 
ATOM   152  C CA  . ALA A 1 55  ? -19.327 -3.641  -8.151  1.00 56.12 ? 43  ALA A CA  1 
ATOM   153  C C   . ALA A 1 55  ? -20.273 -2.699  -8.906  1.00 57.10 ? 43  ALA A C   1 
ATOM   154  O O   . ALA A 1 55  ? -21.193 -3.211  -9.553  1.00 64.93 ? 43  ALA A O   1 
ATOM   155  C CB  . ALA A 1 55  ? -19.914 -4.007  -6.807  1.00 54.98 ? 43  ALA A CB  1 
ATOM   156  N N   . ASP A 1 56  ? -20.080 -1.381  -8.827  1.00 55.88 ? 44  ASP A N   1 
ATOM   157  C CA  . ASP A 1 56  ? -21.003 -0.386  -9.428  1.00 53.19 ? 44  ASP A CA  1 
ATOM   158  C C   . ASP A 1 56  ? -20.390 0.168   -10.705 1.00 47.56 ? 44  ASP A C   1 
ATOM   159  O O   . ASP A 1 56  ? -20.922 1.149   -11.234 1.00 47.30 ? 44  ASP A O   1 
ATOM   160  C CB  . ASP A 1 56  ? -21.346 0.729   -8.442  1.00 60.07 ? 44  ASP A CB  1 
ATOM   161  C CG  . ASP A 1 56  ? -22.240 0.266   -7.303  1.00 68.04 ? 44  ASP A CG  1 
ATOM   162  O OD1 . ASP A 1 56  ? -22.242 -0.953  -7.014  1.00 74.83 ? 44  ASP A OD1 1 
ATOM   163  O OD2 . ASP A 1 56  ? -22.933 1.127   -6.721  1.00 68.41 ? 44  ASP A OD2 1 
ATOM   164  N N   . ILE A 1 57  ? -19.297 -0.434  -11.168 1.00 50.51 ? 45  ILE A N   1 
ATOM   165  C CA  . ILE A 1 57  ? -18.616 -0.035  -12.428 1.00 49.64 ? 45  ILE A CA  1 
ATOM   166  C C   . ILE A 1 57  ? -18.714 -1.239  -13.367 1.00 50.45 ? 45  ILE A C   1 
ATOM   167  O O   . ILE A 1 57  ? -18.299 -2.358  -12.970 1.00 55.18 ? 45  ILE A O   1 
ATOM   168  C CB  . ILE A 1 57  ? -17.168 0.425   -12.150 1.00 47.43 ? 45  ILE A CB  1 
ATOM   169  C CG1 . ILE A 1 57  ? -17.113 1.641   -11.217 1.00 43.84 ? 45  ILE A CG1 1 
ATOM   170  C CG2 . ILE A 1 57  ? -16.418 0.701   -13.444 1.00 47.11 ? 45  ILE A CG2 1 
ATOM   171  C CD1 . ILE A 1 57  ? -15.735 1.910   -10.656 1.00 41.21 ? 45  ILE A CD1 1 
ATOM   172  N N   . SER A 1 58  ? -19.289 -1.028  -14.550 1.00 57.84 ? 46  SER A N   1 
ATOM   173  C CA  . SER A 1 58  ? -19.440 -2.062  -15.610 1.00 56.97 ? 46  SER A CA  1 
ATOM   174  C C   . SER A 1 58  ? -18.228 -2.016  -16.552 1.00 51.93 ? 46  SER A C   1 
ATOM   175  O O   . SER A 1 58  ? -17.619 -0.915  -16.701 1.00 45.05 ? 46  SER A O   1 
ATOM   176  C CB  . SER A 1 58  ? -20.747 -1.867  -16.366 1.00 53.80 ? 46  SER A CB  1 
ATOM   177  O OG  . SER A 1 58  ? -20.744 -0.623  -17.056 1.00 54.82 ? 46  SER A OG  1 
ATOM   178  N N   . VAL A 1 59  ? -17.930 -3.140  -17.218 1.00 53.54 ? 47  VAL A N   1 
ATOM   179  C CA  . VAL A 1 59  ? -16.944 -3.190  -18.345 1.00 49.85 ? 47  VAL A CA  1 
ATOM   180  C C   . VAL A 1 59  ? -17.327 -2.119  -19.368 1.00 41.16 ? 47  VAL A C   1 
ATOM   181  O O   . VAL A 1 59  ? -16.430 -1.475  -19.924 1.00 45.02 ? 47  VAL A O   1 
ATOM   182  C CB  . VAL A 1 59  ? -16.845 -4.588  -18.983 1.00 46.20 ? 47  VAL A CB  1 
ATOM   183  C CG1 . VAL A 1 59  ? -16.084 -4.557  -20.294 1.00 45.68 ? 47  VAL A CG1 1 
ATOM   184  C CG2 . VAL A 1 59  ? -16.196 -5.580  -18.034 1.00 50.28 ? 47  VAL A CG2 1 
ATOM   185  N N   . ASP A 1 60  ? -18.626 -1.925  -19.594 1.00 57.79 ? 48  ASP A N   1 
ATOM   186  C CA  . ASP A 1 60  ? -19.165 -0.916  -20.545 1.00 53.68 ? 48  ASP A CA  1 
ATOM   187  C C   . ASP A 1 60  ? -18.800 0.486   -20.048 1.00 51.36 ? 48  ASP A C   1 
ATOM   188  O O   . ASP A 1 60  ? -18.403 1.338   -20.899 1.00 47.38 ? 48  ASP A O   1 
ATOM   189  C CB  . ASP A 1 60  ? -20.669 -1.129  -20.788 1.00 60.55 ? 48  ASP A CB  1 
ATOM   190  C CG  . ASP A 1 60  ? -21.025 -2.497  -21.384 1.00 65.51 ? 48  ASP A CG  1 
ATOM   191  O OD1 . ASP A 1 60  ? -20.346 -2.962  -22.365 1.00 59.39 ? 48  ASP A OD1 1 
ATOM   192  O OD2 . ASP A 1 60  ? -21.971 -3.110  -20.860 1.00 73.29 ? 48  ASP A OD2 1 
ATOM   193  N N   . ASP A 1 61  ? -18.887 0.729   -18.731 1.00 53.92 ? 49  ASP A N   1 
ATOM   194  C CA  . ASP A 1 61  ? -18.416 2.006   -18.120 1.00 50.65 ? 49  ASP A CA  1 
ATOM   195  C C   . ASP A 1 61  ? -16.934 2.214   -18.451 1.00 41.70 ? 49  ASP A C   1 
ATOM   196  O O   . ASP A 1 61  ? -16.551 3.326   -18.883 1.00 44.09 ? 49  ASP A O   1 
ATOM   197  C CB  . ASP A 1 61  ? -18.601 2.047   -16.604 1.00 53.05 ? 49  ASP A CB  1 
ATOM   198  C CG  . ASP A 1 61  ? -20.041 2.052   -16.134 1.00 60.02 ? 49  ASP A CG  1 
ATOM   199  O OD1 . ASP A 1 61  ? -20.847 2.796   -16.723 1.00 58.21 ? 49  ASP A OD1 1 
ATOM   200  O OD2 . ASP A 1 61  ? -20.330 1.315   -15.166 1.00 61.80 ? 49  ASP A OD2 1 
ATOM   201  N N   . LEU A 1 62  ? -16.096 1.191   -18.269 1.00 40.70 ? 50  LEU A N   1 
ATOM   202  C CA  . LEU A 1 62  ? -14.634 1.359   -18.512 1.00 37.48 ? 50  LEU A CA  1 
ATOM   203  C C   . LEU A 1 62  ? -14.349 1.569   -20.001 1.00 36.48 ? 50  LEU A C   1 
ATOM   204  O O   . LEU A 1 62  ? -13.488 2.399   -20.351 1.00 37.19 ? 50  LEU A O   1 
ATOM   205  C CB  . LEU A 1 62  ? -13.916 0.126   -17.981 1.00 38.29 ? 50  LEU A CB  1 
ATOM   206  C CG  . LEU A 1 62  ? -13.990 -0.033  -16.461 1.00 39.74 ? 50  LEU A CG  1 
ATOM   207  C CD1 . LEU A 1 62  ? -13.579 -1.434  -16.057 1.00 40.98 ? 50  LEU A CD1 1 
ATOM   208  C CD2 . LEU A 1 62  ? -13.153 1.043   -15.768 1.00 44.28 ? 50  LEU A CD2 1 
ATOM   209  N N   . ALA A 1 63  ? -15.022 0.788   -20.858 1.00 40.86 ? 51  ALA A N   1 
ATOM   210  C CA  . ALA A 1 63  ? -14.927 0.932   -22.331 1.00 41.18 ? 51  ALA A CA  1 
ATOM   211  C C   . ALA A 1 63  ? -15.354 2.353   -22.706 1.00 37.41 ? 51  ALA A C   1 
ATOM   212  O O   . ALA A 1 63  ? -14.575 3.065   -23.385 1.00 33.87 ? 51  ALA A O   1 
ATOM   213  C CB  . ALA A 1 63  ? -15.781 -0.116  -22.998 1.00 42.65 ? 51  ALA A CB  1 
ATOM   214  N N   . LYS A 1 64  ? -16.518 2.790   -22.232 1.00 43.46 ? 52  LYS A N   1 
ATOM   215  C CA  . LYS A 1 64  ? -17.036 4.123   -22.650 1.00 49.80 ? 52  LYS A CA  1 
ATOM   216  C C   . LYS A 1 64  ? -16.003 5.174   -22.230 1.00 50.59 ? 52  LYS A C   1 
ATOM   217  O O   . LYS A 1 64  ? -15.512 5.926   -23.099 1.00 39.38 ? 52  LYS A O   1 
ATOM   218  C CB  . LYS A 1 64  ? -18.427 4.368   -22.059 1.00 62.46 ? 52  LYS A CB  1 
ATOM   219  C CG  . LYS A 1 64  ? -19.072 5.693   -22.445 1.00 70.04 ? 52  LYS A CG  1 
ATOM   220  C CD  . LYS A 1 64  ? -20.256 6.070   -21.558 1.00 77.51 ? 52  LYS A CD  1 
ATOM   221  C CE  . LYS A 1 64  ? -20.530 7.562   -21.535 1.00 77.38 ? 52  LYS A CE  1 
ATOM   222  N NZ  . LYS A 1 64  ? -21.116 7.992   -20.242 1.00 80.76 ? 52  LYS A NZ  1 
ATOM   223  N N   . GLY A 1 65  ? -15.604 5.166   -20.945 1.00 48.86 ? 53  GLY A N   1 
ATOM   224  C CA  . GLY A 1 65  ? -14.625 6.134   -20.430 1.00 40.13 ? 53  GLY A CA  1 
ATOM   225  C C   . GLY A 1 65  ? -13.340 6.137   -21.226 1.00 38.19 ? 53  GLY A C   1 
ATOM   226  O O   . GLY A 1 65  ? -12.752 7.189   -21.383 1.00 40.41 ? 53  GLY A O   1 
ATOM   227  N N   . ALA A 1 66  ? -12.887 4.993   -21.719 1.00 35.98 ? 54  ALA A N   1 
ATOM   228  C CA  . ALA A 1 66  ? -11.609 4.861   -22.458 1.00 36.69 ? 54  ALA A CA  1 
ATOM   229  C C   . ALA A 1 66  ? -11.798 5.077   -23.966 1.00 35.70 ? 54  ALA A C   1 
ATOM   230  O O   . ALA A 1 66  ? -10.787 5.049   -24.653 1.00 37.84 ? 54  ALA A O   1 
ATOM   231  C CB  . ALA A 1 66  ? -11.012 3.492   -22.192 1.00 39.83 ? 54  ALA A CB  1 
ATOM   232  N N   . GLY A 1 67  ? -13.027 5.340   -24.421 1.00 42.08 ? 55  GLY A N   1 
ATOM   233  C CA  . GLY A 1 67  ? -13.348 5.617   -25.844 1.00 42.66 ? 55  GLY A CA  1 
ATOM   234  C C   . GLY A 1 67  ? -13.152 4.391   -26.735 1.00 37.71 ? 55  GLY A C   1 
ATOM   235  O O   . GLY A 1 67  ? -12.593 4.535   -27.826 1.00 38.65 ? 55  GLY A O   1 
ATOM   236  N N   . ILE A 1 68  ? -13.527 3.205   -26.258 1.00 39.10 ? 56  ILE A N   1 
ATOM   237  C CA  . ILE A 1 68  ? -13.322 1.916   -26.988 1.00 35.39 ? 56  ILE A CA  1 
ATOM   238  C C   . ILE A 1 68  ? -14.600 1.138   -26.840 1.00 33.87 ? 56  ILE A C   1 
ATOM   239  O O   . ILE A 1 68  ? -15.400 1.457   -25.939 1.00 35.21 ? 56  ILE A O   1 
ATOM   240  C CB  . ILE A 1 68  ? -12.112 1.104   -26.462 1.00 33.17 ? 56  ILE A CB  1 
ATOM   241  C CG1 . ILE A 1 68  ? -12.287 0.699   -24.989 1.00 34.02 ? 56  ILE A CG1 1 
ATOM   242  C CG2 . ILE A 1 68  ? -10.831 1.863   -26.696 1.00 34.92 ? 56  ILE A CG2 1 
ATOM   243  C CD1 . ILE A 1 68  ? -11.120 -0.100  -24.409 1.00 35.51 ? 56  ILE A CD1 1 
ATOM   244  N N   . SER A 1 69  ? -14.773 0.096   -27.659 1.00 34.84 ? 57  SER A N   1 
ATOM   245  C CA  . SER A 1 69  ? -15.912 -0.835  -27.513 1.00 31.02 ? 57  SER A CA  1 
ATOM   246  C C   . SER A 1 69  ? -15.656 -1.807  -26.360 1.00 33.69 ? 57  SER A C   1 
ATOM   247  O O   . SER A 1 69  ? -14.498 -1.995  -25.947 1.00 30.67 ? 57  SER A O   1 
ATOM   248  C CB  . SER A 1 69  ? -16.163 -1.581  -28.808 1.00 33.43 ? 57  SER A CB  1 
ATOM   249  O OG  . SER A 1 69  ? -15.052 -2.410  -29.105 1.00 26.77 ? 57  SER A OG  1 
ATOM   250  N N   . ARG A 1 70  ? -16.723 -2.455  -25.927 1.00 30.72 ? 58  ARG A N   1 
ATOM   251  C CA  . ARG A 1 70  ? -16.705 -3.632  -25.045 1.00 37.42 ? 58  ARG A CA  1 
ATOM   252  C C   . ARG A 1 70  ? -15.762 -4.724  -25.558 1.00 38.10 ? 58  ARG A C   1 
ATOM   253  O O   . ARG A 1 70  ? -14.892 -5.157  -24.803 1.00 28.16 ? 58  ARG A O   1 
ATOM   254  C CB  . ARG A 1 70  ? -18.158 -4.055  -24.825 1.00 45.34 ? 58  ARG A CB  1 
ATOM   255  C CG  . ARG A 1 70  ? -18.339 -5.209  -23.855 1.00 49.84 ? 58  ARG A CG  1 
ATOM   256  C CD  . ARG A 1 70  ? -19.760 -5.759  -23.859 1.00 55.83 ? 58  ARG A CD  1 
ATOM   257  N NE  . ARG A 1 70  ? -19.734 -7.007  -23.119 1.00 60.01 ? 58  ARG A NE  1 
ATOM   258  C CZ  . ARG A 1 70  ? -19.809 -7.107  -21.789 1.00 68.67 ? 58  ARG A CZ  1 
ATOM   259  N NH1 . ARG A 1 70  ? -19.731 -8.298  -21.213 1.00 69.21 ? 58  ARG A NH1 1 
ATOM   260  N NH2 . ARG A 1 70  ? -19.981 -6.028  -21.042 1.00 59.16 ? 58  ARG A NH2 1 
ATOM   261  N N   . PRO A 1 71  ? -15.859 -5.289  -26.801 1.00 33.71 ? 59  PRO A N   1 
ATOM   262  C CA  . PRO A 1 71  ? -14.868 -6.290  -27.216 1.00 29.65 ? 59  PRO A CA  1 
ATOM   263  C C   . PRO A 1 71  ? -13.424 -5.788  -27.290 1.00 24.87 ? 59  PRO A C   1 
ATOM   264  O O   . PRO A 1 71  ? -12.471 -6.576  -27.040 1.00 27.62 ? 59  PRO A O   1 
ATOM   265  C CB  . PRO A 1 71  ? -15.365 -6.742  -28.616 1.00 27.49 ? 59  PRO A CB  1 
ATOM   266  C CG  . PRO A 1 71  ? -16.218 -5.607  -29.033 1.00 26.16 ? 59  PRO A CG  1 
ATOM   267  C CD  . PRO A 1 71  ? -16.947 -5.133  -27.786 1.00 31.94 ? 59  PRO A CD  1 
ATOM   268  N N   . THR A 1 72  ? -13.236 -4.513  -27.617 1.00 23.53 ? 60  THR A N   1 
ATOM   269  C CA  . THR A 1 72  ? -11.865 -3.957  -27.648 1.00 27.28 ? 60  THR A CA  1 
ATOM   270  C C   . THR A 1 72  ? -11.328 -3.985  -26.199 1.00 25.26 ? 60  THR A C   1 
ATOM   271  O O   . THR A 1 72  ? -10.137 -4.348  -26.013 1.00 29.07 ? 60  THR A O   1 
ATOM   272  C CB  . THR A 1 72  ? -11.787 -2.605  -28.382 1.00 29.08 ? 60  THR A CB  1 
ATOM   273  O OG1 . THR A 1 72  ? -12.082 -2.762  -29.780 1.00 28.19 ? 60  THR A OG1 1 
ATOM   274  C CG2 . THR A 1 72  ? -10.393 -2.012  -28.294 1.00 29.48 ? 60  THR A CG2 1 
ATOM   275  N N   . PHE A 1 73  ? -12.147 -3.637  -25.222 1.00 29.55 ? 61  PHE A N   1 
ATOM   276  C CA  . PHE A 1 73  ? -11.761 -3.699  -23.780 1.00 30.12 ? 61  PHE A CA  1 
ATOM   277  C C   . PHE A 1 73  ? -11.174 -5.079  -23.476 1.00 37.27 ? 61  PHE A C   1 
ATOM   278  O O   . PHE A 1 73  ? -10.032 -5.189  -22.925 1.00 30.81 ? 61  PHE A O   1 
ATOM   279  C CB  . PHE A 1 73  ? -12.976 -3.500  -22.878 1.00 32.41 ? 61  PHE A CB  1 
ATOM   280  C CG  . PHE A 1 73  ? -12.709 -3.763  -21.408 1.00 31.89 ? 61  PHE A CG  1 
ATOM   281  C CD1 . PHE A 1 73  ? -12.243 -2.754  -20.575 1.00 37.05 ? 61  PHE A CD1 1 
ATOM   282  C CD2 . PHE A 1 73  ? -12.887 -5.028  -20.857 1.00 31.94 ? 61  PHE A CD2 1 
ATOM   283  C CE1 . PHE A 1 73  ? -12.020 -2.994  -19.221 1.00 33.68 ? 61  PHE A CE1 1 
ATOM   284  C CE2 . PHE A 1 73  ? -12.651 -5.271  -19.510 1.00 36.29 ? 61  PHE A CE2 1 
ATOM   285  C CZ  . PHE A 1 73  ? -12.232 -4.245  -18.686 1.00 33.87 ? 61  PHE A CZ  1 
ATOM   286  N N   . TYR A 1 74  ? -11.914 -6.118  -23.892 1.00 35.19 ? 62  TYR A N   1 
ATOM   287  C CA  . TYR A 1 74  ? -11.635 -7.537  -23.548 1.00 37.61 ? 62  TYR A CA  1 
ATOM   288  C C   . TYR A 1 74  ? -10.368 -8.001  -24.225 1.00 33.45 ? 62  TYR A C   1 
ATOM   289  O O   . TYR A 1 74  ? -9.819  -9.003  -23.810 1.00 36.06 ? 62  TYR A O   1 
ATOM   290  C CB  . TYR A 1 74  ? -12.792 -8.463  -23.903 1.00 37.07 ? 62  TYR A CB  1 
ATOM   291  C CG  . TYR A 1 74  ? -13.915 -8.421  -22.909 1.00 41.10 ? 62  TYR A CG  1 
ATOM   292  C CD1 . TYR A 1 74  ? -13.715 -8.779  -21.587 1.00 37.40 ? 62  TYR A CD1 1 
ATOM   293  C CD2 . TYR A 1 74  ? -15.177 -8.012  -23.291 1.00 44.10 ? 62  TYR A CD2 1 
ATOM   294  C CE1 . TYR A 1 74  ? -14.756 -8.760  -20.681 1.00 35.74 ? 62  TYR A CE1 1 
ATOM   295  C CE2 . TYR A 1 74  ? -16.222 -7.962  -22.383 1.00 48.96 ? 62  TYR A CE2 1 
ATOM   296  C CZ  . TYR A 1 74  ? -16.011 -8.350  -21.075 1.00 44.40 ? 62  TYR A CZ  1 
ATOM   297  O OH  . TYR A 1 74  ? -17.052 -8.279  -20.199 1.00 42.03 ? 62  TYR A OH  1 
ATOM   298  N N   . PHE A 1 75  ? -9.900  -7.278  -25.220 1.00 32.70 ? 63  PHE A N   1 
ATOM   299  C CA  . PHE A 1 75  ? -8.569  -7.538  -25.788 1.00 35.62 ? 63  PHE A CA  1 
ATOM   300  C C   . PHE A 1 75  ? -7.455  -7.185  -24.787 1.00 41.42 ? 63  PHE A C   1 
ATOM   301  O O   . PHE A 1 75  ? -6.399  -7.802  -24.846 1.00 39.44 ? 63  PHE A O   1 
ATOM   302  C CB  . PHE A 1 75  ? -8.365  -6.709  -27.044 1.00 36.02 ? 63  PHE A CB  1 
ATOM   303  C CG  . PHE A 1 75  ? -7.052  -6.971  -27.724 1.00 36.37 ? 63  PHE A CG  1 
ATOM   304  C CD1 . PHE A 1 75  ? -6.842  -8.166  -28.400 1.00 38.56 ? 63  PHE A CD1 1 
ATOM   305  C CD2 . PHE A 1 75  ? -6.024  -6.045  -27.663 1.00 38.87 ? 63  PHE A CD2 1 
ATOM   306  C CE1 . PHE A 1 75  ? -5.632  -8.417  -29.027 1.00 37.63 ? 63  PHE A CE1 1 
ATOM   307  C CE2 . PHE A 1 75  ? -4.819  -6.284  -28.311 1.00 43.93 ? 63  PHE A CE2 1 
ATOM   308  C CZ  . PHE A 1 75  ? -4.631  -7.466  -28.999 1.00 41.64 ? 63  PHE A CZ  1 
ATOM   309  N N   . TYR A 1 76  ? -7.616  -6.127  -23.986 1.00 40.33 ? 64  TYR A N   1 
ATOM   310  C CA  . TYR A 1 76  ? -6.552  -5.628  -23.064 1.00 37.14 ? 64  TYR A CA  1 
ATOM   311  C C   . TYR A 1 76  ? -6.707  -6.288  -21.688 1.00 37.75 ? 64  TYR A C   1 
ATOM   312  O O   . TYR A 1 76  ? -5.687  -6.510  -21.037 1.00 40.66 ? 64  TYR A O   1 
ATOM   313  C CB  . TYR A 1 76  ? -6.614  -4.097  -22.970 1.00 35.47 ? 64  TYR A CB  1 
ATOM   314  C CG  . TYR A 1 76  ? -6.254  -3.416  -24.254 1.00 33.86 ? 64  TYR A CG  1 
ATOM   315  C CD1 . TYR A 1 76  ? -4.939  -3.372  -24.661 1.00 36.68 ? 64  TYR A CD1 1 
ATOM   316  C CD2 . TYR A 1 76  ? -7.221  -2.942  -25.135 1.00 34.05 ? 64  TYR A CD2 1 
ATOM   317  C CE1 . TYR A 1 76  ? -4.568  -2.774  -25.852 1.00 40.38 ? 64  TYR A CE1 1 
ATOM   318  C CE2 . TYR A 1 76  ? -6.869  -2.363  -26.350 1.00 35.58 ? 64  TYR A CE2 1 
ATOM   319  C CZ  . TYR A 1 76  ? -5.537  -2.287  -26.707 1.00 37.84 ? 64  TYR A CZ  1 
ATOM   320  O OH  . TYR A 1 76  ? -5.134  -1.704  -27.861 1.00 38.16 ? 64  TYR A OH  1 
ATOM   321  N N   . PHE A 1 77  ? -7.926  -6.561  -21.229 1.00 35.62 ? 65  PHE A N   1 
ATOM   322  C CA  . PHE A 1 77  ? -8.182  -7.107  -19.872 1.00 38.37 ? 65  PHE A CA  1 
ATOM   323  C C   . PHE A 1 77  ? -9.271  -8.151  -19.951 1.00 40.87 ? 65  PHE A C   1 
ATOM   324  O O   . PHE A 1 77  ? -10.303 -7.893  -20.588 1.00 38.86 ? 65  PHE A O   1 
ATOM   325  C CB  . PHE A 1 77  ? -8.619  -6.021  -18.867 1.00 38.07 ? 65  PHE A CB  1 
ATOM   326  C CG  . PHE A 1 77  ? -7.536  -5.018  -18.582 1.00 36.10 ? 65  PHE A CG  1 
ATOM   327  C CD1 . PHE A 1 77  ? -6.593  -5.246  -17.576 1.00 36.46 ? 65  PHE A CD1 1 
ATOM   328  C CD2 . PHE A 1 77  ? -7.419  -3.871  -19.349 1.00 34.13 ? 65  PHE A CD2 1 
ATOM   329  C CE1 . PHE A 1 77  ? -5.567  -4.338  -17.354 1.00 34.70 ? 65  PHE A CE1 1 
ATOM   330  C CE2 . PHE A 1 77  ? -6.406  -2.958  -19.107 1.00 35.28 ? 65  PHE A CE2 1 
ATOM   331  C CZ  . PHE A 1 77  ? -5.480  -3.199  -18.121 1.00 34.70 ? 65  PHE A CZ  1 
ATOM   332  N N   . PRO A 1 78  ? -9.066  -9.320  -19.285 1.00 42.93 ? 66  PRO A N   1 
ATOM   333  C CA  . PRO A 1 78  ? -10.105 -10.341 -19.177 1.00 44.94 ? 66  PRO A CA  1 
ATOM   334  C C   . PRO A 1 78  ? -11.324 -9.932  -18.352 1.00 46.65 ? 66  PRO A C   1 
ATOM   335  O O   . PRO A 1 78  ? -12.306 -10.587 -18.516 1.00 49.49 ? 66  PRO A O   1 
ATOM   336  C CB  . PRO A 1 78  ? -9.409  -11.559 -18.546 1.00 50.16 ? 66  PRO A CB  1 
ATOM   337  C CG  . PRO A 1 78  ? -8.125  -11.018 -17.937 1.00 47.20 ? 66  PRO A CG  1 
ATOM   338  C CD  . PRO A 1 78  ? -7.778  -9.764  -18.708 1.00 46.22 ? 66  PRO A CD  1 
ATOM   339  N N   . SER A 1 79  ? -11.262 -8.867  -17.536 1.00 40.35 ? 67  SER A N   1 
ATOM   340  C CA  . SER A 1 79  ? -12.336 -8.487  -16.571 1.00 41.47 ? 67  SER A CA  1 
ATOM   341  C C   . SER A 1 79  ? -12.034 -7.135  -15.907 1.00 39.22 ? 67  SER A C   1 
ATOM   342  O O   . SER A 1 79  ? -10.864 -6.742  -15.905 1.00 34.26 ? 67  SER A O   1 
ATOM   343  C CB  . SER A 1 79  ? -12.420 -9.515  -15.474 1.00 47.58 ? 67  SER A CB  1 
ATOM   344  O OG  . SER A 1 79  ? -11.137 -9.628  -14.874 1.00 47.07 ? 67  SER A OG  1 
ATOM   345  N N   . LYS A 1 80  ? -13.036 -6.518  -15.287 1.00 41.04 ? 68  LYS A N   1 
ATOM   346  C CA  . LYS A 1 80  ? -12.853 -5.261  -14.520 1.00 45.80 ? 68  LYS A CA  1 
ATOM   347  C C   . LYS A 1 80  ? -12.002 -5.582  -13.286 1.00 47.31 ? 68  LYS A C   1 
ATOM   348  O O   . LYS A 1 80  ? -11.242 -4.701  -12.863 1.00 41.75 ? 68  LYS A O   1 
ATOM   349  C CB  . LYS A 1 80  ? -14.204 -4.651  -14.163 1.00 45.29 ? 68  LYS A CB  1 
ATOM   350  C CG  . LYS A 1 80  ? -15.037 -5.478  -13.196 1.00 49.69 ? 68  LYS A CG  1 
ATOM   351  C CD  . LYS A 1 80  ? -16.413 -4.896  -13.010 1.00 47.96 ? 68  LYS A CD  1 
ATOM   352  C CE  . LYS A 1 80  ? -17.168 -5.477  -11.840 1.00 49.01 ? 68  LYS A CE  1 
ATOM   353  N NZ  . LYS A 1 80  ? -18.479 -4.806  -11.713 1.00 50.74 ? 68  LYS A NZ  1 
ATOM   354  N N   . GLU A 1 81  ? -12.065 -6.828  -12.797 1.00 43.24 ? 69  GLU A N   1 
ATOM   355  C CA  . GLU A 1 81  ? -11.274 -7.304  -11.634 1.00 44.58 ? 69  GLU A CA  1 
ATOM   356  C C   . GLU A 1 81  ? -9.807  -7.235  -12.020 1.00 42.76 ? 69  GLU A C   1 
ATOM   357  O O   . GLU A 1 81  ? -9.029  -6.714  -11.234 1.00 43.57 ? 69  GLU A O   1 
ATOM   358  C CB  . GLU A 1 81  ? -11.714 -8.695  -11.160 1.00 42.56 ? 69  GLU A CB  1 
ATOM   359  C CG  . GLU A 1 81  ? -13.073 -8.667  -10.460 1.00 44.99 ? 69  GLU A CG  1 
ATOM   360  C CD  . GLU A 1 81  ? -14.297 -8.723  -11.371 1.00 50.57 ? 69  GLU A CD  1 
ATOM   361  O OE1 . GLU A 1 81  ? -14.144 -9.000  -12.585 1.00 46.47 ? 69  GLU A OE1 1 
ATOM   362  O OE2 . GLU A 1 81  ? -15.397 -8.455  -10.875 1.00 54.19 ? 69  GLU A OE2 1 
ATOM   363  N N   . ALA A 1 82  ? -9.450  -7.616  -13.243 1.00 37.89 ? 70  ALA A N   1 
ATOM   364  C CA  . ALA A 1 82  ? -8.047  -7.612  -13.692 1.00 35.11 ? 70  ALA A CA  1 
ATOM   365  C C   . ALA A 1 82  ? -7.581  -6.166  -13.856 1.00 32.59 ? 70  ALA A C   1 
ATOM   366  O O   . ALA A 1 82  ? -6.368  -5.937  -13.861 1.00 30.73 ? 70  ALA A O   1 
ATOM   367  C CB  . ALA A 1 82  ? -7.871  -8.379  -14.990 1.00 39.38 ? 70  ALA A CB  1 
ATOM   368  N N   . VAL A 1 83  ? -8.497  -5.240  -14.138 1.00 29.51 ? 71  VAL A N   1 
ATOM   369  C CA  . VAL A 1 83  ? -8.109  -3.808  -14.223 1.00 29.67 ? 71  VAL A CA  1 
ATOM   370  C C   . VAL A 1 83  ? -7.641  -3.377  -12.814 1.00 27.41 ? 71  VAL A C   1 
ATOM   371  O O   . VAL A 1 83  ? -6.574  -2.756  -12.734 1.00 27.63 ? 71  VAL A O   1 
ATOM   372  C CB  . VAL A 1 83  ? -9.237  -2.933  -14.789 1.00 30.93 ? 71  VAL A CB  1 
ATOM   373  C CG1 . VAL A 1 83  ? -8.867  -1.450  -14.774 1.00 35.23 ? 71  VAL A CG1 1 
ATOM   374  C CG2 . VAL A 1 83  ? -9.560  -3.367  -16.224 1.00 31.38 ? 71  VAL A CG2 1 
ATOM   375  N N   . LEU A 1 84  ? -8.448  -3.637  -11.798 1.00 30.47 ? 72  LEU A N   1 
ATOM   376  C CA  . LEU A 1 84  ? -8.107  -3.280  -10.384 1.00 33.73 ? 72  LEU A CA  1 
ATOM   377  C C   . LEU A 1 84  ? -6.798  -3.955  -9.973  1.00 34.07 ? 72  LEU A C   1 
ATOM   378  O O   . LEU A 1 84  ? -5.933  -3.285  -9.353  1.00 32.70 ? 72  LEU A O   1 
ATOM   379  C CB  . LEU A 1 84  ? -9.242  -3.685  -9.453  1.00 36.42 ? 72  LEU A CB  1 
ATOM   380  C CG  . LEU A 1 84  ? -9.005  -3.419  -7.967  1.00 34.57 ? 72  LEU A CG  1 
ATOM   381  C CD1 . LEU A 1 84  ? -8.627  -1.966  -7.719  1.00 32.36 ? 72  LEU A CD1 1 
ATOM   382  C CD2 . LEU A 1 84  ? -10.246 -3.779  -7.167  1.00 40.74 ? 72  LEU A CD2 1 
ATOM   383  N N   . LEU A 1 85  ? -6.620  -5.232  -10.312 1.00 33.38 ? 73  LEU A N   1 
ATOM   384  C CA  . LEU A 1 85  ? -5.360  -5.938  -9.991  1.00 36.01 ? 73  LEU A CA  1 
ATOM   385  C C   . LEU A 1 85  ? -4.194  -5.177  -10.597 1.00 34.39 ? 73  LEU A C   1 
ATOM   386  O O   . LEU A 1 85  ? -3.167  -5.042  -9.911  1.00 34.46 ? 73  LEU A O   1 
ATOM   387  C CB  . LEU A 1 85  ? -5.374  -7.396  -10.479 1.00 35.01 ? 73  LEU A CB  1 
ATOM   388  C CG  . LEU A 1 85  ? -4.068  -8.141  -10.233 1.00 39.66 ? 73  LEU A CG  1 
ATOM   389  C CD1 . LEU A 1 85  ? -3.886  -8.382  -8.732  1.00 39.67 ? 73  LEU A CD1 1 
ATOM   390  C CD2 . LEU A 1 85  ? -4.018  -9.459  -11.001 1.00 39.46 ? 73  LEU A CD2 1 
ATOM   391  N N   . THR A 1 86  ? -4.289  -4.730  -11.853 1.00 31.32 ? 74  THR A N   1 
ATOM   392  C CA  . THR A 1 86  ? -3.185  -3.993  -12.503 1.00 27.68 ? 74  THR A CA  1 
ATOM   393  C C   . THR A 1 86  ? -2.994  -2.633  -11.817 1.00 27.22 ? 74  THR A C   1 
ATOM   394  O O   . THR A 1 86  ? -1.826  -2.249  -11.614 1.00 27.75 ? 74  THR A O   1 
ATOM   395  C CB  . THR A 1 86  ? -3.436  -3.784  -14.004 1.00 31.63 ? 74  THR A CB  1 
ATOM   396  O OG1 . THR A 1 86  ? -3.675  -5.086  -14.541 1.00 35.04 ? 74  THR A OG1 1 
ATOM   397  C CG2 . THR A 1 86  ? -2.269  -3.114  -14.676 1.00 32.56 ? 74  THR A CG2 1 
ATOM   398  N N   . LEU A 1 87  ? -4.075  -1.933  -11.476 1.00 26.36 ? 75  LEU A N   1 
ATOM   399  C CA  . LEU A 1 87  ? -3.933  -0.610  -10.782 1.00 29.05 ? 75  LEU A CA  1 
ATOM   400  C C   . LEU A 1 87  ? -3.183  -0.822  -9.454  1.00 26.96 ? 75  LEU A C   1 
ATOM   401  O O   . LEU A 1 87  ? -2.232  -0.073  -9.166  1.00 29.46 ? 75  LEU A O   1 
ATOM   402  C CB  . LEU A 1 87  ? -5.283  0.014   -10.504 1.00 29.79 ? 75  LEU A CB  1 
ATOM   403  C CG  . LEU A 1 87  ? -5.996  0.595   -11.724 1.00 32.65 ? 75  LEU A CG  1 
ATOM   404  C CD1 . LEU A 1 87  ? -7.430  0.934   -11.342 1.00 34.63 ? 75  LEU A CD1 1 
ATOM   405  C CD2 . LEU A 1 87  ? -5.254  1.803   -12.278 1.00 34.07 ? 75  LEU A CD2 1 
ATOM   406  N N   . LEU A 1 88  ? -3.574  -1.834  -8.707  1.00 28.42 ? 76  LEU A N   1 
ATOM   407  C CA  . LEU A 1 88  ? -2.975  -2.086  -7.362  1.00 27.32 ? 76  LEU A CA  1 
ATOM   408  C C   . LEU A 1 88  ? -1.519  -2.494  -7.546  1.00 29.21 ? 76  LEU A C   1 
ATOM   409  O O   . LEU A 1 88  ? -0.657  -1.965  -6.864  1.00 30.25 ? 76  LEU A O   1 
ATOM   410  C CB  . LEU A 1 88  ? -3.788  -3.160  -6.661  1.00 30.73 ? 76  LEU A CB  1 
ATOM   411  C CG  . LEU A 1 88  ? -3.256  -3.554  -5.286  1.00 31.83 ? 76  LEU A CG  1 
ATOM   412  C CD1 . LEU A 1 88  ? -3.305  -2.332  -4.349  1.00 30.85 ? 76  LEU A CD1 1 
ATOM   413  C CD2 . LEU A 1 88  ? -4.081  -4.708  -4.747  1.00 34.08 ? 76  LEU A CD2 1 
ATOM   414  N N   . ASP A 1 89  ? -1.242  -3.368  -8.511  1.00 29.17 ? 77  ASP A N   1 
ATOM   415  C CA  . ASP A 1 89  ? 0.129   -3.777  -8.876  1.00 29.48 ? 77  ASP A CA  1 
ATOM   416  C C   . ASP A 1 89  ? 1.006   -2.554  -9.120  1.00 29.17 ? 77  ASP A C   1 
ATOM   417  O O   . ASP A 1 89  ? 2.140   -2.517  -8.614  1.00 28.16 ? 77  ASP A O   1 
ATOM   418  C CB  . ASP A 1 89  ? 0.105   -4.713  -10.078 1.00 35.36 ? 77  ASP A CB  1 
ATOM   419  C CG  . ASP A 1 89  ? 1.478   -5.238  -10.394 1.00 39.41 ? 77  ASP A CG  1 
ATOM   420  O OD1 . ASP A 1 89  ? 2.223   -4.525  -11.057 1.00 51.55 ? 77  ASP A OD1 1 
ATOM   421  O OD2 . ASP A 1 89  ? 1.804   -6.308  -9.878  1.00 45.28 ? 77  ASP A OD2 1 
ATOM   422  N N   . ARG A 1 90  ? 0.535   -1.583  -9.896  1.00 27.30 ? 78  ARG A N   1 
ATOM   423  C CA  . ARG A 1 90  ? 1.311   -0.352  -10.193 1.00 28.55 ? 78  ARG A CA  1 
ATOM   424  C C   . ARG A 1 90  ? 1.537   0.451   -8.904  1.00 24.37 ? 78  ARG A C   1 
ATOM   425  O O   . ARG A 1 90  ? 2.647   0.942   -8.705  1.00 23.88 ? 78  ARG A O   1 
ATOM   426  C CB  . ARG A 1 90  ? 0.570   0.513   -11.222 1.00 33.54 ? 78  ARG A CB  1 
ATOM   427  C CG  . ARG A 1 90  ? 0.436   -0.145  -12.593 1.00 46.98 ? 78  ARG A CG  1 
ATOM   428  C CD  . ARG A 1 90  ? -0.679  0.504   -13.412 1.00 57.78 ? 78  ARG A CD  1 
ATOM   429  N NE  . ARG A 1 90  ? -0.404  1.908   -13.737 1.00 64.17 ? 78  ARG A NE  1 
ATOM   430  C CZ  . ARG A 1 90  ? 0.402   2.303   -14.720 1.00 69.00 ? 78  ARG A CZ  1 
ATOM   431  N NH1 . ARG A 1 90  ? 0.599   3.590   -14.941 1.00 69.74 ? 78  ARG A NH1 1 
ATOM   432  N NH2 . ARG A 1 90  ? 1.016   1.407   -15.474 1.00 68.59 ? 78  ARG A NH2 1 
ATOM   433  N N   . VAL A 1 91  ? 0.521   0.597   -8.068  1.00 25.76 ? 79  VAL A N   1 
ATOM   434  C CA  . VAL A 1 91  ? 0.658   1.435   -6.822  1.00 27.23 ? 79  VAL A CA  1 
ATOM   435  C C   . VAL A 1 91  ? 1.626   0.754   -5.840  1.00 27.01 ? 79  VAL A C   1 
ATOM   436  O O   . VAL A 1 91  ? 2.541   1.404   -5.325  1.00 25.30 ? 79  VAL A O   1 
ATOM   437  C CB  . VAL A 1 91  ? -0.691  1.770   -6.166  1.00 28.25 ? 79  VAL A CB  1 
ATOM   438  C CG1 . VAL A 1 91  ? -0.498  2.556   -4.873  1.00 30.58 ? 79  VAL A CG1 1 
ATOM   439  C CG2 . VAL A 1 91  ? -1.574  2.573   -7.107  1.00 32.52 ? 79  VAL A CG2 1 
ATOM   440  N N   . VAL A 1 92  ? 1.498   -0.544  -5.665  1.00 25.87 ? 80  VAL A N   1 
ATOM   441  C CA  . VAL A 1 92  ? 2.393   -1.339  -4.771  1.00 27.62 ? 80  VAL A CA  1 
ATOM   442  C C   . VAL A 1 92  ? 3.832   -1.261  -5.268  1.00 26.45 ? 80  VAL A C   1 
ATOM   443  O O   . VAL A 1 92  ? 4.773   -1.043  -4.481  1.00 24.68 ? 80  VAL A O   1 
ATOM   444  C CB  . VAL A 1 92  ? 1.822   -2.764  -4.695  1.00 30.54 ? 80  VAL A CB  1 
ATOM   445  C CG1 . VAL A 1 92  ? 2.837   -3.787  -4.263  1.00 37.87 ? 80  VAL A CG1 1 
ATOM   446  C CG2 . VAL A 1 92  ? 0.561   -2.825  -3.852  1.00 30.99 ? 80  VAL A CG2 1 
ATOM   447  N N   . ASN A 1 93  ? 4.045   -1.390  -6.574  1.00 27.88 ? 81  ASN A N   1 
ATOM   448  C CA  . ASN A 1 93  ? 5.406   -1.314  -7.160  1.00 27.16 ? 81  ASN A CA  1 
ATOM   449  C C   . ASN A 1 93  ? 5.978   0.101   -7.043  1.00 25.39 ? 81  ASN A C   1 
ATOM   450  O O   . ASN A 1 93  ? 7.167   0.226   -6.782  1.00 26.19 ? 81  ASN A O   1 
ATOM   451  C CB  . ASN A 1 93  ? 5.417   -1.882  -8.585  1.00 29.55 ? 81  ASN A CB  1 
ATOM   452  C CG  . ASN A 1 93  ? 5.532   -3.393  -8.551  1.00 31.75 ? 81  ASN A CG  1 
ATOM   453  O OD1 . ASN A 1 93  ? 6.625   -3.896  -8.323  1.00 32.69 ? 81  ASN A OD1 1 
ATOM   454  N ND2 . ASN A 1 93  ? 4.418   -4.109  -8.641  1.00 32.24 ? 81  ASN A ND2 1 
ATOM   455  N N   . GLN A 1 94  ? 5.162   1.127   -7.175  1.00 26.92 ? 82  GLN A N   1 
ATOM   456  C CA  . GLN A 1 94  ? 5.618   2.516   -6.982  1.00 27.15 ? 82  GLN A CA  1 
ATOM   457  C C   . GLN A 1 94  ? 6.141   2.698   -5.559  1.00 24.22 ? 82  GLN A C   1 
ATOM   458  O O   . GLN A 1 94  ? 7.166   3.301   -5.355  1.00 21.99 ? 82  GLN A O   1 
ATOM   459  C CB  . GLN A 1 94  ? 4.453   3.467   -7.211  1.00 29.59 ? 82  GLN A CB  1 
ATOM   460  C CG  . GLN A 1 94  ? 4.881   4.918   -7.221  1.00 37.23 ? 82  GLN A CG  1 
ATOM   461  C CD  . GLN A 1 94  ? 3.699   5.797   -7.559  1.00 44.71 ? 82  GLN A CD  1 
ATOM   462  O OE1 . GLN A 1 94  ? 2.748   5.368   -8.207  1.00 52.82 ? 82  GLN A OE1 1 
ATOM   463  N NE2 . GLN A 1 94  ? 3.742   7.027   -7.090  1.00 46.20 ? 82  GLN A NE2 1 
ATOM   464  N N   . ALA A 1 95  ? 5.423   2.178   -4.565  1.00 25.57 ? 83  ALA A N   1 
ATOM   465  C CA  . ALA A 1 95  ? 5.829   2.331   -3.158  1.00 23.76 ? 83  ALA A CA  1 
ATOM   466  C C   . ALA A 1 95  ? 7.126   1.529   -2.980  1.00 23.15 ? 83  ALA A C   1 
ATOM   467  O O   . ALA A 1 95  ? 8.045   2.026   -2.365  1.00 23.62 ? 83  ALA A O   1 
ATOM   468  C CB  . ALA A 1 95  ? 4.710   1.830   -2.260  1.00 26.36 ? 83  ALA A CB  1 
ATOM   469  N N   . ASP A 1 96  ? 7.147   0.296   -3.487  1.00 26.36 ? 84  ASP A N   1 
ATOM   470  C CA  . ASP A 1 96  ? 8.306   -0.599  -3.302  1.00 23.87 ? 84  ASP A CA  1 
ATOM   471  C C   . ASP A 1 96  ? 9.545   0.069   -3.923  1.00 25.99 ? 84  ASP A C   1 
ATOM   472  O O   . ASP A 1 96  ? 10.608  0.060   -3.286  1.00 22.73 ? 84  ASP A O   1 
ATOM   473  C CB  . ASP A 1 96  ? 8.013   -1.982  -3.863  1.00 25.04 ? 84  ASP A CB  1 
ATOM   474  C CG  . ASP A 1 96  ? 9.064   -2.988  -3.445  1.00 31.85 ? 84  ASP A CG  1 
ATOM   475  O OD1 . ASP A 1 96  ? 9.222   -3.208  -2.213  1.00 23.31 ? 84  ASP A OD1 1 
ATOM   476  O OD2 . ASP A 1 96  ? 9.765   -3.502  -4.345  1.00 27.54 ? 84  ASP A OD2 1 
ATOM   477  N N   . MET A 1 97  ? 9.413   0.611   -5.143  1.00 27.54 ? 85  MET A N   1 
ATOM   478  C CA  . MET A 1 97  ? 10.550  1.282   -5.846  1.00 32.84 ? 85  MET A CA  1 
ATOM   479  C C   . MET A 1 97  ? 10.995  2.525   -5.071  1.00 29.39 ? 85  MET A C   1 
ATOM   480  O O   . MET A 1 97  ? 12.193  2.758   -4.958  1.00 27.47 ? 85  MET A O   1 
ATOM   481  C CB  . MET A 1 97  ? 10.195  1.664   -7.290  1.00 34.53 ? 85  MET A CB  1 
ATOM   482  C CG  . MET A 1 97  ? 10.315  0.495   -8.245  1.00 46.83 ? 85  MET A CG  1 
ATOM   483  S SD  . MET A 1 97  ? 9.295   0.724   -9.759  1.00 60.68 ? 85  MET A SD  1 
ATOM   484  C CE  . MET A 1 97  ? 10.508  1.348   -10.925 1.00 61.75 ? 85  MET A CE  1 
ATOM   485  N N   . ALA A 1 98  ? 10.074  3.308   -4.515  1.00 28.23 ? 86  ALA A N   1 
ATOM   486  C CA  . ALA A 1 98  ? 10.443  4.473   -3.683  1.00 27.90 ? 86  ALA A CA  1 
ATOM   487  C C   . ALA A 1 98  ? 11.192  3.989   -2.447  1.00 26.22 ? 86  ALA A C   1 
ATOM   488  O O   . ALA A 1 98  ? 12.200  4.619   -2.112  1.00 24.67 ? 86  ALA A O   1 
ATOM   489  C CB  . ALA A 1 98  ? 9.236   5.301   -3.318  1.00 29.12 ? 86  ALA A CB  1 
ATOM   490  N N   . LEU A 1 99  ? 10.765  2.886   -1.810  1.00 25.58 ? 87  LEU A N   1 
ATOM   491  C CA  . LEU A 1 99  ? 11.470  2.415   -0.586  1.00 26.77 ? 87  LEU A CA  1 
ATOM   492  C C   . LEU A 1 99  ? 12.875  1.901   -0.977  1.00 27.35 ? 87  LEU A C   1 
ATOM   493  O O   . LEU A 1 99  ? 13.804  2.215   -0.257  1.00 25.61 ? 87  LEU A O   1 
ATOM   494  C CB  . LEU A 1 99  ? 10.622  1.345   0.102   1.00 26.62 ? 87  LEU A CB  1 
ATOM   495  C CG  . LEU A 1 99  ? 11.130  0.919   1.473   1.00 31.13 ? 87  LEU A CG  1 
ATOM   496  C CD1 . LEU A 1 99  ? 10.985  2.045   2.482   1.00 34.38 ? 87  LEU A CD1 1 
ATOM   497  C CD2 . LEU A 1 99  ? 10.377  -0.308  1.950   1.00 29.31 ? 87  LEU A CD2 1 
ATOM   498  N N   . GLN A 1 100 ? 13.017  1.201   -2.103  1.00 27.89 ? 88  GLN A N   1 
ATOM   499  C CA  . GLN A 1 100 ? 14.347  0.719   -2.607  1.00 32.68 ? 88  GLN A CA  1 
ATOM   500  C C   . GLN A 1 100 ? 15.275  1.930   -2.829  1.00 28.46 ? 88  GLN A C   1 
ATOM   501  O O   . GLN A 1 100 ? 16.464  1.856   -2.448  1.00 32.46 ? 88  GLN A O   1 
ATOM   502  C CB  . GLN A 1 100 ? 14.158  -0.144  -3.861  1.00 36.88 ? 88  GLN A CB  1 
ATOM   503  C CG  . GLN A 1 100 ? 15.437  -0.788  -4.398  1.00 50.63 ? 88  GLN A CG  1 
ATOM   504  C CD  . GLN A 1 100 ? 16.215  -1.583  -3.373  1.00 54.87 ? 88  GLN A CD  1 
ATOM   505  O OE1 . GLN A 1 100 ? 15.660  -2.397  -2.638  1.00 62.55 ? 88  GLN A OE1 1 
ATOM   506  N NE2 . GLN A 1 100 ? 17.521  -1.364  -3.322  1.00 54.68 ? 88  GLN A NE2 1 
ATOM   507  N N   . THR A 1 101 ? 14.759  3.039   -3.377  1.00 32.03 ? 89  THR A N   1 
ATOM   508  C CA  . THR A 1 101 ? 15.558  4.271   -3.647  1.00 33.49 ? 89  THR A CA  1 
ATOM   509  C C   . THR A 1 101 ? 16.109  4.798   -2.332  1.00 37.72 ? 89  THR A C   1 
ATOM   510  O O   . THR A 1 101 ? 17.314  5.119   -2.239  1.00 38.47 ? 89  THR A O   1 
ATOM   511  C CB  . THR A 1 101 ? 14.711  5.334   -4.354  1.00 39.73 ? 89  THR A CB  1 
ATOM   512  O OG1 . THR A 1 101 ? 14.378  4.825   -5.641  1.00 39.48 ? 89  THR A OG1 1 
ATOM   513  C CG2 . THR A 1 101 ? 15.419  6.659   -4.509  1.00 44.27 ? 89  THR A CG2 1 
ATOM   514  N N   . LEU A 1 102 ? 15.245  4.897   -1.319  1.00 37.63 ? 90  LEU A N   1 
ATOM   515  C CA  . LEU A 1 102 ? 15.665  5.314   0.034   1.00 36.04 ? 90  LEU A CA  1 
ATOM   516  C C   . LEU A 1 102 ? 16.729  4.368   0.593   1.00 36.16 ? 90  LEU A C   1 
ATOM   517  O O   . LEU A 1 102 ? 17.638  4.849   1.249   1.00 35.18 ? 90  LEU A O   1 
ATOM   518  C CB  . LEU A 1 102 ? 14.454  5.311   0.972   1.00 36.05 ? 90  LEU A CB  1 
ATOM   519  C CG  . LEU A 1 102 ? 13.603  6.566   0.984   1.00 43.12 ? 90  LEU A CG  1 
ATOM   520  C CD1 . LEU A 1 102 ? 12.513  6.418   2.043   1.00 41.48 ? 90  LEU A CD1 1 
ATOM   521  C CD2 . LEU A 1 102 ? 14.463  7.798   1.240   1.00 46.09 ? 90  LEU A CD2 1 
ATOM   522  N N   . ALA A 1 103 ? 16.535  3.054   0.471   1.00 39.54 ? 91  ALA A N   1 
ATOM   523  C CA  . ALA A 1 103 ? 17.418  2.044   1.092   1.00 43.93 ? 91  ALA A CA  1 
ATOM   524  C C   . ALA A 1 103 ? 18.836  2.134   0.505   1.00 47.50 ? 91  ALA A C   1 
ATOM   525  O O   . ALA A 1 103 ? 19.761  1.721   1.207   1.00 46.56 ? 91  ALA A O   1 
ATOM   526  C CB  . ALA A 1 103 ? 16.850  0.663   0.875   1.00 43.23 ? 91  ALA A CB  1 
ATOM   527  N N   . GLU A 1 104 ? 18.971  2.599   -0.745  1.00 50.51 ? 92  GLU A N   1 
ATOM   528  C CA  . GLU A 1 104 ? 20.243  2.674   -1.522  1.00 53.83 ? 92  GLU A CA  1 
ATOM   529  C C   . GLU A 1 104 ? 20.926  4.034   -1.320  1.00 55.35 ? 92  GLU A C   1 
ATOM   530  O O   . GLU A 1 104 ? 21.620  4.484   -2.226  1.00 57.17 ? 92  GLU A O   1 
ATOM   531  C CB  . GLU A 1 104 ? 19.958  2.501   -3.017  1.00 53.10 ? 92  GLU A CB  1 
ATOM   532  C CG  . GLU A 1 104 ? 19.477  1.112   -3.415  1.00 59.00 ? 92  GLU A CG  1 
ATOM   533  C CD  . GLU A 1 104 ? 18.947  1.021   -4.843  1.00 58.18 ? 92  GLU A CD  1 
ATOM   534  O OE1 . GLU A 1 104 ? 18.997  2.029   -5.549  1.00 56.04 ? 92  GLU A OE1 1 
ATOM   535  O OE2 . GLU A 1 104 ? 18.479  -0.058  -5.243  1.00 61.70 ? 92  GLU A OE2 1 
ATOM   536  N N   . ASN A 1 105 ? 20.744  4.680   -0.178  1.00 62.74 ? 93  ASN A N   1 
ATOM   537  C CA  . ASN A 1 105 ? 21.298  6.034   0.079   1.00 63.19 ? 93  ASN A CA  1 
ATOM   538  C C   . ASN A 1 105 ? 22.148  5.986   1.353   1.00 56.53 ? 93  ASN A C   1 
ATOM   539  O O   . ASN A 1 105 ? 21.536  5.846   2.411   1.00 54.81 ? 93  ASN A O   1 
ATOM   540  C CB  . ASN A 1 105 ? 20.163  7.065   0.067   1.00 59.20 ? 93  ASN A CB  1 
ATOM   541  C CG  . ASN A 1 105 ? 19.915  7.576   -1.336  1.00 62.52 ? 93  ASN A CG  1 
ATOM   542  O OD1 . ASN A 1 105 ? 20.022  8.771   -1.569  1.00 80.00 ? 93  ASN A OD1 1 
ATOM   543  N ND2 . ASN A 1 105 ? 19.651  6.695   -2.291  1.00 61.54 ? 93  ASN A ND2 1 
ATOM   544  N N   . ASP A 1 110 ? 19.086  11.260  11.915  1.00 44.65 ? 98  ASP A N   1 
ATOM   545  C CA  . ASP A 1 110 ? 18.726  10.626  13.210  1.00 37.25 ? 98  ASP A CA  1 
ATOM   546  C C   . ASP A 1 110 ? 17.743  9.481   12.959  1.00 37.81 ? 98  ASP A C   1 
ATOM   547  O O   . ASP A 1 110 ? 17.055  9.487   11.907  1.00 31.30 ? 98  ASP A O   1 
ATOM   548  C CB  . ASP A 1 110 ? 18.227  11.647  14.241  1.00 42.43 ? 98  ASP A CB  1 
ATOM   549  C CG  . ASP A 1 110 ? 16.845  12.269  14.081  1.00 43.85 ? 98  ASP A CG  1 
ATOM   550  O OD1 . ASP A 1 110 ? 15.919  11.595  13.656  1.00 46.53 ? 98  ASP A OD1 1 
ATOM   551  O OD2 . ASP A 1 110 ? 16.696  13.425  14.478  1.00 55.04 ? 98  ASP A OD2 1 
ATOM   552  N N   . ARG A 1 111 ? 17.704  8.550   13.906  1.00 36.82 ? 99  ARG A N   1 
ATOM   553  C CA  . ARG A 1 111 ? 16.944  7.277   13.812  1.00 36.46 ? 99  ARG A CA  1 
ATOM   554  C C   . ARG A 1 111 ? 15.458  7.607   13.625  1.00 29.30 ? 99  ARG A C   1 
ATOM   555  O O   . ARG A 1 111 ? 14.844  6.980   12.735  1.00 33.11 ? 99  ARG A O   1 
ATOM   556  C CB  . ARG A 1 111 ? 17.254  6.382   15.017  1.00 36.26 ? 99  ARG A CB  1 
ATOM   557  C CG  . ARG A 1 111 ? 16.907  6.989   16.357  1.00 40.67 ? 99  ARG A CG  1 
ATOM   558  C CD  . ARG A 1 111 ? 17.537  6.300   17.560  1.00 39.59 ? 99  ARG A CD  1 
ATOM   559  N NE  . ARG A 1 111 ? 16.671  6.638   18.673  1.00 44.22 ? 99  ARG A NE  1 
ATOM   560  C CZ  . ARG A 1 111 ? 16.832  6.246   19.934  1.00 47.61 ? 99  ARG A CZ  1 
ATOM   561  N NH1 . ARG A 1 111 ? 17.877  5.514   20.263  1.00 41.34 ? 99  ARG A NH1 1 
ATOM   562  N NH2 . ARG A 1 111 ? 15.941  6.595   20.855  1.00 48.68 ? 99  ARG A NH2 1 
ATOM   563  N N   . GLU A 1 112 ? 14.942  8.633   14.300  1.00 28.12 ? 100 GLU A N   1 
ATOM   564  C CA  . GLU A 1 112 ? 13.509  8.974   14.204  1.00 30.49 ? 100 GLU A CA  1 
ATOM   565  C C   . GLU A 1 112 ? 13.189  9.402   12.770  1.00 33.64 ? 100 GLU A C   1 
ATOM   566  O O   . GLU A 1 112 ? 12.203  8.958   12.178  1.00 26.02 ? 100 GLU A O   1 
ATOM   567  C CB  . GLU A 1 112 ? 13.114  10.074  15.169  1.00 34.76 ? 100 GLU A CB  1 
ATOM   568  C CG  . GLU A 1 112 ? 11.642  10.335  15.026  1.00 42.47 ? 100 GLU A CG  1 
ATOM   569  C CD  . GLU A 1 112 ? 11.031  11.438  15.848  1.00 52.38 ? 100 GLU A CD  1 
ATOM   570  O OE1 . GLU A 1 112 ? 11.383  11.568  17.041  1.00 62.10 ? 100 GLU A OE1 1 
ATOM   571  O OE2 . GLU A 1 112 ? 10.178  12.132  15.273  1.00 59.77 ? 100 GLU A OE2 1 
ATOM   572  N N   . ASN A 1 113 ? 14.017  10.261  12.208  1.00 30.48 ? 101 ASN A N   1 
ATOM   573  C CA  . ASN A 1 113 ? 13.839  10.751  10.822  1.00 30.56 ? 101 ASN A CA  1 
ATOM   574  C C   . ASN A 1 113 ? 14.015  9.627   9.801   1.00 24.03 ? 101 ASN A C   1 
ATOM   575  O O   . ASN A 1 113 ? 13.334  9.618   8.760   1.00 28.31 ? 101 ASN A O   1 
ATOM   576  C CB  . ASN A 1 113 ? 14.819  11.889  10.540  1.00 34.01 ? 101 ASN A CB  1 
ATOM   577  C CG  . ASN A 1 113 ? 14.171  12.893  9.638   1.00 39.64 ? 101 ASN A CG  1 
ATOM   578  O OD1 . ASN A 1 113 ? 13.105  13.421  9.973   1.00 37.13 ? 101 ASN A OD1 1 
ATOM   579  N ND2 . ASN A 1 113 ? 14.822  13.139  8.510   1.00 47.02 ? 101 ASN A ND2 1 
ATOM   580  N N   . MET A 1 114 ? 14.914  8.689   10.048  1.00 27.03 ? 102 MET A N   1 
ATOM   581  C CA  . MET A 1 114 ? 15.126  7.527   9.147   1.00 28.56 ? 102 MET A CA  1 
ATOM   582  C C   . MET A 1 114 ? 13.810  6.733   9.014   1.00 27.57 ? 102 MET A C   1 
ATOM   583  O O   . MET A 1 114 ? 13.408  6.371   7.895   1.00 23.73 ? 102 MET A O   1 
ATOM   584  C CB  . MET A 1 114 ? 16.227  6.623   9.729   1.00 34.43 ? 102 MET A CB  1 
ATOM   585  C CG  . MET A 1 114 ? 16.692  5.510   8.795   1.00 42.64 ? 102 MET A CG  1 
ATOM   586  S SD  . MET A 1 114 ? 16.124  3.827   9.266   1.00 59.51 ? 102 MET A SD  1 
ATOM   587  C CE  . MET A 1 114 ? 17.006  3.540   10.812  1.00 43.12 ? 102 MET A CE  1 
ATOM   588  N N   . TRP A 1 115 ? 13.166  6.400   10.131  1.00 26.06 ? 103 TRP A N   1 
ATOM   589  C CA  . TRP A 1 115 ? 11.902  5.616   10.099  1.00 22.06 ? 103 TRP A CA  1 
ATOM   590  C C   . TRP A 1 115 ? 10.792  6.469   9.502   1.00 21.85 ? 103 TRP A C   1 
ATOM   591  O O   . TRP A 1 115 ? 10.019  5.930   8.696   1.00 22.82 ? 103 TRP A O   1 
ATOM   592  C CB  . TRP A 1 115 ? 11.580  5.098   11.504  1.00 23.62 ? 103 TRP A CB  1 
ATOM   593  C CG  . TRP A 1 115 ? 12.517  4.024   11.954  1.00 22.11 ? 103 TRP A CG  1 
ATOM   594  C CD1 . TRP A 1 115 ? 13.465  4.123   12.925  1.00 25.08 ? 103 TRP A CD1 1 
ATOM   595  C CD2 . TRP A 1 115 ? 12.608  2.681   11.440  1.00 22.29 ? 103 TRP A CD2 1 
ATOM   596  N NE1 . TRP A 1 115 ? 14.139  2.929   13.064  1.00 23.82 ? 103 TRP A NE1 1 
ATOM   597  C CE2 . TRP A 1 115 ? 13.662  2.036   12.139  1.00 24.40 ? 103 TRP A CE2 1 
ATOM   598  C CE3 . TRP A 1 115 ? 11.979  1.989   10.389  1.00 24.43 ? 103 TRP A CE3 1 
ATOM   599  C CZ2 . TRP A 1 115 ? 14.010  0.703   11.901  1.00 25.65 ? 103 TRP A CZ2 1 
ATOM   600  C CZ3 . TRP A 1 115 ? 12.370  0.689   10.116  1.00 24.26 ? 103 TRP A CZ3 1 
ATOM   601  C CH2 . TRP A 1 115 ? 13.352  0.049   10.885  1.00 23.52 ? 103 TRP A CH2 1 
ATOM   602  N N   . ARG A 1 116 ? 10.729  7.759   9.845   1.00 21.48 ? 104 ARG A N   1 
ATOM   603  C CA  . ARG A 1 116 ? 9.669   8.666   9.370   1.00 21.67 ? 104 ARG A CA  1 
ATOM   604  C C   . ARG A 1 116 ? 9.740   8.735   7.841   1.00 21.64 ? 104 ARG A C   1 
ATOM   605  O O   . ARG A 1 116 ? 8.677   8.665   7.167   1.00 18.52 ? 104 ARG A O   1 
ATOM   606  C CB  . ARG A 1 116 ? 9.795   10.048  10.019  1.00 23.26 ? 104 ARG A CB  1 
ATOM   607  C CG  . ARG A 1 116 ? 8.746   11.048  9.559   1.00 23.82 ? 104 ARG A CG  1 
ATOM   608  C CD  . ARG A 1 116 ? 8.920   12.412  10.187  1.00 26.18 ? 104 ARG A CD  1 
ATOM   609  N NE  . ARG A 1 116 ? 8.882   12.320  11.641  1.00 32.64 ? 104 ARG A NE  1 
ATOM   610  C CZ  . ARG A 1 116 ? 7.764   12.390  12.367  1.00 37.71 ? 104 ARG A CZ  1 
ATOM   611  N NH1 . ARG A 1 116 ? 6.591   12.571  11.778  1.00 37.30 ? 104 ARG A NH1 1 
ATOM   612  N NH2 . ARG A 1 116 ? 7.821   12.288  13.682  1.00 31.37 ? 104 ARG A NH2 1 
ATOM   613  N N   . THR A 1 117 ? 10.955  8.869   7.290   1.00 23.89 ? 105 THR A N   1 
ATOM   614  C CA  . THR A 1 117 ? 11.152  8.999   5.830   1.00 21.77 ? 105 THR A CA  1 
ATOM   615  C C   . THR A 1 117 ? 10.630  7.733   5.165   1.00 22.57 ? 105 THR A C   1 
ATOM   616  O O   . THR A 1 117 ? 10.004  7.810   4.113   1.00 21.47 ? 105 THR A O   1 
ATOM   617  C CB  . THR A 1 117 ? 12.617  9.344   5.482   1.00 27.75 ? 105 THR A CB  1 
ATOM   618  O OG1 . THR A 1 117 ? 13.016  10.516  6.176   1.00 26.89 ? 105 THR A OG1 1 
ATOM   619  C CG2 . THR A 1 117 ? 12.814  9.593   4.001   1.00 31.31 ? 105 THR A CG2 1 
ATOM   620  N N   . GLY A 1 118 ? 10.872  6.572   5.768   1.00 23.15 ? 106 GLY A N   1 
ATOM   621  C CA  . GLY A 1 118 ? 10.453  5.291   5.191   1.00 22.49 ? 106 GLY A CA  1 
ATOM   622  C C   . GLY A 1 118 ? 8.943   5.115   5.297   1.00 19.66 ? 106 GLY A C   1 
ATOM   623  O O   . GLY A 1 118 ? 8.304   4.762   4.304   1.00 20.67 ? 106 GLY A O   1 
ATOM   624  N N   . ILE A 1 119 ? 8.368   5.337   6.470   1.00 18.50 ? 107 ILE A N   1 
ATOM   625  C CA  . ILE A 1 119 ? 6.890   5.277   6.629   1.00 19.66 ? 107 ILE A CA  1 
ATOM   626  C C   . ILE A 1 119 ? 6.238   6.247   5.615   1.00 17.36 ? 107 ILE A C   1 
ATOM   627  O O   . ILE A 1 119 ? 5.193   5.886   5.003   1.00 19.63 ? 107 ILE A O   1 
ATOM   628  C CB  . ILE A 1 119 ? 6.478   5.528   8.084   1.00 18.68 ? 107 ILE A CB  1 
ATOM   629  C CG1 . ILE A 1 119 ? 7.071   4.426   8.981   1.00 20.30 ? 107 ILE A CG1 1 
ATOM   630  C CG2 . ILE A 1 119 ? 4.957   5.573   8.170   1.00 19.02 ? 107 ILE A CG2 1 
ATOM   631  C CD1 . ILE A 1 119 ? 6.993   4.700   10.429  1.00 23.55 ? 107 ILE A CD1 1 
ATOM   632  N N   . ASN A 1 120 ? 6.807   7.430   5.443   1.00 19.92 ? 108 ASN A N   1 
ATOM   633  C CA  . ASN A 1 120 ? 6.268   8.482   4.542   1.00 19.94 ? 108 ASN A CA  1 
ATOM   634  C C   . ASN A 1 120 ? 6.151   8.002   3.084   1.00 20.40 ? 108 ASN A C   1 
ATOM   635  O O   . ASN A 1 120 ? 5.263   8.477   2.356   1.00 20.50 ? 108 ASN A O   1 
ATOM   636  C CB  . ASN A 1 120 ? 7.108   9.757   4.641   1.00 20.41 ? 108 ASN A CB  1 
ATOM   637  C CG  . ASN A 1 120 ? 6.442   10.882  3.891   1.00 20.82 ? 108 ASN A CG  1 
ATOM   638  O OD1 . ASN A 1 120 ? 5.315   11.279  4.209   1.00 21.50 ? 108 ASN A OD1 1 
ATOM   639  N ND2 . ASN A 1 120 ? 7.123   11.370  2.865   1.00 22.25 ? 108 ASN A ND2 1 
ATOM   640  N N   . VAL A 1 121 ? 6.988   7.079   2.631   1.00 21.66 ? 109 VAL A N   1 
ATOM   641  C CA  . VAL A 1 121 ? 6.830   6.483   1.275   1.00 25.57 ? 109 VAL A CA  1 
ATOM   642  C C   . VAL A 1 121 ? 5.425   5.920   1.125   1.00 21.07 ? 109 VAL A C   1 
ATOM   643  O O   . VAL A 1 121 ? 4.752   6.119   0.073   1.00 19.88 ? 109 VAL A O   1 
ATOM   644  C CB  . VAL A 1 121 ? 7.895   5.388   1.071   1.00 28.76 ? 109 VAL A CB  1 
ATOM   645  C CG1 . VAL A 1 121 ? 7.542   4.482   -0.096  1.00 32.74 ? 109 VAL A CG1 1 
ATOM   646  C CG2 . VAL A 1 121 ? 9.249   6.048   0.922   1.00 29.03 ? 109 VAL A CG2 1 
ATOM   647  N N   . PHE A 1 122 ? 4.970   5.190   2.138   1.00 20.83 ? 110 PHE A N   1 
ATOM   648  C CA  . PHE A 1 122 ? 3.666   4.487   2.096   1.00 19.33 ? 110 PHE A CA  1 
ATOM   649  C C   . PHE A 1 122 ? 2.537   5.499   2.279   1.00 20.41 ? 110 PHE A C   1 
ATOM   650  O O   . PHE A 1 122 ? 1.546   5.429   1.563   1.00 20.00 ? 110 PHE A O   1 
ATOM   651  C CB  . PHE A 1 122 ? 3.675   3.355   3.118   1.00 22.36 ? 110 PHE A CB  1 
ATOM   652  C CG  . PHE A 1 122 ? 4.658   2.290   2.720   1.00 19.44 ? 110 PHE A CG  1 
ATOM   653  C CD1 . PHE A 1 122 ? 4.294   1.311   1.825   1.00 22.32 ? 110 PHE A CD1 1 
ATOM   654  C CD2 . PHE A 1 122 ? 5.942   2.262   3.235   1.00 20.89 ? 110 PHE A CD2 1 
ATOM   655  C CE1 . PHE A 1 122 ? 5.217   0.353   1.410   1.00 22.27 ? 110 PHE A CE1 1 
ATOM   656  C CE2 . PHE A 1 122 ? 6.861   1.307   2.826   1.00 22.71 ? 110 PHE A CE2 1 
ATOM   657  C CZ  . PHE A 1 122 ? 6.498   0.360   1.895   1.00 20.67 ? 110 PHE A CZ  1 
ATOM   658  N N   . PHE A 1 123 ? 2.699   6.414   3.225   1.00 18.61 ? 111 PHE A N   1 
ATOM   659  C CA  . PHE A 1 123 ? 1.722   7.499   3.459   1.00 19.14 ? 111 PHE A CA  1 
ATOM   660  C C   . PHE A 1 123 ? 1.468   8.290   2.151   1.00 21.10 ? 111 PHE A C   1 
ATOM   661  O O   . PHE A 1 123 ? 0.306   8.507   1.799   1.00 21.28 ? 111 PHE A O   1 
ATOM   662  C CB  . PHE A 1 123 ? 2.273   8.375   4.573   1.00 20.72 ? 111 PHE A CB  1 
ATOM   663  C CG  . PHE A 1 123 ? 1.395   9.543   4.911   1.00 21.77 ? 111 PHE A CG  1 
ATOM   664  C CD1 . PHE A 1 123 ? 0.159   9.368   5.506   1.00 22.06 ? 111 PHE A CD1 1 
ATOM   665  C CD2 . PHE A 1 123 ? 1.798   10.835  4.595   1.00 24.46 ? 111 PHE A CD2 1 
ATOM   666  C CE1 . PHE A 1 123 ? -0.630  10.479  5.831   1.00 23.76 ? 111 PHE A CE1 1 
ATOM   667  C CE2 . PHE A 1 123 ? 0.974   11.925  4.853   1.00 26.14 ? 111 PHE A CE2 1 
ATOM   668  C CZ  . PHE A 1 123 ? -0.204  11.750  5.531   1.00 20.67 ? 111 PHE A CZ  1 
ATOM   669  N N   . GLU A 1 124 ? 2.523   8.736   1.479   1.00 21.34 ? 112 GLU A N   1 
ATOM   670  C CA  . GLU A 1 124 ? 2.385   9.557   0.240   1.00 22.69 ? 112 GLU A CA  1 
ATOM   671  C C   . GLU A 1 124 ? 1.916   8.691   -0.907  1.00 23.50 ? 112 GLU A C   1 
ATOM   672  O O   . GLU A 1 124 ? 1.032   9.123   -1.654  1.00 25.48 ? 112 GLU A O   1 
ATOM   673  C CB  . GLU A 1 124 ? 3.705   10.231  -0.108  1.00 27.53 ? 112 GLU A CB  1 
ATOM   674  C CG  . GLU A 1 124 ? 4.006   11.415  0.785   1.00 30.86 ? 112 GLU A CG  1 
ATOM   675  C CD  . GLU A 1 124 ? 3.011   12.558  0.616   1.00 36.55 ? 112 GLU A CD  1 
ATOM   676  O OE1 . GLU A 1 124 ? 2.394   12.664  -0.472  1.00 33.93 ? 112 GLU A OE1 1 
ATOM   677  O OE2 . GLU A 1 124 ? 2.832   13.300  1.582   1.00 38.39 ? 112 GLU A OE2 1 
ATOM   678  N N   . THR A 1 125 ? 2.496   7.509   -1.080  1.00 24.17 ? 113 THR A N   1 
ATOM   679  C CA  . THR A 1 125 ? 2.190   6.710   -2.281  1.00 23.60 ? 113 THR A CA  1 
ATOM   680  C C   . THR A 1 125 ? 0.743   6.278   -2.192  1.00 25.93 ? 113 THR A C   1 
ATOM   681  O O   . THR A 1 125 ? -0.006  6.538   -3.175  1.00 26.63 ? 113 THR A O   1 
ATOM   682  C CB  . THR A 1 125 ? 3.118   5.501   -2.488  1.00 24.97 ? 113 THR A CB  1 
ATOM   683  O OG1 . THR A 1 125 ? 4.459   5.971   -2.469  1.00 25.71 ? 113 THR A OG1 1 
ATOM   684  C CG2 . THR A 1 125 ? 2.821   4.777   -3.778  1.00 29.74 ? 113 THR A CG2 1 
ATOM   685  N N   . PHE A 1 126 ? 0.339   5.598   -1.111  1.00 24.09 ? 114 PHE A N   1 
ATOM   686  C CA  . PHE A 1 126 ? -1.046  5.070   -1.027  1.00 22.75 ? 114 PHE A CA  1 
ATOM   687  C C   . PHE A 1 126 ? -1.995  6.241   -0.836  1.00 23.26 ? 114 PHE A C   1 
ATOM   688  O O   . PHE A 1 126 ? -3.134  6.164   -1.329  1.00 23.92 ? 114 PHE A O   1 
ATOM   689  C CB  . PHE A 1 126 ? -1.196  4.008   0.077   1.00 26.38 ? 114 PHE A CB  1 
ATOM   690  C CG  . PHE A 1 126 ? -0.495  2.722   -0.268  1.00 28.57 ? 114 PHE A CG  1 
ATOM   691  C CD1 . PHE A 1 126 ? -1.062  1.840   -1.186  1.00 37.45 ? 114 PHE A CD1 1 
ATOM   692  C CD2 . PHE A 1 126 ? 0.670   2.343   0.353   1.00 34.76 ? 114 PHE A CD2 1 
ATOM   693  C CE1 . PHE A 1 126 ? -0.419  0.649   -1.523  1.00 37.73 ? 114 PHE A CE1 1 
ATOM   694  C CE2 . PHE A 1 126 ? 1.324   1.164   -0.011  1.00 38.33 ? 114 PHE A CE2 1 
ATOM   695  C CZ  . PHE A 1 126 ? 0.799   0.340   -0.961  1.00 34.77 ? 114 PHE A CZ  1 
ATOM   696  N N   . GLY A 1 127 ? -1.550  7.287   -0.132  1.00 22.05 ? 115 GLY A N   1 
ATOM   697  C CA  . GLY A 1 127 ? -2.392  8.460   0.153   1.00 25.50 ? 115 GLY A CA  1 
ATOM   698  C C   . GLY A 1 127 ? -2.674  9.271   -1.108  1.00 27.58 ? 115 GLY A C   1 
ATOM   699  O O   . GLY A 1 127 ? -3.699  9.969   -1.135  1.00 28.88 ? 115 GLY A O   1 
ATOM   700  N N   . SER A 1 128 ? -1.825  9.162   -2.115  1.00 29.16 ? 116 SER A N   1 
ATOM   701  C CA  . SER A 1 128 ? -2.013  9.762   -3.462  1.00 32.70 ? 116 SER A CA  1 
ATOM   702  C C   . SER A 1 128 ? -2.924  8.903   -4.335  1.00 30.77 ? 116 SER A C   1 
ATOM   703  O O   . SER A 1 128 ? -3.238  9.347   -5.441  1.00 31.80 ? 116 SER A O   1 
ATOM   704  C CB  . SER A 1 128 ? -0.706  9.962   -4.138  1.00 31.17 ? 116 SER A CB  1 
ATOM   705  O OG  . SER A 1 128 ? -0.034  11.004  -3.485  1.00 34.38 ? 116 SER A OG  1 
ATOM   706  N N   . HIS A 1 129 ? -3.240  7.679   -3.933  1.00 28.31 ? 117 HIS A N   1 
ATOM   707  C CA  . HIS A 1 129 ? -4.073  6.735   -4.714  1.00 29.14 ? 117 HIS A CA  1 
ATOM   708  C C   . HIS A 1 129 ? -5.109  6.092   -3.794  1.00 26.02 ? 117 HIS A C   1 
ATOM   709  O O   . HIS A 1 129 ? -5.193  4.832   -3.765  1.00 27.17 ? 117 HIS A O   1 
ATOM   710  C CB  . HIS A 1 129 ? -3.207  5.715   -5.457  1.00 29.11 ? 117 HIS A CB  1 
ATOM   711  C CG  . HIS A 1 129 ? -2.211  6.325   -6.366  1.00 34.13 ? 117 HIS A CG  1 
ATOM   712  N ND1 . HIS A 1 129 ? -2.528  6.663   -7.675  1.00 35.64 ? 117 HIS A ND1 1 
ATOM   713  C CD2 . HIS A 1 129 ? -0.915  6.676   -6.173  1.00 35.50 ? 117 HIS A CD2 1 
ATOM   714  C CE1 . HIS A 1 129 ? -1.459  7.216   -8.237  1.00 36.82 ? 117 HIS A CE1 1 
ATOM   715  N NE2 . HIS A 1 129 ? -0.466  7.264   -7.329  1.00 38.30 ? 117 HIS A NE2 1 
ATOM   716  N N   . LYS A 1 130 ? -5.915  6.924   -3.135  1.00 28.63 ? 118 LYS A N   1 
ATOM   717  C CA  . LYS A 1 130 ? -6.863  6.451   -2.098  1.00 30.42 ? 118 LYS A CA  1 
ATOM   718  C C   . LYS A 1 130 ? -7.928  5.532   -2.704  1.00 34.43 ? 118 LYS A C   1 
ATOM   719  O O   . LYS A 1 130 ? -8.286  4.531   -2.052  1.00 28.76 ? 118 LYS A O   1 
ATOM   720  C CB  . LYS A 1 130 ? -7.547  7.615   -1.396  1.00 33.69 ? 118 LYS A CB  1 
ATOM   721  C CG  . LYS A 1 130 ? -6.660  8.385   -0.442  1.00 34.54 ? 118 LYS A CG  1 
ATOM   722  C CD  . LYS A 1 130 ? -7.423  9.528   0.169   1.00 35.82 ? 118 LYS A CD  1 
ATOM   723  C CE  . LYS A 1 130 ? -6.751  10.105  1.382   1.00 42.90 ? 118 LYS A CE  1 
ATOM   724  N NZ  . LYS A 1 130 ? -5.538  10.846  1.007   1.00 46.34 ? 118 LYS A NZ  1 
ATOM   725  N N   . ALA A 1 131 ? -8.438  5.854   -3.896  1.00 30.70 ? 119 ALA A N   1 
ATOM   726  C CA  . ALA A 1 131 ? -9.514  5.047   -4.512  1.00 30.45 ? 119 ALA A CA  1 
ATOM   727  C C   . ALA A 1 131 ? -8.960  3.637   -4.770  1.00 27.09 ? 119 ALA A C   1 
ATOM   728  O O   . ALA A 1 131 ? -9.637  2.656   -4.441  1.00 33.48 ? 119 ALA A O   1 
ATOM   729  C CB  . ALA A 1 131 ? -10.042 5.751   -5.748  1.00 33.24 ? 119 ALA A CB  1 
ATOM   730  N N   . VAL A 1 132 ? -7.770  3.522   -5.353  1.00 27.58 ? 120 VAL A N   1 
ATOM   731  C CA  . VAL A 1 132 ? -7.180  2.200   -5.686  1.00 29.28 ? 120 VAL A CA  1 
ATOM   732  C C   . VAL A 1 132 ? -6.858  1.440   -4.400  1.00 36.77 ? 120 VAL A C   1 
ATOM   733  O O   . VAL A 1 132 ? -7.088  0.222   -4.370  1.00 34.31 ? 120 VAL A O   1 
ATOM   734  C CB  . VAL A 1 132 ? -5.938  2.360   -6.554  1.00 32.13 ? 120 VAL A CB  1 
ATOM   735  C CG1 . VAL A 1 132 ? -5.114  1.086   -6.627  1.00 33.71 ? 120 VAL A CG1 1 
ATOM   736  C CG2 . VAL A 1 132 ? -6.353  2.847   -7.933  1.00 32.23 ? 120 VAL A CG2 1 
ATOM   737  N N   . THR A 1 133 ? -6.303  2.124   -3.395  1.00 36.38 ? 121 THR A N   1 
ATOM   738  C CA  . THR A 1 133 ? -5.941  1.497   -2.090  1.00 37.18 ? 121 THR A CA  1 
ATOM   739  C C   . THR A 1 133 ? -7.147  0.764   -1.506  1.00 37.79 ? 121 THR A C   1 
ATOM   740  O O   . THR A 1 133 ? -7.087  -0.462  -1.221  1.00 39.50 ? 121 THR A O   1 
ATOM   741  C CB  . THR A 1 133 ? -5.483  2.561   -1.096  1.00 36.00 ? 121 THR A CB  1 
ATOM   742  O OG1 . THR A 1 133 ? -4.272  3.048   -1.661  1.00 33.45 ? 121 THR A OG1 1 
ATOM   743  C CG2 . THR A 1 133 ? -5.248  1.998   0.291   1.00 42.05 ? 121 THR A CG2 1 
ATOM   744  N N   . ARG A 1 134 ? -8.209  1.526   -1.347  1.00 35.25 ? 122 ARG A N   1 
ATOM   745  C CA  . ARG A 1 134 ? -9.496  1.097   -0.791  1.00 41.21 ? 122 ARG A CA  1 
ATOM   746  C C   . ARG A 1 134 ? -10.061 -0.077  -1.607  1.00 41.01 ? 122 ARG A C   1 
ATOM   747  O O   . ARG A 1 134 ? -10.201 -1.164  -1.075  1.00 35.44 ? 122 ARG A O   1 
ATOM   748  C CB  . ARG A 1 134 ? -10.329 2.365   -0.840  1.00 41.89 ? 122 ARG A CB  1 
ATOM   749  C CG  . ARG A 1 134 ? -11.795 2.214   -0.496  1.00 50.27 ? 122 ARG A CG  1 
ATOM   750  C CD  . ARG A 1 134 ? -12.364 3.610   -0.705  1.00 60.41 ? 122 ARG A CD  1 
ATOM   751  N NE  . ARG A 1 134 ? -11.606 4.632   0.036   1.00 77.06 ? 122 ARG A NE  1 
ATOM   752  C CZ  . ARG A 1 134 ? -11.427 5.909   -0.326  1.00 73.09 ? 122 ARG A CZ  1 
ATOM   753  N NH1 . ARG A 1 134 ? -11.934 6.371   -1.463  1.00 68.92 ? 122 ARG A NH1 1 
ATOM   754  N NH2 . ARG A 1 134 ? -10.724 6.718   0.456   1.00 70.61 ? 122 ARG A NH2 1 
ATOM   755  N N   . ALA A 1 135 ? -10.269 0.086   -2.909  1.00 41.83 ? 123 ALA A N   1 
ATOM   756  C CA  . ALA A 1 135 ? -10.831 -1.005  -3.734  1.00 35.53 ? 123 ALA A CA  1 
ATOM   757  C C   . ALA A 1 135 ? -9.909  -2.226  -3.661  1.00 36.29 ? 123 ALA A C   1 
ATOM   758  O O   . ALA A 1 135 ? -10.419 -3.375  -3.529  1.00 37.77 ? 123 ALA A O   1 
ATOM   759  C CB  . ALA A 1 135 ? -11.041 -0.472  -5.131  1.00 38.44 ? 123 ALA A CB  1 
ATOM   760  N N   . GLY A 1 136 ? -8.589  -2.014  -3.670  1.00 31.91 ? 124 GLY A N   1 
ATOM   761  C CA  . GLY A 1 136 ? -7.583  -3.096  -3.653  1.00 34.19 ? 124 GLY A CA  1 
ATOM   762  C C   . GLY A 1 136 ? -7.628  -3.877  -2.358  1.00 38.74 ? 124 GLY A C   1 
ATOM   763  O O   . GLY A 1 136 ? -7.444  -5.127  -2.361  1.00 41.15 ? 124 GLY A O   1 
ATOM   764  N N   . GLN A 1 137 ? -7.918  -3.197  -1.253  1.00 39.76 ? 125 GLN A N   1 
ATOM   765  C CA  . GLN A 1 137 ? -7.922  -3.885  0.060   1.00 43.20 ? 125 GLN A CA  1 
ATOM   766  C C   . GLN A 1 137 ? -9.200  -4.722  0.096   1.00 42.60 ? 125 GLN A C   1 
ATOM   767  O O   . GLN A 1 137 ? -9.097  -5.885  0.514   1.00 41.32 ? 125 GLN A O   1 
ATOM   768  C CB  . GLN A 1 137 ? -7.675  -2.888  1.201   1.00 46.87 ? 125 GLN A CB  1 
ATOM   769  C CG  . GLN A 1 137 ? -6.265  -2.286  1.137   1.00 45.90 ? 125 GLN A CG  1 
ATOM   770  C CD  . GLN A 1 137 ? -5.188  -3.333  1.350   1.00 45.90 ? 125 GLN A CD  1 
ATOM   771  O OE1 . GLN A 1 137 ? -5.236  -4.043  2.345   1.00 38.19 ? 125 GLN A OE1 1 
ATOM   772  N NE2 . GLN A 1 137 ? -4.249  -3.454  0.409   1.00 38.20 ? 125 GLN A NE2 1 
ATOM   773  N N   . ALA A 1 138 ? -10.322 -4.190  -0.403  1.00 47.12 ? 126 ALA A N   1 
ATOM   774  C CA  . ALA A 1 138 ? -11.632 -4.895  -0.440  1.00 44.42 ? 126 ALA A CA  1 
ATOM   775  C C   . ALA A 1 138 ? -11.535 -6.141  -1.328  1.00 42.20 ? 126 ALA A C   1 
ATOM   776  O O   . ALA A 1 138 ? -12.085 -7.188  -0.949  1.00 46.99 ? 126 ALA A O   1 
ATOM   777  C CB  . ALA A 1 138 ? -12.721 -3.977  -0.930  1.00 46.14 ? 126 ALA A CB  1 
ATOM   778  N N   . ALA A 1 139 ? -10.818 -6.056  -2.452  1.00 42.98 ? 127 ALA A N   1 
ATOM   779  C CA  . ALA A 1 139 ? -10.621 -7.200  -3.372  1.00 41.36 ? 127 ALA A CA  1 
ATOM   780  C C   . ALA A 1 139 ? -9.767  -8.310  -2.741  1.00 43.72 ? 127 ALA A C   1 
ATOM   781  O O   . ALA A 1 139 ? -9.826  -9.431  -3.276  1.00 37.66 ? 127 ALA A O   1 
ATOM   782  C CB  . ALA A 1 139 ? -10.027 -6.740  -4.666  1.00 40.45 ? 127 ALA A CB  1 
ATOM   783  N N   . ARG A 1 140 ? -9.005  -8.070  -1.657  1.00 42.99 ? 128 ARG A N   1 
ATOM   784  C CA  . ARG A 1 140 ? -8.235  -9.175  -1.008  1.00 40.89 ? 128 ARG A CA  1 
ATOM   785  C C   . ARG A 1 140 ? -9.177  -10.315 -0.608  1.00 40.93 ? 128 ARG A C   1 
ATOM   786  O O   . ARG A 1 140 ? -8.761  -11.482 -0.776  1.00 43.21 ? 128 ARG A O   1 
ATOM   787  C CB  . ARG A 1 140 ? -7.427  -8.714  0.203   1.00 38.55 ? 128 ARG A CB  1 
ATOM   788  C CG  . ARG A 1 140 ? -6.246  -7.850  -0.203  1.00 39.47 ? 128 ARG A CG  1 
ATOM   789  C CD  . ARG A 1 140 ? -5.611  -7.191  1.001   1.00 41.94 ? 128 ARG A CD  1 
ATOM   790  N NE  . ARG A 1 140 ? -5.134  -8.211  1.921   1.00 38.57 ? 128 ARG A NE  1 
ATOM   791  C CZ  . ARG A 1 140 ? -4.597  -7.952  3.119   1.00 44.05 ? 128 ARG A CZ  1 
ATOM   792  N NH1 . ARG A 1 140 ? -4.523  -6.708  3.564   1.00 40.02 ? 128 ARG A NH1 1 
ATOM   793  N NH2 . ARG A 1 140 ? -4.145  -8.937  3.867   1.00 38.59 ? 128 ARG A NH2 1 
ATOM   794  N N   . ALA A 1 141 ? -10.392 -9.993  -0.172  1.00 39.12 ? 129 ALA A N   1 
ATOM   795  C CA  . ALA A 1 141 ? -11.419 -10.974 0.266   1.00 45.78 ? 129 ALA A CA  1 
ATOM   796  C C   . ALA A 1 141 ? -11.839 -11.892 -0.902  1.00 50.07 ? 129 ALA A C   1 
ATOM   797  O O   . ALA A 1 141 ? -12.059 -13.086 -0.659  1.00 53.33 ? 129 ALA A O   1 
ATOM   798  C CB  . ALA A 1 141 ? -12.594 -10.254 0.890   1.00 41.56 ? 129 ALA A CB  1 
ATOM   799  N N   . THR A 1 142 ? -11.900 -11.394 -2.137  1.00 49.21 ? 130 THR A N   1 
ATOM   800  C CA  . THR A 1 142 ? -12.607 -12.082 -3.251  1.00 50.30 ? 130 THR A CA  1 
ATOM   801  C C   . THR A 1 142 ? -11.602 -12.494 -4.328  1.00 53.89 ? 130 THR A C   1 
ATOM   802  O O   . THR A 1 142 ? -11.930 -13.385 -5.129  1.00 57.65 ? 130 THR A O   1 
ATOM   803  C CB  . THR A 1 142 ? -13.754 -11.203 -3.773  1.00 48.49 ? 130 THR A CB  1 
ATOM   804  O OG1 . THR A 1 142 ? -13.225 -9.991  -4.305  1.00 46.35 ? 130 THR A OG1 1 
ATOM   805  C CG2 . THR A 1 142 ? -14.750 -10.847 -2.694  1.00 49.75 ? 130 THR A CG2 1 
ATOM   806  N N   . SER A 1 143 ? -10.419 -11.889 -4.357  1.00 42.35 ? 131 SER A N   1 
ATOM   807  C CA  . SER A 1 143 ? -9.411  -12.143 -5.407  1.00 44.68 ? 131 SER A CA  1 
ATOM   808  C C   . SER A 1 143 ? -8.169  -12.815 -4.812  1.00 52.81 ? 131 SER A C   1 
ATOM   809  O O   . SER A 1 143 ? -7.475  -12.177 -4.034  1.00 44.06 ? 131 SER A O   1 
ATOM   810  C CB  . SER A 1 143 ? -9.036  -10.901 -6.100  1.00 40.99 ? 131 SER A CB  1 
ATOM   811  O OG  . SER A 1 143 ? -7.997  -11.208 -6.994  1.00 40.19 ? 131 SER A OG  1 
ATOM   812  N N   . VAL A 1 144 ? -7.882  -14.055 -5.198  1.00 52.72 ? 132 VAL A N   1 
ATOM   813  C CA  . VAL A 1 144 ? -6.645  -14.757 -4.764  1.00 48.72 ? 132 VAL A CA  1 
ATOM   814  C C   . VAL A 1 144 ? -5.450  -13.989 -5.329  1.00 47.07 ? 132 VAL A C   1 
ATOM   815  O O   . VAL A 1 144 ? -4.429  -13.921 -4.635  1.00 37.39 ? 132 VAL A O   1 
ATOM   816  C CB  . VAL A 1 144 ? -6.651  -16.231 -5.204  1.00 51.96 ? 132 VAL A CB  1 
ATOM   817  C CG1 . VAL A 1 144 ? -5.284  -16.882 -5.067  1.00 55.30 ? 132 VAL A CG1 1 
ATOM   818  C CG2 . VAL A 1 144 ? -7.694  -17.006 -4.425  1.00 53.86 ? 132 VAL A CG2 1 
ATOM   819  N N   . GLU A 1 145 ? -5.540  -13.463 -6.553  1.00 38.92 ? 133 GLU A N   1 
ATOM   820  C CA  . GLU A 1 145 ? -4.406  -12.725 -7.158  1.00 39.81 ? 133 GLU A CA  1 
ATOM   821  C C   . GLU A 1 145 ? -4.179  -11.454 -6.313  1.00 34.99 ? 133 GLU A C   1 
ATOM   822  O O   . GLU A 1 145 ? -3.010  -11.098 -6.091  1.00 34.78 ? 133 GLU A O   1 
ATOM   823  C CB  . GLU A 1 145 ? -4.638  -12.401 -8.638  1.00 45.21 ? 133 GLU A CB  1 
ATOM   824  C CG  . GLU A 1 145 ? -4.824  -13.626 -9.526  1.00 54.94 ? 133 GLU A CG  1 
ATOM   825  C CD  . GLU A 1 145 ? -6.253  -14.151 -9.650  1.00 60.06 ? 133 GLU A CD  1 
ATOM   826  O OE1 . GLU A 1 145 ? -7.129  -13.849 -8.774  1.00 54.38 ? 133 GLU A OE1 1 
ATOM   827  O OE2 . GLU A 1 145 ? -6.497  -14.878 -10.627 1.00 77.91 ? 133 GLU A OE2 1 
ATOM   828  N N   . VAL A 1 146 ? -5.233  -10.811 -5.830  1.00 36.24 ? 134 VAL A N   1 
ATOM   829  C CA  . VAL A 1 146 ? -5.043  -9.552  -5.041  1.00 37.00 ? 134 VAL A CA  1 
ATOM   830  C C   . VAL A 1 146 ? -4.495  -9.907  -3.653  1.00 35.28 ? 134 VAL A C   1 
ATOM   831  O O   . VAL A 1 146 ? -3.531  -9.259  -3.266  1.00 31.50 ? 134 VAL A O   1 
ATOM   832  C CB  . VAL A 1 146 ? -6.306  -8.684  -4.976  1.00 37.23 ? 134 VAL A CB  1 
ATOM   833  C CG1 . VAL A 1 146 ? -6.206  -7.631  -3.889  1.00 35.72 ? 134 VAL A CG1 1 
ATOM   834  C CG2 . VAL A 1 146 ? -6.616  -8.043  -6.338  1.00 35.81 ? 134 VAL A CG2 1 
ATOM   835  N N   . ALA A 1 147 ? -5.076  -10.892 -2.955  1.00 33.65 ? 135 ALA A N   1 
ATOM   836  C CA  . ALA A 1 147 ? -4.563  -11.435 -1.673  1.00 30.96 ? 135 ALA A CA  1 
ATOM   837  C C   . ALA A 1 147 ? -3.090  -11.822 -1.833  1.00 29.98 ? 135 ALA A C   1 
ATOM   838  O O   . ALA A 1 147 ? -2.263  -11.512 -0.965  1.00 27.33 ? 135 ALA A O   1 
ATOM   839  C CB  . ALA A 1 147 ? -5.411  -12.600 -1.215  1.00 32.89 ? 135 ALA A CB  1 
ATOM   840  N N   . GLU A 1 148 ? -2.694  -12.482 -2.914  1.00 30.35 ? 136 GLU A N   1 
ATOM   841  C CA  . GLU A 1 148 ? -1.289  -12.955 -3.070  1.00 30.51 ? 136 GLU A CA  1 
ATOM   842  C C   . GLU A 1 148 ? -0.352  -11.788 -3.392  1.00 27.44 ? 136 GLU A C   1 
ATOM   843  O O   . GLU A 1 148 ? 0.788   -11.788 -2.912  1.00 26.72 ? 136 GLU A O   1 
ATOM   844  C CB  . GLU A 1 148 ? -1.198  -14.052 -4.140  1.00 37.45 ? 136 GLU A CB  1 
ATOM   845  C CG  . GLU A 1 148 ? -1.879  -15.348 -3.697  1.00 44.91 ? 136 GLU A CG  1 
ATOM   846  C CD  . GLU A 1 148 ? -1.839  -16.469 -4.731  1.00 53.86 ? 136 GLU A CD  1 
ATOM   847  O OE1 . GLU A 1 148 ? -1.443  -16.194 -5.896  1.00 47.92 ? 136 GLU A OE1 1 
ATOM   848  O OE2 . GLU A 1 148 ? -2.187  -17.623 -4.368  1.00 64.02 ? 136 GLU A OE2 1 
ATOM   849  N N   . LEU A 1 149 ? -0.812  -10.781 -4.130  1.00 27.15 ? 137 LEU A N   1 
ATOM   850  C CA  . LEU A 1 149 ? 0.046   -9.611  -4.433  1.00 26.86 ? 137 LEU A CA  1 
ATOM   851  C C   . LEU A 1 149 ? 0.351   -8.901  -3.112  1.00 21.37 ? 137 LEU A C   1 
ATOM   852  O O   . LEU A 1 149 ? 1.537   -8.559  -2.847  1.00 20.93 ? 137 LEU A O   1 
ATOM   853  C CB  . LEU A 1 149 ? -0.686  -8.666  -5.395  1.00 27.73 ? 137 LEU A CB  1 
ATOM   854  C CG  . LEU A 1 149 ? 0.042   -7.362  -5.733  1.00 31.80 ? 137 LEU A CG  1 
ATOM   855  C CD1 . LEU A 1 149 ? 1.349   -7.598  -6.439  1.00 36.71 ? 137 LEU A CD1 1 
ATOM   856  C CD2 . LEU A 1 149 ? -0.834  -6.450  -6.585  1.00 39.16 ? 137 LEU A CD2 1 
ATOM   857  N N   . TRP A 1 150 ? -0.698  -8.630  -2.364  1.00 23.49 ? 138 TRP A N   1 
ATOM   858  C CA  . TRP A 1 150 ? -0.564  -7.875  -1.108  1.00 25.15 ? 138 TRP A CA  1 
ATOM   859  C C   . TRP A 1 150 ? 0.336   -8.691  -0.170  1.00 23.51 ? 138 TRP A C   1 
ATOM   860  O O   . TRP A 1 150 ? 1.311   -8.147  0.367   1.00 21.12 ? 138 TRP A O   1 
ATOM   861  C CB  . TRP A 1 150 ? -1.926  -7.531  -0.498  1.00 24.97 ? 138 TRP A CB  1 
ATOM   862  C CG  . TRP A 1 150 ? -1.678  -6.621  0.663   1.00 27.27 ? 138 TRP A CG  1 
ATOM   863  C CD1 . TRP A 1 150 ? -1.724  -6.913  1.998   1.00 27.33 ? 138 TRP A CD1 1 
ATOM   864  C CD2 . TRP A 1 150 ? -1.275  -5.254  0.566   1.00 26.78 ? 138 TRP A CD2 1 
ATOM   865  N NE1 . TRP A 1 150 ? -1.398  -5.820  2.740   1.00 24.41 ? 138 TRP A NE1 1 
ATOM   866  C CE2 . TRP A 1 150 ? -1.102  -4.783  1.893   1.00 26.18 ? 138 TRP A CE2 1 
ATOM   867  C CE3 . TRP A 1 150 ? -1.064  -4.378  -0.505  1.00 27.83 ? 138 TRP A CE3 1 
ATOM   868  C CZ2 . TRP A 1 150 ? -0.695  -3.474  2.161   1.00 26.02 ? 138 TRP A CZ2 1 
ATOM   869  C CZ3 . TRP A 1 150 ? -0.667  -3.092  -0.237  1.00 27.83 ? 138 TRP A CZ3 1 
ATOM   870  C CH2 . TRP A 1 150 ? -0.476  -2.652  1.082   1.00 26.13 ? 138 TRP A CH2 1 
ATOM   871  N N   . SER A 1 151 ? 0.069   -9.980  -0.005  1.00 24.91 ? 139 SER A N   1 
ATOM   872  C CA  . SER A 1 151 ? 0.909   -10.869 0.850   1.00 25.32 ? 139 SER A CA  1 
ATOM   873  C C   . SER A 1 151 ? 2.387   -10.859 0.418   1.00 23.37 ? 139 SER A C   1 
ATOM   874  O O   . SER A 1 151 ? 3.293   -10.785 1.297   1.00 22.83 ? 139 SER A O   1 
ATOM   875  C CB  . SER A 1 151 ? 0.346   -12.260 0.883   1.00 26.09 ? 139 SER A CB  1 
ATOM   876  O OG  . SER A 1 151 ? 1.253   -13.130 1.532   1.00 30.79 ? 139 SER A OG  1 
ATOM   877  N N   . THR A 1 152 ? 2.703   -10.951 -0.867  1.00 22.50 ? 140 THR A N   1 
ATOM   878  C CA  . THR A 1 152 ? 4.105   -10.989 -1.356  1.00 23.30 ? 140 THR A CA  1 
ATOM   879  C C   . THR A 1 152 ? 4.839   -9.713  -0.966  1.00 21.28 ? 140 THR A C   1 
ATOM   880  O O   . THR A 1 152 ? 5.958   -9.793  -0.437  1.00 20.40 ? 140 THR A O   1 
ATOM   881  C CB  . THR A 1 152 ? 4.198   -11.132 -2.885  1.00 28.37 ? 140 THR A CB  1 
ATOM   882  O OG1 . THR A 1 152 ? 3.427   -12.291 -3.188  1.00 34.62 ? 140 THR A OG1 1 
ATOM   883  C CG2 . THR A 1 152 ? 5.608   -11.325 -3.367  1.00 35.22 ? 140 THR A CG2 1 
ATOM   884  N N   . PHE A 1 153 ? 4.234   -8.559  -1.202  1.00 19.81 ? 141 PHE A N   1 
ATOM   885  C CA  . PHE A 1 153 ? 4.878   -7.280  -0.858  1.00 20.37 ? 141 PHE A CA  1 
ATOM   886  C C   . PHE A 1 153 ? 4.962   -7.095  0.673   1.00 19.36 ? 141 PHE A C   1 
ATOM   887  O O   . PHE A 1 153 ? 5.973   -6.586  1.090   1.00 19.89 ? 141 PHE A O   1 
ATOM   888  C CB  . PHE A 1 153 ? 4.209   -6.126  -1.598  1.00 22.59 ? 141 PHE A CB  1 
ATOM   889  C CG  . PHE A 1 153 ? 4.756   -6.022  -3.014  1.00 24.05 ? 141 PHE A CG  1 
ATOM   890  C CD1 . PHE A 1 153 ? 5.948   -5.352  -3.271  1.00 25.79 ? 141 PHE A CD1 1 
ATOM   891  C CD2 . PHE A 1 153 ? 4.122   -6.676  -4.062  1.00 27.05 ? 141 PHE A CD2 1 
ATOM   892  C CE1 . PHE A 1 153 ? 6.451   -5.287  -4.565  1.00 29.80 ? 141 PHE A CE1 1 
ATOM   893  C CE2 . PHE A 1 153 ? 4.669   -6.658  -5.344  1.00 28.90 ? 141 PHE A CE2 1 
ATOM   894  C CZ  . PHE A 1 153 ? 5.823   -5.969  -5.587  1.00 27.96 ? 141 PHE A CZ  1 
ATOM   895  N N   . MET A 1 154 ? 3.941   -7.458  1.436   1.00 20.97 ? 142 MET A N   1 
ATOM   896  C CA  . MET A 1 154 ? 4.012   -7.351  2.918   1.00 20.35 ? 142 MET A CA  1 
ATOM   897  C C   . MET A 1 154 ? 5.202   -8.208  3.402   1.00 20.97 ? 142 MET A C   1 
ATOM   898  O O   . MET A 1 154 ? 5.992   -7.760  4.225   1.00 20.00 ? 142 MET A O   1 
ATOM   899  C CB  . MET A 1 154 ? 2.695   -7.751  3.581   1.00 21.36 ? 142 MET A CB  1 
ATOM   900  C CG  . MET A 1 154 ? 1.552   -6.777  3.389   1.00 20.88 ? 142 MET A CG  1 
ATOM   901  S SD  . MET A 1 154 ? 1.869   -5.165  4.218   1.00 22.54 ? 142 MET A SD  1 
ATOM   902  C CE  . MET A 1 154 ? 1.697   -5.624  5.951   1.00 23.44 ? 142 MET A CE  1 
ATOM   903  N N   . GLN A 1 155 ? 5.392   -9.420  2.887   1.00 19.87 ? 143 GLN A N   1 
ATOM   904  C CA  . GLN A 1 155 ? 6.538   -10.255 3.327   1.00 24.25 ? 143 GLN A CA  1 
ATOM   905  C C   . GLN A 1 155 ? 7.858   -9.520  3.019   1.00 19.61 ? 143 GLN A C   1 
ATOM   906  O O   . GLN A 1 155 ? 8.712   -9.485  3.868   1.00 19.38 ? 143 GLN A O   1 
ATOM   907  C CB  . GLN A 1 155 ? 6.484   -11.631 2.667   1.00 27.49 ? 143 GLN A CB  1 
ATOM   908  C CG  . GLN A 1 155 ? 5.247   -12.418 3.060   1.00 32.16 ? 143 GLN A CG  1 
ATOM   909  C CD  . GLN A 1 155 ? 5.167   -13.700 2.257   1.00 43.78 ? 143 GLN A CD  1 
ATOM   910  O OE1 . GLN A 1 155 ? 6.170   -14.369 2.045   1.00 44.35 ? 143 GLN A OE1 1 
ATOM   911  N NE2 . GLN A 1 155 ? 3.988   -14.016 1.745   1.00 45.61 ? 143 GLN A NE2 1 
ATOM   912  N N   . LYS A 1 156 ? 7.982   -8.903  1.853   1.00 20.90 ? 144 LYS A N   1 
ATOM   913  C CA  . LYS A 1 156 ? 9.184   -8.165  1.449   1.00 22.00 ? 144 LYS A CA  1 
ATOM   914  C C   . LYS A 1 156 ? 9.426   -7.007  2.411   1.00 18.51 ? 144 LYS A C   1 
ATOM   915  O O   . LYS A 1 156 ? 10.573  -6.750  2.810   1.00 20.16 ? 144 LYS A O   1 
ATOM   916  C CB  . LYS A 1 156 ? 8.999   -7.618  0.036   1.00 24.89 ? 144 LYS A CB  1 
ATOM   917  C CG  . LYS A 1 156 ? 10.243  -6.981  -0.534  1.00 28.63 ? 144 LYS A CG  1 
ATOM   918  C CD  . LYS A 1 156 ? 10.169  -6.717  -2.049  1.00 30.00 ? 144 LYS A CD  1 
ATOM   919  C CE  . LYS A 1 156 ? 11.445  -6.039  -2.507  1.00 33.27 ? 144 LYS A CE  1 
ATOM   920  N NZ  . LYS A 1 156 ? 11.376  -5.871  -3.973  1.00 34.14 ? 144 LYS A NZ  1 
ATOM   921  N N   . TRP A 1 157 ? 8.377   -6.228  2.673   1.00 20.01 ? 145 TRP A N   1 
ATOM   922  C CA  . TRP A 1 157 ? 8.492   -4.998  3.497   1.00 18.36 ? 145 TRP A CA  1 
ATOM   923  C C   . TRP A 1 157 ? 8.786   -5.346  4.944   1.00 19.02 ? 145 TRP A C   1 
ATOM   924  O O   . TRP A 1 157 ? 9.550   -4.649  5.591   1.00 18.91 ? 145 TRP A O   1 
ATOM   925  C CB  . TRP A 1 157 ? 7.213   -4.187  3.368   1.00 19.77 ? 145 TRP A CB  1 
ATOM   926  C CG  . TRP A 1 157 ? 7.019   -3.652  1.981   1.00 19.48 ? 145 TRP A CG  1 
ATOM   927  C CD1 . TRP A 1 157 ? 8.023   -3.317  1.106   1.00 21.98 ? 145 TRP A CD1 1 
ATOM   928  C CD2 . TRP A 1 157 ? 5.784   -3.337  1.324   1.00 19.14 ? 145 TRP A CD2 1 
ATOM   929  N NE1 . TRP A 1 157 ? 7.489   -2.889  -0.072  1.00 21.65 ? 145 TRP A NE1 1 
ATOM   930  C CE2 . TRP A 1 157 ? 6.125   -2.877  0.030   1.00 21.04 ? 145 TRP A CE2 1 
ATOM   931  C CE3 . TRP A 1 157 ? 4.427   -3.487  1.633   1.00 19.59 ? 145 TRP A CE3 1 
ATOM   932  C CZ2 . TRP A 1 157 ? 5.155   -2.499  -0.892  1.00 22.29 ? 145 TRP A CZ2 1 
ATOM   933  C CZ3 . TRP A 1 157 ? 3.462   -3.113  0.725   1.00 22.55 ? 145 TRP A CZ3 1 
ATOM   934  C CH2 . TRP A 1 157 ? 3.828   -2.640  -0.529  1.00 21.94 ? 145 TRP A CH2 1 
ATOM   935  N N   . ILE A 1 158 ? 8.172   -6.412  5.422   1.00 20.12 ? 146 ILE A N   1 
ATOM   936  C CA  . ILE A 1 158 ? 8.493   -6.935  6.786   1.00 18.60 ? 146 ILE A CA  1 
ATOM   937  C C   . ILE A 1 158 ? 9.945   -7.430  6.821   1.00 18.93 ? 146 ILE A C   1 
ATOM   938  O O   . ILE A 1 158 ? 10.646  -7.125  7.809   1.00 20.01 ? 146 ILE A O   1 
ATOM   939  C CB  . ILE A 1 158 ? 7.488   -8.001  7.208   1.00 17.36 ? 146 ILE A CB  1 
ATOM   940  C CG1 . ILE A 1 158 ? 6.127   -7.347  7.482   1.00 17.86 ? 146 ILE A CG1 1 
ATOM   941  C CG2 . ILE A 1 158 ? 7.984   -8.812  8.412   1.00 19.77 ? 146 ILE A CG2 1 
ATOM   942  C CD1 . ILE A 1 158 ? 5.002   -8.365  7.465   1.00 18.07 ? 146 ILE A CD1 1 
ATOM   943  N N   . ALA A 1 159 ? 10.385  -8.185  5.816   1.00 19.72 ? 147 ALA A N   1 
ATOM   944  C CA  . ALA A 1 159 ? 11.771  -8.713  5.826   1.00 20.96 ? 147 ALA A CA  1 
ATOM   945  C C   . ALA A 1 159 ? 12.752  -7.524  5.834   1.00 21.30 ? 147 ALA A C   1 
ATOM   946  O O   . ALA A 1 159 ? 13.771  -7.515  6.594   1.00 19.62 ? 147 ALA A O   1 
ATOM   947  C CB  . ALA A 1 159 ? 11.963  -9.716  4.680   1.00 21.31 ? 147 ALA A CB  1 
ATOM   948  N N   . TYR A 1 160 ? 12.456  -6.476  5.086   1.00 21.13 ? 148 TYR A N   1 
ATOM   949  C CA  . TYR A 1 160 ? 13.348  -5.284  5.044   1.00 21.88 ? 148 TYR A CA  1 
ATOM   950  C C   . TYR A 1 160 ? 13.323  -4.532  6.392   1.00 22.11 ? 148 TYR A C   1 
ATOM   951  O O   . TYR A 1 160 ? 14.368  -4.199  6.925   1.00 20.28 ? 148 TYR A O   1 
ATOM   952  C CB  . TYR A 1 160 ? 12.940  -4.377  3.884   1.00 23.01 ? 148 TYR A CB  1 
ATOM   953  C CG  . TYR A 1 160 ? 13.681  -3.080  3.887   1.00 23.09 ? 148 TYR A CG  1 
ATOM   954  C CD1 . TYR A 1 160 ? 15.055  -3.059  3.769   1.00 25.89 ? 148 TYR A CD1 1 
ATOM   955  C CD2 . TYR A 1 160 ? 13.017  -1.899  4.120   1.00 29.73 ? 148 TYR A CD2 1 
ATOM   956  C CE1 . TYR A 1 160 ? 15.769  -1.884  3.812   1.00 25.77 ? 148 TYR A CE1 1 
ATOM   957  C CE2 . TYR A 1 160 ? 13.716  -0.703  4.175   1.00 30.00 ? 148 TYR A CE2 1 
ATOM   958  C CZ  . TYR A 1 160 ? 15.092  -0.696  4.005   1.00 29.17 ? 148 TYR A CZ  1 
ATOM   959  O OH  . TYR A 1 160 ? 15.760  0.493   4.102   1.00 33.94 ? 148 TYR A OH  1 
ATOM   960  N N   . THR A 1 161 ? 12.138  -4.369  6.986   1.00 19.34 ? 149 THR A N   1 
ATOM   961  C CA  . THR A 1 161 ? 12.009  -3.770  8.337   1.00 19.72 ? 149 THR A CA  1 
ATOM   962  C C   . THR A 1 161 ? 12.870  -4.563  9.323   1.00 18.68 ? 149 THR A C   1 
ATOM   963  O O   . THR A 1 161 ? 13.609  -3.957  10.094  1.00 17.60 ? 149 THR A O   1 
ATOM   964  C CB  . THR A 1 161 ? 10.540  -3.713  8.787   1.00 18.42 ? 149 THR A CB  1 
ATOM   965  O OG1 . THR A 1 161 ? 9.733   -3.007  7.841   1.00 19.27 ? 149 THR A OG1 1 
ATOM   966  C CG2 . THR A 1 161 ? 10.391  -3.081  10.154  1.00 18.68 ? 149 THR A CG2 1 
ATOM   967  N N   . ALA A 1 162 ? 12.733  -5.882  9.331   1.00 18.78 ? 150 ALA A N   1 
ATOM   968  C CA  . ALA A 1 162 ? 13.481  -6.738  10.285  1.00 20.94 ? 150 ALA A CA  1 
ATOM   969  C C   . ALA A 1 162 ? 15.012  -6.551  10.073  1.00 20.93 ? 150 ALA A C   1 
ATOM   970  O O   . ALA A 1 162 ? 15.755  -6.490  11.059  1.00 21.29 ? 150 ALA A O   1 
ATOM   971  C CB  . ALA A 1 162 ? 13.037  -8.158  10.094  1.00 19.08 ? 150 ALA A CB  1 
ATOM   972  N N   . ALA A 1 163 ? 15.469  -6.523  8.813   1.00 24.14 ? 151 ALA A N   1 
ATOM   973  C CA  . ALA A 1 163 ? 16.903  -6.359  8.447   1.00 26.16 ? 151 ALA A CA  1 
ATOM   974  C C   . ALA A 1 163 ? 17.417  -5.031  9.013   1.00 27.82 ? 151 ALA A C   1 
ATOM   975  O O   . ALA A 1 163 ? 18.544  -5.025  9.565   1.00 24.31 ? 151 ALA A O   1 
ATOM   976  C CB  . ALA A 1 163 ? 17.135  -6.470  6.952   1.00 26.72 ? 151 ALA A CB  1 
ATOM   977  N N   . VAL A 1 164 ? 16.631  -3.944  8.925   1.00 24.30 ? 152 VAL A N   1 
ATOM   978  C CA  . VAL A 1 164 ? 17.053  -2.622  9.474   1.00 25.44 ? 152 VAL A CA  1 
ATOM   979  C C   . VAL A 1 164 ? 17.072  -2.668  11.007  1.00 25.23 ? 152 VAL A C   1 
ATOM   980  O O   . VAL A 1 164 ? 18.034  -2.250  11.582  1.00 24.59 ? 152 VAL A O   1 
ATOM   981  C CB  . VAL A 1 164 ? 16.202  -1.445  8.955   1.00 26.99 ? 152 VAL A CB  1 
ATOM   982  C CG1 . VAL A 1 164 ? 16.674  -0.145  9.579   1.00 27.28 ? 152 VAL A CG1 1 
ATOM   983  C CG2 . VAL A 1 164 ? 16.228  -1.342  7.434   1.00 29.12 ? 152 VAL A CG2 1 
ATOM   984  N N   . ILE A 1 165 ? 16.076  -3.255  11.673  1.00 22.29 ? 153 ILE A N   1 
ATOM   985  C CA  . ILE A 1 165 ? 16.118  -3.438  13.138  1.00 21.86 ? 153 ILE A CA  1 
ATOM   986  C C   . ILE A 1 165 ? 17.394  -4.223  13.526  1.00 22.92 ? 153 ILE A C   1 
ATOM   987  O O   . ILE A 1 165 ? 18.035  -3.837  14.483  1.00 24.29 ? 153 ILE A O   1 
ATOM   988  C CB  . ILE A 1 165 ? 14.831  -4.103  13.628  1.00 22.29 ? 153 ILE A CB  1 
ATOM   989  C CG1 . ILE A 1 165 ? 13.612  -3.195  13.393  1.00 20.69 ? 153 ILE A CG1 1 
ATOM   990  C CG2 . ILE A 1 165 ? 14.983  -4.517  15.069  1.00 24.61 ? 153 ILE A CG2 1 
ATOM   991  C CD1 . ILE A 1 165 ? 12.263  -3.875  13.576  1.00 20.64 ? 153 ILE A CD1 1 
ATOM   992  N N   . ASP A 1 166 ? 17.647  -5.362  12.904  1.00 23.18 ? 154 ASP A N   1 
ATOM   993  C CA  . ASP A 1 166 ? 18.861  -6.194  13.144  1.00 24.18 ? 154 ASP A CA  1 
ATOM   994  C C   . ASP A 1 166 ? 20.140  -5.354  13.013  1.00 27.74 ? 154 ASP A C   1 
ATOM   995  O O   . ASP A 1 166 ? 21.000  -5.472  13.907  1.00 26.34 ? 154 ASP A O   1 
ATOM   996  C CB  . ASP A 1 166 ? 18.899  -7.371  12.179  1.00 25.71 ? 154 ASP A CB  1 
ATOM   997  C CG  . ASP A 1 166 ? 18.003  -8.505  12.614  1.00 32.16 ? 154 ASP A CG  1 
ATOM   998  O OD1 . ASP A 1 166 ? 17.706  -8.553  13.803  1.00 34.41 ? 154 ASP A OD1 1 
ATOM   999  O OD2 . ASP A 1 166 ? 17.627  -9.334  11.741  1.00 38.87 ? 154 ASP A OD2 1 
ATOM   1000 N N   . ALA A 1 167 ? 20.266  -4.574  11.950  1.00 28.90 ? 155 ALA A N   1 
ATOM   1001 C CA  . ALA A 1 167 ? 21.405  -3.639  11.751  1.00 31.77 ? 155 ALA A CA  1 
ATOM   1002 C C   . ALA A 1 167 ? 21.453  -2.681  12.942  1.00 32.31 ? 155 ALA A C   1 
ATOM   1003 O O   . ALA A 1 167 ? 22.521  -2.521  13.516  1.00 32.60 ? 155 ALA A O   1 
ATOM   1004 C CB  . ALA A 1 167 ? 21.288  -2.891  10.446  1.00 34.74 ? 155 ALA A CB  1 
ATOM   1005 N N   . GLU A 1 168 ? 20.328  -2.108  13.353  1.00 25.74 ? 156 GLU A N   1 
ATOM   1006 C CA  . GLU A 1 168 ? 20.304  -1.196  14.495  1.00 25.90 ? 156 GLU A CA  1 
ATOM   1007 C C   . GLU A 1 168 ? 20.763  -1.954  15.742  1.00 30.60 ? 156 GLU A C   1 
ATOM   1008 O O   . GLU A 1 168 ? 21.441  -1.335  16.571  1.00 31.45 ? 156 GLU A O   1 
ATOM   1009 C CB  . GLU A 1 168 ? 18.926  -0.544  14.664  1.00 25.66 ? 156 GLU A CB  1 
ATOM   1010 C CG  . GLU A 1 168 ? 18.577  0.428   13.552  1.00 27.49 ? 156 GLU A CG  1 
ATOM   1011 C CD  . GLU A 1 168 ? 19.409  1.698   13.583  1.00 31.94 ? 156 GLU A CD  1 
ATOM   1012 O OE1 . GLU A 1 168 ? 19.001  2.686   14.231  1.00 27.63 ? 156 GLU A OE1 1 
ATOM   1013 O OE2 . GLU A 1 168 ? 20.504  1.657   13.032  1.00 31.11 ? 156 GLU A OE2 1 
ATOM   1014 N N   . ARG A 1 169 ? 20.351  -3.217  15.926  1.00 26.85 ? 157 ARG A N   1 
ATOM   1015 C CA  . ARG A 1 169 ? 20.805  -4.006  17.104  1.00 26.51 ? 157 ARG A CA  1 
ATOM   1016 C C   . ARG A 1 169 ? 22.331  -4.263  16.981  1.00 30.23 ? 157 ARG A C   1 
ATOM   1017 O O   . ARG A 1 169 ? 23.052  -4.063  17.956  1.00 32.21 ? 157 ARG A O   1 
ATOM   1018 C CB  . ARG A 1 169 ? 19.947  -5.260  17.204  1.00 25.82 ? 157 ARG A CB  1 
ATOM   1019 C CG  . ARG A 1 169 ? 18.508  -4.937  17.624  1.00 22.70 ? 157 ARG A CG  1 
ATOM   1020 C CD  . ARG A 1 169 ? 17.647  -6.166  17.509  1.00 24.68 ? 157 ARG A CD  1 
ATOM   1021 N NE  . ARG A 1 169 ? 16.331  -5.867  18.009  1.00 24.07 ? 157 ARG A NE  1 
ATOM   1022 C CZ  . ARG A 1 169 ? 15.417  -6.781  18.264  1.00 26.35 ? 157 ARG A CZ  1 
ATOM   1023 N NH1 . ARG A 1 169 ? 14.252  -6.404  18.768  1.00 22.87 ? 157 ARG A NH1 1 
ATOM   1024 N NH2 . ARG A 1 169 ? 15.689  -8.073  18.072  1.00 24.46 ? 157 ARG A NH2 1 
ATOM   1025 N N   . ASP A 1 170 ? 22.811  -4.610  15.802  1.00 30.50 ? 158 ASP A N   1 
ATOM   1026 C CA  . ASP A 1 170 ? 24.229  -5.008  15.591  1.00 36.68 ? 158 ASP A CA  1 
ATOM   1027 C C   . ASP A 1 170 ? 25.164  -3.835  15.925  1.00 40.45 ? 158 ASP A C   1 
ATOM   1028 O O   . ASP A 1 170 ? 26.227  -4.100  16.488  1.00 42.11 ? 158 ASP A O   1 
ATOM   1029 C CB  . ASP A 1 170 ? 24.409  -5.541  14.178  1.00 37.13 ? 158 ASP A CB  1 
ATOM   1030 C CG  . ASP A 1 170 ? 23.871  -6.956  14.013  1.00 42.68 ? 158 ASP A CG  1 
ATOM   1031 O OD1 . ASP A 1 170 ? 23.562  -7.619  15.051  1.00 48.47 ? 158 ASP A OD1 1 
ATOM   1032 O OD2 . ASP A 1 170 ? 23.771  -7.397  12.855  1.00 37.79 ? 158 ASP A OD2 1 
ATOM   1033 N N   . ARG A 1 171 ? 24.756  -2.603  15.643  1.00 34.70 ? 159 ARG A N   1 
ATOM   1034 C CA  . ARG A 1 171 ? 25.553  -1.361  15.845  1.00 39.39 ? 159 ARG A CA  1 
ATOM   1035 C C   . ARG A 1 171 ? 25.392  -0.889  17.294  1.00 40.56 ? 159 ARG A C   1 
ATOM   1036 O O   . ARG A 1 171 ? 26.113  0.020   17.698  1.00 41.29 ? 159 ARG A O   1 
ATOM   1037 C CB  . ARG A 1 171 ? 25.196  -0.350  14.738  1.00 42.92 ? 159 ARG A CB  1 
ATOM   1038 C CG  . ARG A 1 171 ? 24.055  0.625   14.996  1.00 44.96 ? 159 ARG A CG  1 
ATOM   1039 C CD  . ARG A 1 171 ? 23.974  1.759   13.957  1.00 45.16 ? 159 ARG A CD  1 
ATOM   1040 N NE  . ARG A 1 171 ? 22.727  2.553   14.022  1.00 43.51 ? 159 ARG A NE  1 
ATOM   1041 C CZ  . ARG A 1 171 ? 22.529  3.699   14.696  1.00 47.67 ? 159 ARG A CZ  1 
ATOM   1042 N NH1 . ARG A 1 171 ? 23.499  4.253   15.401  1.00 52.63 ? 159 ARG A NH1 1 
ATOM   1043 N NH2 . ARG A 1 171 ? 21.344  4.296   14.685  1.00 45.97 ? 159 ARG A NH2 1 
ATOM   1044 N N   . GLY A 1 172 ? 24.487  -1.497  18.063  1.00 34.28 ? 160 GLY A N   1 
ATOM   1045 C CA  . GLY A 1 172 ? 24.280  -1.218  19.493  1.00 34.82 ? 160 GLY A CA  1 
ATOM   1046 C C   . GLY A 1 172 ? 23.335  -0.056  19.747  1.00 34.55 ? 160 GLY A C   1 
ATOM   1047 O O   . GLY A 1 172 ? 23.313  0.403   20.885  1.00 38.46 ? 160 GLY A O   1 
ATOM   1048 N N   . ALA A 1 173 ? 22.550  0.372   18.743  1.00 32.18 ? 161 ALA A N   1 
ATOM   1049 C CA  . ALA A 1 173 ? 21.594  1.500   18.814  1.00 32.23 ? 161 ALA A CA  1 
ATOM   1050 C C   . ALA A 1 173 ? 20.239  1.002   19.320  1.00 33.67 ? 161 ALA A C   1 
ATOM   1051 O O   . ALA A 1 173 ? 19.589  1.724   20.038  1.00 33.70 ? 161 ALA A O   1 
ATOM   1052 C CB  . ALA A 1 173 ? 21.502  2.147   17.460  1.00 36.12 ? 161 ALA A CB  1 
ATOM   1053 N N   . ALA A 1 174 ? 19.884  -0.256  19.064  1.00 29.98 ? 162 ALA A N   1 
ATOM   1054 C CA  . ALA A 1 174 ? 18.585  -0.831  19.495  1.00 30.07 ? 162 ALA A CA  1 
ATOM   1055 C C   . ALA A 1 174 ? 18.840  -2.053  20.386  1.00 27.32 ? 162 ALA A C   1 
ATOM   1056 O O   . ALA A 1 174 ? 19.712  -2.861  20.086  1.00 27.41 ? 162 ALA A O   1 
ATOM   1057 C CB  . ALA A 1 174 ? 17.794  -1.160  18.254  1.00 27.38 ? 162 ALA A CB  1 
ATOM   1058 N N   . PRO A 1 175 ? 18.070  -2.220  21.478  1.00 27.35 ? 163 PRO A N   1 
ATOM   1059 C CA  . PRO A 1 175 ? 18.255  -3.324  22.417  1.00 30.05 ? 163 PRO A CA  1 
ATOM   1060 C C   . PRO A 1 175 ? 17.682  -4.617  21.841  1.00 29.95 ? 163 PRO A C   1 
ATOM   1061 O O   . PRO A 1 175 ? 16.773  -4.570  21.009  1.00 28.58 ? 163 PRO A O   1 
ATOM   1062 C CB  . PRO A 1 175 ? 17.485  -2.890  23.669  1.00 26.78 ? 163 PRO A CB  1 
ATOM   1063 C CG  . PRO A 1 175 ? 16.360  -2.047  23.095  1.00 27.92 ? 163 PRO A CG  1 
ATOM   1064 C CD  . PRO A 1 175 ? 16.963  -1.330  21.898  1.00 27.49 ? 163 PRO A CD  1 
ATOM   1065 N N   . ARG A 1 176 ? 18.247  -5.750  22.229  1.00 28.21 ? 164 ARG A N   1 
ATOM   1066 C CA  . ARG A 1 176 ? 17.744  -7.065  21.768  1.00 30.20 ? 164 ARG A CA  1 
ATOM   1067 C C   . ARG A 1 176 ? 16.541  -7.417  22.630  1.00 30.73 ? 164 ARG A C   1 
ATOM   1068 O O   . ARG A 1 176 ? 16.703  -8.152  23.629  1.00 27.80 ? 164 ARG A O   1 
ATOM   1069 C CB  . ARG A 1 176 ? 18.850  -8.128  21.803  1.00 33.65 ? 164 ARG A CB  1 
ATOM   1070 C CG  . ARG A 1 176 ? 20.028  -7.753  20.916  1.00 39.45 ? 164 ARG A CG  1 
ATOM   1071 C CD  . ARG A 1 176 ? 21.165  -8.768  20.801  1.00 44.68 ? 164 ARG A CD  1 
ATOM   1072 N NE  . ARG A 1 176 ? 22.152  -8.234  19.853  1.00 48.06 ? 164 ARG A NE  1 
ATOM   1073 C CZ  . ARG A 1 176 ? 22.032  -8.248  18.514  1.00 49.53 ? 164 ARG A CZ  1 
ATOM   1074 N NH1 . ARG A 1 176 ? 22.966  -7.706  17.746  1.00 45.68 ? 164 ARG A NH1 1 
ATOM   1075 N NH2 . ARG A 1 176 ? 20.979  -8.812  17.936  1.00 51.42 ? 164 ARG A NH2 1 
ATOM   1076 N N   . THR A 1 177 ? 15.343  -7.045  22.189  1.00 26.32 ? 165 THR A N   1 
ATOM   1077 C CA  . THR A 1 177 ? 14.093  -7.306  22.929  1.00 24.55 ? 165 THR A CA  1 
ATOM   1078 C C   . THR A 1 177 ? 13.363  -8.434  22.214  1.00 29.26 ? 165 THR A C   1 
ATOM   1079 O O   . THR A 1 177 ? 13.857  -9.566  22.212  1.00 27.50 ? 165 THR A O   1 
ATOM   1080 C CB  . THR A 1 177 ? 13.295  -5.990  23.050  1.00 26.45 ? 165 THR A CB  1 
ATOM   1081 O OG1 . THR A 1 177 ? 13.152  -5.394  21.745  1.00 22.70 ? 165 THR A OG1 1 
ATOM   1082 C CG2 . THR A 1 177 ? 13.982  -5.007  23.964  1.00 27.20 ? 165 THR A CG2 1 
ATOM   1083 N N   . LEU A 1 178 ? 12.295  -8.102  21.505  1.00 24.05 ? 166 LEU A N   1 
ATOM   1084 C CA  . LEU A 1 178 ? 11.516  -9.110  20.765  1.00 24.73 ? 166 LEU A CA  1 
ATOM   1085 C C   . LEU A 1 178 ? 12.360  -9.611  19.598  1.00 21.73 ? 166 LEU A C   1 
ATOM   1086 O O   . LEU A 1 178 ? 13.189  -8.883  19.057  1.00 22.93 ? 166 LEU A O   1 
ATOM   1087 C CB  . LEU A 1 178 ? 10.282  -8.449  20.159  1.00 21.92 ? 166 LEU A CB  1 
ATOM   1088 C CG  . LEU A 1 178 ? 9.194   -7.928  21.082  1.00 24.42 ? 166 LEU A CG  1 
ATOM   1089 C CD1 . LEU A 1 178 ? 8.070   -7.377  20.242  1.00 22.90 ? 166 LEU A CD1 1 
ATOM   1090 C CD2 . LEU A 1 178 ? 8.685   -9.016  22.034  1.00 26.03 ? 166 LEU A CD2 1 
ATOM   1091 N N   . PRO A 1 179 ? 12.083  -10.827 19.122  1.00 23.53 ? 167 PRO A N   1 
ATOM   1092 C CA  . PRO A 1 179 ? 12.483  -11.251 17.772  1.00 24.13 ? 167 PRO A CA  1 
ATOM   1093 C C   . PRO A 1 179 ? 12.120  -10.181 16.737  1.00 23.82 ? 167 PRO A C   1 
ATOM   1094 O O   . PRO A 1 179 ? 10.915  -9.761  16.656  1.00 21.42 ? 167 PRO A O   1 
ATOM   1095 C CB  . PRO A 1 179 ? 11.666  -12.509 17.520  1.00 22.65 ? 167 PRO A CB  1 
ATOM   1096 C CG  . PRO A 1 179 ? 11.379  -13.064 18.916  1.00 23.53 ? 167 PRO A CG  1 
ATOM   1097 C CD  . PRO A 1 179 ? 11.329  -11.863 19.840  1.00 22.57 ? 167 PRO A CD  1 
ATOM   1098 N N   . ALA A 1 180 ? 13.121  -9.781  15.963  1.00 22.48 ? 168 ALA A N   1 
ATOM   1099 C CA  . ALA A 1 180 ? 13.056  -8.615  15.061  1.00 22.90 ? 168 ALA A CA  1 
ATOM   1100 C C   . ALA A 1 180 ? 11.934  -8.866  14.050  1.00 22.74 ? 168 ALA A C   1 
ATOM   1101 O O   . ALA A 1 180 ? 11.265  -7.896  13.645  1.00 21.00 ? 168 ALA A O   1 
ATOM   1102 C CB  . ALA A 1 180 ? 14.386  -8.397  14.399  1.00 25.26 ? 168 ALA A CB  1 
ATOM   1103 N N   . HIS A 1 181 ? 11.794  -10.107 13.585  1.00 19.55 ? 169 HIS A N   1 
ATOM   1104 C CA  . HIS A 1 181 ? 10.884  -10.427 12.471  1.00 22.24 ? 169 HIS A CA  1 
ATOM   1105 C C   . HIS A 1 181 ? 9.448   -10.332 12.986  1.00 22.41 ? 169 HIS A C   1 
ATOM   1106 O O   . HIS A 1 181 ? 8.565   -9.853  12.244  1.00 17.95 ? 169 HIS A O   1 
ATOM   1107 C CB  . HIS A 1 181 ? 11.223  -11.757 11.823  1.00 24.78 ? 169 HIS A CB  1 
ATOM   1108 C CG  . HIS A 1 181 ? 10.521  -11.956 10.525  1.00 21.36 ? 169 HIS A CG  1 
ATOM   1109 N ND1 . HIS A 1 181 ? 9.264   -12.502 10.445  1.00 22.85 ? 169 HIS A ND1 1 
ATOM   1110 C CD2 . HIS A 1 181 ? 10.872  -11.580 9.277   1.00 20.91 ? 169 HIS A CD2 1 
ATOM   1111 C CE1 . HIS A 1 181 ? 8.864   -12.468 9.193   1.00 21.46 ? 169 HIS A CE1 1 
ATOM   1112 N NE2 . HIS A 1 181 ? 9.853   -11.927 8.445   1.00 20.98 ? 169 HIS A NE2 1 
ATOM   1113 N N   . GLU A 1 182 ? 9.246   -10.677 14.260  1.00 18.93 ? 170 GLU A N   1 
ATOM   1114 C CA  . GLU A 1 182 ? 7.892   -10.638 14.860  1.00 20.06 ? 170 GLU A CA  1 
ATOM   1115 C C   . GLU A 1 182 ? 7.523   -9.175  15.121  1.00 19.77 ? 170 GLU A C   1 
ATOM   1116 O O   . GLU A 1 182 ? 6.363   -8.800  14.809  1.00 16.33 ? 170 GLU A O   1 
ATOM   1117 C CB  . GLU A 1 182 ? 7.854   -11.517 16.105  1.00 20.34 ? 170 GLU A CB  1 
ATOM   1118 C CG  . GLU A 1 182 ? 7.989   -13.001 15.758  1.00 23.91 ? 170 GLU A CG  1 
ATOM   1119 C CD  . GLU A 1 182 ? 8.250   -13.914 16.971  1.00 26.24 ? 170 GLU A CD  1 
ATOM   1120 O OE1 . GLU A 1 182 ? 8.174   -13.412 18.138  1.00 23.55 ? 170 GLU A OE1 1 
ATOM   1121 O OE2 . GLU A 1 182 ? 8.587   -15.092 16.742  1.00 25.98 ? 170 GLU A OE2 1 
ATOM   1122 N N   . LEU A 1 183 ? 8.449   -8.404  15.702  1.00 17.91 ? 171 LEU A N   1 
ATOM   1123 C CA  . LEU A 1 183 ? 8.236   -6.955  15.942  1.00 19.07 ? 171 LEU A CA  1 
ATOM   1124 C C   . LEU A 1 183 ? 7.890   -6.291  14.594  1.00 17.99 ? 171 LEU A C   1 
ATOM   1125 O O   . LEU A 1 183 ? 6.872   -5.554  14.514  1.00 16.03 ? 171 LEU A O   1 
ATOM   1126 C CB  . LEU A 1 183 ? 9.499   -6.365  16.545  1.00 19.70 ? 171 LEU A CB  1 
ATOM   1127 C CG  . LEU A 1 183 ? 9.518   -4.851  16.732  1.00 18.88 ? 171 LEU A CG  1 
ATOM   1128 C CD1 . LEU A 1 183 ? 8.260   -4.356  17.437  1.00 19.44 ? 171 LEU A CD1 1 
ATOM   1129 C CD2 . LEU A 1 183 ? 10.736  -4.446  17.533  1.00 20.11 ? 171 LEU A CD2 1 
ATOM   1130 N N   . ALA A 1 184 ? 8.705   -6.555  13.555  1.00 18.95 ? 172 ALA A N   1 
ATOM   1131 C CA  . ALA A 1 184 ? 8.488   -6.023  12.182  1.00 19.84 ? 172 ALA A CA  1 
ATOM   1132 C C   . ALA A 1 184 ? 7.098   -6.357  11.669  1.00 18.46 ? 172 ALA A C   1 
ATOM   1133 O O   . ALA A 1 184 ? 6.471   -5.471  11.033  1.00 17.84 ? 172 ALA A O   1 
ATOM   1134 C CB  . ALA A 1 184 ? 9.565   -6.487  11.212  1.00 21.63 ? 172 ALA A CB  1 
ATOM   1135 N N   . THR A 1 185 ? 6.645   -7.596  11.840  1.00 17.96 ? 173 THR A N   1 
ATOM   1136 C CA  . THR A 1 185 ? 5.320   -8.051  11.383  1.00 17.70 ? 173 THR A CA  1 
ATOM   1137 C C   . THR A 1 185 ? 4.227   -7.183  12.032  1.00 16.28 ? 173 THR A C   1 
ATOM   1138 O O   . THR A 1 185 ? 3.398   -6.677  11.302  1.00 16.63 ? 173 THR A O   1 
ATOM   1139 C CB  . THR A 1 185 ? 5.112   -9.560  11.644  1.00 20.02 ? 173 THR A CB  1 
ATOM   1140 O OG1 . THR A 1 185 ? 6.108   -10.272 10.897  1.00 17.91 ? 173 THR A OG1 1 
ATOM   1141 C CG2 . THR A 1 185 ? 3.759   -10.017 11.183  1.00 19.31 ? 173 THR A CG2 1 
ATOM   1142 N N   . ALA A 1 186 ? 4.213   -7.071  13.350  1.00 15.65 ? 174 ALA A N   1 
ATOM   1143 C CA  . ALA A 1 186 ? 3.160   -6.326  14.049  1.00 16.17 ? 174 ALA A CA  1 
ATOM   1144 C C   . ALA A 1 186 ? 3.209   -4.872  13.582  1.00 15.32 ? 174 ALA A C   1 
ATOM   1145 O O   . ALA A 1 186 ? 2.139   -4.275  13.463  1.00 15.18 ? 174 ALA A O   1 
ATOM   1146 C CB  . ALA A 1 186 ? 3.306   -6.457  15.543  1.00 14.80 ? 174 ALA A CB  1 
ATOM   1147 N N   . LEU A 1 187 ? 4.397   -4.279  13.438  1.00 15.38 ? 175 LEU A N   1 
ATOM   1148 C CA  . LEU A 1 187 ? 4.480   -2.844  13.070  1.00 16.89 ? 175 LEU A CA  1 
ATOM   1149 C C   . LEU A 1 187 ? 3.940   -2.627  11.647  1.00 17.32 ? 175 LEU A C   1 
ATOM   1150 O O   . LEU A 1 187 ? 3.288   -1.579  11.387  1.00 15.79 ? 175 LEU A O   1 
ATOM   1151 C CB  . LEU A 1 187 ? 5.931   -2.371  13.246  1.00 16.53 ? 175 LEU A CB  1 
ATOM   1152 C CG  . LEU A 1 187 ? 6.429   -2.255  14.686  1.00 18.77 ? 175 LEU A CG  1 
ATOM   1153 C CD1 . LEU A 1 187 ? 7.909   -1.845  14.659  1.00 18.57 ? 175 LEU A CD1 1 
ATOM   1154 C CD2 . LEU A 1 187 ? 5.629   -1.274  15.541  1.00 19.40 ? 175 LEU A CD2 1 
ATOM   1155 N N   . ASN A 1 188 ? 4.261   -3.535  10.726  1.00 16.49 ? 176 ASN A N   1 
ATOM   1156 C CA  . ASN A 1 188 ? 3.789   -3.449  9.337   1.00 18.95 ? 176 ASN A CA  1 
ATOM   1157 C C   . ASN A 1 188 ? 2.270   -3.596  9.304   1.00 17.72 ? 176 ASN A C   1 
ATOM   1158 O O   . ASN A 1 188 ? 1.662   -2.885  8.509   1.00 17.47 ? 176 ASN A O   1 
ATOM   1159 C CB  . ASN A 1 188 ? 4.505   -4.469  8.435   1.00 17.58 ? 176 ASN A CB  1 
ATOM   1160 C CG  . ASN A 1 188 ? 5.815   -3.908  7.924   1.00 17.02 ? 176 ASN A CG  1 
ATOM   1161 O OD1 . ASN A 1 188 ? 5.920   -3.669  6.729   1.00 20.18 ? 176 ASN A OD1 1 
ATOM   1162 N ND2 . ASN A 1 188 ? 6.824   -3.844  8.770   1.00 18.88 ? 176 ASN A ND2 1 
ATOM   1163 N N   . LEU A 1 189 ? 1.739   -4.530  10.093  1.00 16.86 ? 177 LEU A N   1 
ATOM   1164 C CA  . LEU A 1 189 ? 0.281   -4.760  10.183  1.00 15.92 ? 177 LEU A CA  1 
ATOM   1165 C C   . LEU A 1 189 ? -0.398  -3.529  10.784  1.00 15.60 ? 177 LEU A C   1 
ATOM   1166 O O   . LEU A 1 189 ? -1.504  -3.125  10.277  1.00 16.33 ? 177 LEU A O   1 
ATOM   1167 C CB  . LEU A 1 189 ? -0.017  -6.064  10.935  1.00 16.72 ? 177 LEU A CB  1 
ATOM   1168 C CG  . LEU A 1 189 ? 0.304   -7.324  10.128  1.00 17.85 ? 177 LEU A CG  1 
ATOM   1169 C CD1 . LEU A 1 189 ? 0.082   -8.517  11.021  1.00 20.89 ? 177 LEU A CD1 1 
ATOM   1170 C CD2 . LEU A 1 189 ? -0.484  -7.447  8.861   1.00 18.89 ? 177 LEU A CD2 1 
ATOM   1171 N N   . MET A 1 190 ? 0.193   -2.964  11.819  1.00 16.39 ? 178 MET A N   1 
ATOM   1172 C CA  . MET A 1 190 ? -0.334  -1.713  12.370  1.00 18.59 ? 178 MET A CA  1 
ATOM   1173 C C   . MET A 1 190 ? -0.431  -0.677  11.242  1.00 18.22 ? 178 MET A C   1 
ATOM   1174 O O   . MET A 1 190 ? -1.469  0.003   11.161  1.00 17.08 ? 178 MET A O   1 
ATOM   1175 C CB  . MET A 1 190 ? 0.553   -1.114  13.452  1.00 17.95 ? 178 MET A CB  1 
ATOM   1176 C CG  . MET A 1 190 ? -0.019  0.225   13.978  1.00 17.17 ? 178 MET A CG  1 
ATOM   1177 S SD  . MET A 1 190 ? 0.959   0.837   15.336  1.00 19.44 ? 178 MET A SD  1 
ATOM   1178 C CE  . MET A 1 190 ? 2.593   1.067   14.626  1.00 17.69 ? 178 MET A CE  1 
ATOM   1179 N N   . ASN A 1 191 ? 0.657   -0.450  10.529  1.00 17.79 ? 179 ASN A N   1 
ATOM   1180 C CA  . ASN A 1 191 ? 0.684   0.588   9.464   1.00 19.24 ? 179 ASN A CA  1 
ATOM   1181 C C   . ASN A 1 191 ? -0.371  0.306   8.395   1.00 18.51 ? 179 ASN A C   1 
ATOM   1182 O O   . ASN A 1 191 ? -1.036  1.273   7.913   1.00 17.75 ? 179 ASN A O   1 
ATOM   1183 C CB  . ASN A 1 191 ? 2.083   0.705   8.886   1.00 19.96 ? 179 ASN A CB  1 
ATOM   1184 C CG  . ASN A 1 191 ? 2.991   1.506   9.798   1.00 19.84 ? 179 ASN A CG  1 
ATOM   1185 O OD1 . ASN A 1 191 ? 2.783   1.550   11.010  1.00 20.08 ? 179 ASN A OD1 1 
ATOM   1186 N ND2 . ASN A 1 191 ? 4.027   2.099   9.240   1.00 20.05 ? 179 ASN A ND2 1 
ATOM   1187 N N   . GLU A 1 192 ? -0.466  -0.950  7.951   1.00 18.31 ? 180 GLU A N   1 
ATOM   1188 C CA  . GLU A 1 192 ? -1.480  -1.341  6.959   1.00 18.59 ? 180 GLU A CA  1 
ATOM   1189 C C   . GLU A 1 192 ? -2.869  -0.883  7.456   1.00 18.17 ? 180 GLU A C   1 
ATOM   1190 O O   . GLU A 1 192 ? -3.606  -0.116  6.741   1.00 17.51 ? 180 GLU A O   1 
ATOM   1191 C CB  . GLU A 1 192 ? -1.444  -2.843  6.740   1.00 19.39 ? 180 GLU A CB  1 
ATOM   1192 C CG  . GLU A 1 192 ? -2.531  -3.308  5.804   1.00 21.40 ? 180 GLU A CG  1 
ATOM   1193 C CD  . GLU A 1 192 ? -2.708  -4.814  5.741   1.00 25.75 ? 180 GLU A CD  1 
ATOM   1194 O OE1 . GLU A 1 192 ? -1.719  -5.488  5.523   1.00 23.02 ? 180 GLU A OE1 1 
ATOM   1195 O OE2 . GLU A 1 192 ? -3.865  -5.295  5.844   1.00 29.44 ? 180 GLU A OE2 1 
ATOM   1196 N N   . ARG A 1 193 ? -3.224  -1.296  8.668   1.00 18.02 ? 181 ARG A N   1 
ATOM   1197 C CA  . ARG A 1 193 ? -4.603  -1.082  9.160   1.00 19.13 ? 181 ARG A CA  1 
ATOM   1198 C C   . ARG A 1 193 ? -4.834  0.412   9.404   1.00 18.64 ? 181 ARG A C   1 
ATOM   1199 O O   . ARG A 1 193 ? -5.948  0.916   9.134   1.00 19.52 ? 181 ARG A O   1 
ATOM   1200 C CB  . ARG A 1 193 ? -4.866  -1.847  10.455  1.00 19.51 ? 181 ARG A CB  1 
ATOM   1201 C CG  . ARG A 1 193 ? -6.326  -1.880  10.885  1.00 20.41 ? 181 ARG A CG  1 
ATOM   1202 C CD  . ARG A 1 193 ? -7.154  -2.627  9.874   1.00 24.77 ? 181 ARG A CD  1 
ATOM   1203 N NE  . ARG A 1 193 ? -8.492  -2.351  10.296  1.00 28.39 ? 181 ARG A NE  1 
ATOM   1204 C CZ  . ARG A 1 193 ? -9.291  -1.441  9.751   1.00 30.74 ? 181 ARG A CZ  1 
ATOM   1205 N NH1 . ARG A 1 193 ? -10.496 -1.318  10.243  1.00 36.21 ? 181 ARG A NH1 1 
ATOM   1206 N NH2 . ARG A 1 193 ? -8.924  -0.720  8.712   1.00 32.70 ? 181 ARG A NH2 1 
ATOM   1207 N N   . THR A 1 194 ? -3.852  1.078   9.988   1.00 17.54 ? 182 THR A N   1 
ATOM   1208 C CA  . THR A 1 194 ? -3.999  2.483   10.440  1.00 19.77 ? 182 THR A CA  1 
ATOM   1209 C C   . THR A 1 194 ? -3.981  3.389   9.206   1.00 20.91 ? 182 THR A C   1 
ATOM   1210 O O   . THR A 1 194 ? -4.821  4.275   9.125   1.00 18.20 ? 182 THR A O   1 
ATOM   1211 C CB  . THR A 1 194 ? -2.916  2.830   11.477  1.00 23.02 ? 182 THR A CB  1 
ATOM   1212 O OG1 . THR A 1 194 ? -2.972  1.874   12.543  1.00 24.84 ? 182 THR A OG1 1 
ATOM   1213 C CG2 . THR A 1 194 ? -3.095  4.242   11.991  1.00 23.93 ? 182 THR A CG2 1 
ATOM   1214 N N   . LEU A 1 195 ? -3.039  3.188   8.274   1.00 20.24 ? 183 LEU A N   1 
ATOM   1215 C CA  . LEU A 1 195 ? -3.017  4.033   7.046   1.00 22.25 ? 183 LEU A CA  1 
ATOM   1216 C C   . LEU A 1 195 ? -4.342  3.889   6.296   1.00 24.38 ? 183 LEU A C   1 
ATOM   1217 O O   . LEU A 1 195 ? -4.929  4.922   5.901   1.00 25.13 ? 183 LEU A O   1 
ATOM   1218 C CB  . LEU A 1 195 ? -1.836  3.684   6.130   1.00 24.35 ? 183 LEU A CB  1 
ATOM   1219 C CG  . LEU A 1 195 ? -0.455  4.114   6.618   1.00 23.16 ? 183 LEU A CG  1 
ATOM   1220 C CD1 . LEU A 1 195 ? 0.623   3.522   5.744   1.00 26.50 ? 183 LEU A CD1 1 
ATOM   1221 C CD2 . LEU A 1 195 ? -0.302  5.629   6.716   1.00 27.02 ? 183 LEU A CD2 1 
ATOM   1222 N N   . PHE A 1 196 ? -4.801  2.670   6.070   1.00 23.83 ? 184 PHE A N   1 
ATOM   1223 C CA  . PHE A 1 196 ? -5.992  2.407   5.233   1.00 25.16 ? 184 PHE A CA  1 
ATOM   1224 C C   . PHE A 1 196 ? -7.245  2.902   5.975   1.00 25.38 ? 184 PHE A C   1 
ATOM   1225 O O   . PHE A 1 196 ? -8.092  3.543   5.311   1.00 26.01 ? 184 PHE A O   1 
ATOM   1226 C CB  . PHE A 1 196 ? -6.018  0.954   4.750   1.00 24.56 ? 184 PHE A CB  1 
ATOM   1227 C CG  . PHE A 1 196 ? -4.812  0.645   3.898   1.00 31.71 ? 184 PHE A CG  1 
ATOM   1228 C CD1 . PHE A 1 196 ? -4.009  1.664   3.387   1.00 37.63 ? 184 PHE A CD1 1 
ATOM   1229 C CD2 . PHE A 1 196 ? -4.428  -0.645  3.639   1.00 33.05 ? 184 PHE A CD2 1 
ATOM   1230 C CE1 . PHE A 1 196 ? -2.883  1.385   2.619   1.00 40.07 ? 184 PHE A CE1 1 
ATOM   1231 C CE2 . PHE A 1 196 ? -3.331  -0.921  2.838   1.00 33.89 ? 184 PHE A CE2 1 
ATOM   1232 C CZ  . PHE A 1 196 ? -2.562  0.088   2.329   1.00 33.55 ? 184 PHE A CZ  1 
ATOM   1233 N N   . ALA A 1 197 ? -7.350  2.733   7.282   1.00 21.17 ? 185 ALA A N   1 
ATOM   1234 C CA  . ALA A 1 197 ? -8.481  3.332   8.034   1.00 21.90 ? 185 ALA A CA  1 
ATOM   1235 C C   . ALA A 1 197 ? -8.509  4.861   7.858   1.00 22.45 ? 185 ALA A C   1 
ATOM   1236 O O   . ALA A 1 197 ? -9.654  5.464   7.655   1.00 23.80 ? 185 ALA A O   1 
ATOM   1237 C CB  . ALA A 1 197 ? -8.400  2.990   9.488   1.00 23.29 ? 185 ALA A CB  1 
ATOM   1238 N N   . SER A 1 198 ? -7.346  5.506   7.969   1.00 20.74 ? 186 SER A N   1 
ATOM   1239 C CA  . SER A 1 198 ? -7.253  6.984   7.899   1.00 22.75 ? 186 SER A CA  1 
ATOM   1240 C C   . SER A 1 198 ? -7.675  7.410   6.498   1.00 26.02 ? 186 SER A C   1 
ATOM   1241 O O   . SER A 1 198 ? -8.485  8.336   6.384   1.00 25.88 ? 186 SER A O   1 
ATOM   1242 C CB  . SER A 1 198 ? -5.890  7.529   8.229   1.00 23.62 ? 186 SER A CB  1 
ATOM   1243 O OG  . SER A 1 198 ? -5.557  7.242   9.569   1.00 28.60 ? 186 SER A OG  1 
ATOM   1244 N N   . PHE A 1 199 ? -7.119  6.793   5.466   1.00 22.92 ? 187 PHE A N   1 
ATOM   1245 C CA  . PHE A 1 199 ? -7.390  7.215   4.066   1.00 26.83 ? 187 PHE A CA  1 
ATOM   1246 C C   . PHE A 1 199 ? -8.866  7.024   3.717   1.00 35.55 ? 187 PHE A C   1 
ATOM   1247 O O   . PHE A 1 199 ? -9.394  7.833   2.960   1.00 37.18 ? 187 PHE A O   1 
ATOM   1248 C CB  . PHE A 1 199 ? -6.552  6.386   3.117   1.00 24.56 ? 187 PHE A CB  1 
ATOM   1249 C CG  . PHE A 1 199 ? -5.082  6.679   3.232   1.00 23.18 ? 187 PHE A CG  1 
ATOM   1250 C CD1 . PHE A 1 199 ? -4.649  7.912   3.668   1.00 24.93 ? 187 PHE A CD1 1 
ATOM   1251 C CD2 . PHE A 1 199 ? -4.161  5.742   2.826   1.00 26.32 ? 187 PHE A CD2 1 
ATOM   1252 C CE1 . PHE A 1 199 ? -3.299  8.194   3.717   1.00 30.33 ? 187 PHE A CE1 1 
ATOM   1253 C CE2 . PHE A 1 199 ? -2.815  6.021   2.900   1.00 25.72 ? 187 PHE A CE2 1 
ATOM   1254 C CZ  . PHE A 1 199 ? -2.394  7.234   3.361   1.00 26.00 ? 187 PHE A CZ  1 
ATOM   1255 N N   . ALA A 1 200 ? -9.501  5.972   4.238   1.00 34.63 ? 188 ALA A N   1 
ATOM   1256 C CA  . ALA A 1 200 ? -10.948 5.699   4.030   1.00 34.28 ? 188 ALA A CA  1 
ATOM   1257 C C   . ALA A 1 200 ? -11.833 6.519   4.960   1.00 33.47 ? 188 ALA A C   1 
ATOM   1258 O O   . ALA A 1 200 ? -13.055 6.427   4.795   1.00 41.41 ? 188 ALA A O   1 
ATOM   1259 C CB  . ALA A 1 200 ? -11.208 4.220   4.153   1.00 35.65 ? 188 ALA A CB  1 
ATOM   1260 N N   . GLY A 1 201 ? -11.275 7.327   5.857   1.00 32.97 ? 189 GLY A N   1 
ATOM   1261 C CA  . GLY A 1 201 ? -12.020 8.075   6.880   1.00 34.58 ? 189 GLY A CA  1 
ATOM   1262 C C   . GLY A 1 201 ? -12.881 7.162   7.737   1.00 38.62 ? 189 GLY A C   1 
ATOM   1263 O O   . GLY A 1 201 ? -13.969 7.614   8.144   1.00 34.77 ? 189 GLY A O   1 
ATOM   1264 N N   . GLU A 1 202 ? -12.406 5.951   8.076   1.00 31.32 ? 190 GLU A N   1 
ATOM   1265 C CA  . GLU A 1 202 ? -13.200 4.982   8.875   1.00 30.10 ? 190 GLU A CA  1 
ATOM   1266 C C   . GLU A 1 202 ? -13.422 5.582   10.266  1.00 30.20 ? 190 GLU A C   1 
ATOM   1267 O O   . GLU A 1 202 ? -12.642 6.465   10.724  1.00 27.96 ? 190 GLU A O   1 
ATOM   1268 C CB  . GLU A 1 202 ? -12.562 3.601   9.022   1.00 29.18 ? 190 GLU A CB  1 
ATOM   1269 C CG  . GLU A 1 202 ? -12.389 2.806   7.750   1.00 34.34 ? 190 GLU A CG  1 
ATOM   1270 C CD  . GLU A 1 202 ? -11.733 1.454   8.035   1.00 37.95 ? 190 GLU A CD  1 
ATOM   1271 O OE1 . GLU A 1 202 ? -11.732 1.024   9.220   1.00 34.20 ? 190 GLU A OE1 1 
ATOM   1272 O OE2 . GLU A 1 202 ? -11.209 0.840   7.092   1.00 49.70 ? 190 GLU A OE2 1 
ATOM   1273 N N   . GLN A 1 203 ? -14.466 5.120   10.939  1.00 29.30 ? 191 GLN A N   1 
ATOM   1274 C CA  . GLN A 1 203 ? -14.666 5.421   12.370  1.00 30.36 ? 191 GLN A CA  1 
ATOM   1275 C C   . GLN A 1 203 ? -14.546 4.078   13.066  1.00 32.01 ? 191 GLN A C   1 
ATOM   1276 O O   . GLN A 1 203 ? -15.350 3.156   12.816  1.00 32.59 ? 191 GLN A O   1 
ATOM   1277 C CB  . GLN A 1 203 ? -15.981 6.172   12.592  1.00 39.19 ? 191 GLN A CB  1 
ATOM   1278 C CG  . GLN A 1 203 ? -16.047 6.811   13.978  1.00 50.61 ? 191 GLN A CG  1 
ATOM   1279 C CD  . GLN A 1 203 ? -17.102 7.884   14.148  1.00 58.89 ? 191 GLN A CD  1 
ATOM   1280 O OE1 . GLN A 1 203 ? -18.301 7.663   13.942  1.00 65.28 ? 191 GLN A OE1 1 
ATOM   1281 N NE2 . GLN A 1 203 ? -16.659 9.058   14.568  1.00 56.49 ? 191 GLN A NE2 1 
ATOM   1282 N N   . PRO A 1 204 ? -13.493 3.855   13.883  1.00 26.93 ? 192 PRO A N   1 
ATOM   1283 C CA  . PRO A 1 204 ? -12.489 4.859   14.262  1.00 25.49 ? 192 PRO A CA  1 
ATOM   1284 C C   . PRO A 1 204 ? -11.286 4.935   13.296  1.00 24.21 ? 192 PRO A C   1 
ATOM   1285 O O   . PRO A 1 204 ? -10.921 3.955   12.597  1.00 21.68 ? 192 PRO A O   1 
ATOM   1286 C CB  . PRO A 1 204 ? -12.016 4.315   15.626  1.00 28.36 ? 192 PRO A CB  1 
ATOM   1287 C CG  . PRO A 1 204 ? -11.992 2.804   15.392  1.00 28.60 ? 192 PRO A CG  1 
ATOM   1288 C CD  . PRO A 1 204 ? -13.211 2.548   14.513  1.00 30.45 ? 192 PRO A CD  1 
ATOM   1289 N N   . SER A 1 205 ? -10.592 6.079   13.295  1.00 20.81 ? 193 SER A N   1 
ATOM   1290 C CA  . SER A 1 205 ? -9.308  6.218   12.570  1.00 20.55 ? 193 SER A CA  1 
ATOM   1291 C C   . SER A 1 205 ? -8.504  7.353   13.190  1.00 23.30 ? 193 SER A C   1 
ATOM   1292 O O   . SER A 1 205 ? -9.101  8.235   13.846  1.00 22.40 ? 193 SER A O   1 
ATOM   1293 C CB  . SER A 1 205 ? -9.506  6.404   11.096  1.00 24.34 ? 193 SER A CB  1 
ATOM   1294 O OG  . SER A 1 205 ? -10.255 7.577   10.864  1.00 22.89 ? 193 SER A OG  1 
ATOM   1295 N N   . VAL A 1 206 ? -7.203  7.330   12.995  1.00 21.88 ? 194 VAL A N   1 
ATOM   1296 C CA  . VAL A 1 206 ? -6.310  8.471   13.321  1.00 21.13 ? 194 VAL A CA  1 
ATOM   1297 C C   . VAL A 1 206 ? -6.548  9.491   12.217  1.00 21.31 ? 194 VAL A C   1 
ATOM   1298 O O   . VAL A 1 206 ? -6.575  9.112   11.048  1.00 20.60 ? 194 VAL A O   1 
ATOM   1299 C CB  . VAL A 1 206 ? -4.844  8.040   13.406  1.00 21.05 ? 194 VAL A CB  1 
ATOM   1300 C CG1 . VAL A 1 206 ? -3.914  9.176   13.671  1.00 20.73 ? 194 VAL A CG1 1 
ATOM   1301 C CG2 . VAL A 1 206 ? -4.637  6.968   14.466  1.00 24.93 ? 194 VAL A CG2 1 
ATOM   1302 N N   . PRO A 1 207 ? -6.752  10.787  12.522  1.00 19.18 ? 195 PRO A N   1 
ATOM   1303 C CA  . PRO A 1 207 ? -6.885  11.775  11.450  1.00 21.86 ? 195 PRO A CA  1 
ATOM   1304 C C   . PRO A 1 207 ? -5.655  11.700  10.536  1.00 21.02 ? 195 PRO A C   1 
ATOM   1305 O O   . PRO A 1 207 ? -4.500  11.535  10.994  1.00 19.78 ? 195 PRO A O   1 
ATOM   1306 C CB  . PRO A 1 207 ? -6.890  13.123  12.161  1.00 23.56 ? 195 PRO A CB  1 
ATOM   1307 C CG  . PRO A 1 207 ? -7.315  12.787  13.586  1.00 25.74 ? 195 PRO A CG  1 
ATOM   1308 C CD  . PRO A 1 207 ? -6.830  11.383  13.869  1.00 23.05 ? 195 PRO A CD  1 
ATOM   1309 N N   . GLU A 1 208 ? -5.871  11.839  9.239   1.00 20.22 ? 196 GLU A N   1 
ATOM   1310 C CA  . GLU A 1 208 ? -4.757  11.729  8.261   1.00 22.15 ? 196 GLU A CA  1 
ATOM   1311 C C   . GLU A 1 208 ? -3.604  12.678  8.586   1.00 21.55 ? 196 GLU A C   1 
ATOM   1312 O O   . GLU A 1 208 ? -2.411  12.299  8.426   1.00 19.50 ? 196 GLU A O   1 
ATOM   1313 C CB  . GLU A 1 208 ? -5.383  11.930  6.885   1.00 28.16 ? 196 GLU A CB  1 
ATOM   1314 C CG  . GLU A 1 208 ? -4.404  11.702  5.782   1.00 33.81 ? 196 GLU A CG  1 
ATOM   1315 C CD  . GLU A 1 208 ? -5.054  11.898  4.417   1.00 38.45 ? 196 GLU A CD  1 
ATOM   1316 O OE1 . GLU A 1 208 ? -6.288  11.785  4.332   1.00 43.30 ? 196 GLU A OE1 1 
ATOM   1317 O OE2 . GLU A 1 208 ? -4.313  12.092  3.474   1.00 49.74 ? 196 GLU A OE2 1 
ATOM   1318 N N   . ALA A 1 209 ? -3.872  13.893  9.048   1.00 20.69 ? 197 ALA A N   1 
ATOM   1319 C CA  . ALA A 1 209 ? -2.812  14.872  9.391   1.00 21.98 ? 197 ALA A CA  1 
ATOM   1320 C C   . ALA A 1 209 ? -2.035  14.458  10.662  1.00 20.61 ? 197 ALA A C   1 
ATOM   1321 O O   . ALA A 1 209 ? -1.078  15.168  11.011  1.00 22.21 ? 197 ALA A O   1 
ATOM   1322 C CB  . ALA A 1 209 ? -3.444  16.245  9.576   1.00 25.30 ? 197 ALA A CB  1 
ATOM   1323 N N   . ARG A 1 210 ? -2.445  13.412  11.396  1.00 16.35 ? 198 ARG A N   1 
ATOM   1324 C CA  . ARG A 1 210 ? -1.745  12.949  12.648  1.00 18.22 ? 198 ARG A CA  1 
ATOM   1325 C C   . ARG A 1 210 ? -1.143  11.543  12.481  1.00 19.17 ? 198 ARG A C   1 
ATOM   1326 O O   . ARG A 1 210 ? -0.478  11.063  13.411  1.00 18.63 ? 198 ARG A O   1 
ATOM   1327 C CB  . ARG A 1 210 ? -2.730  12.920  13.826  1.00 20.21 ? 198 ARG A CB  1 
ATOM   1328 C CG  . ARG A 1 210 ? -3.190  14.324  14.211  1.00 21.69 ? 198 ARG A CG  1 
ATOM   1329 C CD  . ARG A 1 210 ? -2.113  15.257  14.778  1.00 21.45 ? 198 ARG A CD  1 
ATOM   1330 N NE  . ARG A 1 210 ? -1.394  14.502  15.808  1.00 24.45 ? 198 ARG A NE  1 
ATOM   1331 C CZ  . ARG A 1 210 ? -0.083  14.584  16.047  1.00 24.77 ? 198 ARG A CZ  1 
ATOM   1332 N NH1 . ARG A 1 210 ? 0.647   15.488  15.430  1.00 26.34 ? 198 ARG A NH1 1 
ATOM   1333 N NH2 . ARG A 1 210 ? 0.513   13.758  16.905  1.00 25.23 ? 198 ARG A NH2 1 
ATOM   1334 N N   . VAL A 1 211 ? -1.444  10.881  11.390  1.00 19.21 ? 199 VAL A N   1 
ATOM   1335 C CA  . VAL A 1 211 ? -1.144  9.419   11.317  1.00 22.18 ? 199 VAL A CA  1 
ATOM   1336 C C   . VAL A 1 211 ? 0.381   9.216   11.212  1.00 19.01 ? 199 VAL A C   1 
ATOM   1337 O O   . VAL A 1 211 ? 0.915   8.318   11.869  1.00 19.48 ? 199 VAL A O   1 
ATOM   1338 C CB  . VAL A 1 211 ? -2.026  8.742   10.254  1.00 25.15 ? 199 VAL A CB  1 
ATOM   1339 C CG1 . VAL A 1 211 ? -1.635  9.090   8.865   1.00 27.79 ? 199 VAL A CG1 1 
ATOM   1340 C CG2 . VAL A 1 211 ? -2.059  7.217   10.466  1.00 28.14 ? 199 VAL A CG2 1 
ATOM   1341 N N   . LEU A 1 212 ? 1.118   10.049  10.472  1.00 20.69 ? 200 LEU A N   1 
ATOM   1342 C CA  . LEU A 1 212 ? 2.585   9.875   10.362  1.00 21.45 ? 200 LEU A CA  1 
ATOM   1343 C C   . LEU A 1 212 ? 3.239   10.003  11.731  1.00 21.35 ? 200 LEU A C   1 
ATOM   1344 O O   . LEU A 1 212 ? 3.982   9.070   12.090  1.00 21.37 ? 200 LEU A O   1 
ATOM   1345 C CB  . LEU A 1 212 ? 3.148   10.878  9.365   1.00 24.32 ? 200 LEU A CB  1 
ATOM   1346 C CG  . LEU A 1 212 ? 4.556   10.632  8.879   1.00 29.65 ? 200 LEU A CG  1 
ATOM   1347 C CD1 . LEU A 1 212 ? 4.684   9.210   8.321   1.00 30.09 ? 200 LEU A CD1 1 
ATOM   1348 C CD2 . LEU A 1 212 ? 4.905   11.723  7.851   1.00 28.90 ? 200 LEU A CD2 1 
ATOM   1349 N N   . ASP A 1 213 ? 2.959   11.069  12.498  1.00 21.24 ? 201 ASP A N   1 
ATOM   1350 C CA  . ASP A 1 213 ? 3.527   11.297  13.859  1.00 21.74 ? 201 ASP A CA  1 
ATOM   1351 C C   . ASP A 1 213 ? 3.165   10.098  14.759  1.00 19.94 ? 201 ASP A C   1 
ATOM   1352 O O   . ASP A 1 213 ? 3.987   9.670   15.574  1.00 19.05 ? 201 ASP A O   1 
ATOM   1353 C CB  . ASP A 1 213 ? 3.039   12.588  14.517  1.00 26.40 ? 201 ASP A CB  1 
ATOM   1354 C CG  . ASP A 1 213 ? 3.765   13.868  14.078  1.00 31.02 ? 201 ASP A CG  1 
ATOM   1355 O OD1 . ASP A 1 213 ? 4.737   13.762  13.285  1.00 27.40 ? 201 ASP A OD1 1 
ATOM   1356 O OD2 . ASP A 1 213 ? 3.341   14.971  14.557  1.00 32.97 ? 201 ASP A OD2 1 
ATOM   1357 N N   . THR A 1 214 ? 1.935   9.622   14.664  1.00 18.84 ? 202 THR A N   1 
ATOM   1358 C CA  . THR A 1 214 ? 1.420   8.545   15.531  1.00 17.25 ? 202 THR A CA  1 
ATOM   1359 C C   . THR A 1 214 ? 2.238   7.273   15.291  1.00 17.61 ? 202 THR A C   1 
ATOM   1360 O O   . THR A 1 214 ? 2.825   6.698   16.267  1.00 17.14 ? 202 THR A O   1 
ATOM   1361 C CB  . THR A 1 214 ? -0.082  8.329   15.315  1.00 18.23 ? 202 THR A CB  1 
ATOM   1362 O OG1 . THR A 1 214 ? -0.803  9.553   15.574  1.00 18.91 ? 202 THR A OG1 1 
ATOM   1363 C CG2 . THR A 1 214 ? -0.574  7.238   16.259  1.00 18.55 ? 202 THR A CG2 1 
ATOM   1364 N N   . LEU A 1 215 ? 2.350   6.872   14.021  1.00 17.76 ? 203 LEU A N   1 
ATOM   1365 C CA  . LEU A 1 215 ? 3.061   5.622   13.656  1.00 17.93 ? 203 LEU A CA  1 
ATOM   1366 C C   . LEU A 1 215 ? 4.539   5.751   13.993  1.00 18.61 ? 203 LEU A C   1 
ATOM   1367 O O   . LEU A 1 215 ? 5.096   4.800   14.543  1.00 18.31 ? 203 LEU A O   1 
ATOM   1368 C CB  . LEU A 1 215 ? 2.789   5.328   12.180  1.00 16.42 ? 203 LEU A CB  1 
ATOM   1369 C CG  . LEU A 1 215 ? 1.323   5.052   11.827  1.00 17.22 ? 203 LEU A CG  1 
ATOM   1370 C CD1 . LEU A 1 215 ? 1.154   4.811   10.341  1.00 18.28 ? 203 LEU A CD1 1 
ATOM   1371 C CD2 . LEU A 1 215 ? 0.781   3.871   12.609  1.00 18.08 ? 203 LEU A CD2 1 
ATOM   1372 N N   . VAL A 1 216 ? 5.154   6.905   13.751  1.00 18.13 ? 204 VAL A N   1 
ATOM   1373 C CA  . VAL A 1 216 ? 6.612   7.068   13.931  1.00 17.75 ? 204 VAL A CA  1 
ATOM   1374 C C   . VAL A 1 216 ? 6.922   6.916   15.432  1.00 17.39 ? 204 VAL A C   1 
ATOM   1375 O O   . VAL A 1 216 ? 7.853   6.200   15.787  1.00 19.50 ? 204 VAL A O   1 
ATOM   1376 C CB  . VAL A 1 216 ? 7.131   8.414   13.388  1.00 19.90 ? 204 VAL A CB  1 
ATOM   1377 C CG1 . VAL A 1 216 ? 8.508   8.696   13.975  1.00 24.27 ? 204 VAL A CG1 1 
ATOM   1378 C CG2 . VAL A 1 216 ? 7.131   8.474   11.846  1.00 22.00 ? 204 VAL A CG2 1 
ATOM   1379 N N   . HIS A 1 217 ? 6.059   7.458   16.290  1.00 17.19 ? 205 HIS A N   1 
ATOM   1380 C CA  . HIS A 1 217 ? 6.248   7.382   17.751  1.00 17.79 ? 205 HIS A CA  1 
ATOM   1381 C C   . HIS A 1 217 ? 6.243   5.903   18.170  1.00 17.54 ? 205 HIS A C   1 
ATOM   1382 O O   . HIS A 1 217 ? 7.129   5.502   18.974  1.00 18.04 ? 205 HIS A O   1 
ATOM   1383 C CB  . HIS A 1 217 ? 5.176   8.176   18.482  1.00 19.71 ? 205 HIS A CB  1 
ATOM   1384 C CG  . HIS A 1 217 ? 5.154   7.860   19.939  1.00 21.29 ? 205 HIS A CG  1 
ATOM   1385 N ND1 . HIS A 1 217 ? 6.000   8.498   20.842  1.00 20.19 ? 205 HIS A ND1 1 
ATOM   1386 C CD2 . HIS A 1 217 ? 4.471   6.931   20.642  1.00 19.41 ? 205 HIS A CD2 1 
ATOM   1387 C CE1 . HIS A 1 217 ? 5.774   8.030   22.059  1.00 22.38 ? 205 HIS A CE1 1 
ATOM   1388 N NE2 . HIS A 1 217 ? 4.814   7.062   21.984  1.00 18.36 ? 205 HIS A NE2 1 
ATOM   1389 N N   . ILE A 1 218 ? 5.259   5.131   17.695  1.00 18.12 ? 206 ILE A N   1 
ATOM   1390 C CA  . ILE A 1 218 ? 5.104   3.706   18.105  1.00 16.84 ? 206 ILE A CA  1 
ATOM   1391 C C   . ILE A 1 218 ? 6.296   2.918   17.552  1.00 17.91 ? 206 ILE A C   1 
ATOM   1392 O O   . ILE A 1 218 ? 6.774   2.006   18.255  1.00 19.47 ? 206 ILE A O   1 
ATOM   1393 C CB  . ILE A 1 218 ? 3.736   3.162   17.648  1.00 17.69 ? 206 ILE A CB  1 
ATOM   1394 C CG1 . ILE A 1 218 ? 2.620   3.970   18.329  1.00 18.42 ? 206 ILE A CG1 1 
ATOM   1395 C CG2 . ILE A 1 218 ? 3.650   1.687   17.988  1.00 18.22 ? 206 ILE A CG2 1 
ATOM   1396 C CD1 . ILE A 1 218 ? 1.208   3.694   17.823  1.00 19.95 ? 206 ILE A CD1 1 
ATOM   1397 N N   . TRP A 1 219 ? 6.730   3.201   16.328  1.00 17.18 ? 207 TRP A N   1 
ATOM   1398 C CA  . TRP A 1 219 ? 7.908   2.514   15.726  1.00 18.82 ? 207 TRP A CA  1 
ATOM   1399 C C   . TRP A 1 219 ? 9.159   2.793   16.553  1.00 19.62 ? 207 TRP A C   1 
ATOM   1400 O O   . TRP A 1 219 ? 9.820   1.829   16.992  1.00 19.03 ? 207 TRP A O   1 
ATOM   1401 C CB  . TRP A 1 219 ? 8.106   2.894   14.262  1.00 19.33 ? 207 TRP A CB  1 
ATOM   1402 C CG  . TRP A 1 219 ? 7.212   2.173   13.320  1.00 18.88 ? 207 TRP A CG  1 
ATOM   1403 C CD1 . TRP A 1 219 ? 5.838   2.138   13.322  1.00 18.06 ? 207 TRP A CD1 1 
ATOM   1404 C CD2 . TRP A 1 219 ? 7.632   1.399   12.185  1.00 19.36 ? 207 TRP A CD2 1 
ATOM   1405 N NE1 . TRP A 1 219 ? 5.395   1.351   12.307  1.00 19.20 ? 207 TRP A NE1 1 
ATOM   1406 C CE2 . TRP A 1 219 ? 6.460   0.897   11.585  1.00 18.71 ? 207 TRP A CE2 1 
ATOM   1407 C CE3 . TRP A 1 219 ? 8.874   1.023   11.667  1.00 19.45 ? 207 TRP A CE3 1 
ATOM   1408 C CZ2 . TRP A 1 219 ? 6.486   0.084   10.456  1.00 21.33 ? 207 TRP A CZ2 1 
ATOM   1409 C CZ3 . TRP A 1 219 ? 8.902   0.220   10.547  1.00 19.60 ? 207 TRP A CZ3 1 
ATOM   1410 C CH2 . TRP A 1 219 ? 7.728   -0.226  9.943   1.00 19.72 ? 207 TRP A CH2 1 
ATOM   1411 N N   . VAL A 1 220 ? 9.471   4.055   16.818  1.00 20.24 ? 208 VAL A N   1 
ATOM   1412 C CA  . VAL A 1 220 ? 10.724  4.433   17.516  1.00 19.69 ? 208 VAL A CA  1 
ATOM   1413 C C   . VAL A 1 220 ? 10.707  3.934   18.958  1.00 19.76 ? 208 VAL A C   1 
ATOM   1414 O O   . VAL A 1 220 ? 11.726  3.363   19.379  1.00 20.81 ? 208 VAL A O   1 
ATOM   1415 C CB  . VAL A 1 220 ? 10.986  5.949   17.413  1.00 22.41 ? 208 VAL A CB  1 
ATOM   1416 C CG1 . VAL A 1 220 ? 12.153  6.381   18.296  1.00 30.16 ? 208 VAL A CG1 1 
ATOM   1417 C CG2 . VAL A 1 220 ? 11.231  6.297   15.953  1.00 25.87 ? 208 VAL A CG2 1 
ATOM   1418 N N   . THR A 1 221 ? 9.602   4.068   19.699  1.00 20.18 ? 209 THR A N   1 
ATOM   1419 C CA  . THR A 1 221 ? 9.591   3.602   21.096  1.00 20.75 ? 209 THR A CA  1 
ATOM   1420 C C   . THR A 1 221 ? 9.676   2.074   21.116  1.00 20.89 ? 209 THR A C   1 
ATOM   1421 O O   . THR A 1 221 ? 10.402  1.547   21.991  1.00 20.00 ? 209 THR A O   1 
ATOM   1422 C CB  . THR A 1 221 ? 8.404   4.138   21.888  1.00 22.29 ? 209 THR A CB  1 
ATOM   1423 O OG1 . THR A 1 221 ? 7.245   3.715   21.173  1.00 20.47 ? 209 THR A OG1 1 
ATOM   1424 C CG2 . THR A 1 221 ? 8.485   5.643   22.056  1.00 21.31 ? 209 THR A CG2 1 
ATOM   1425 N N   . SER A 1 222 ? 9.048   1.359   20.166  1.00 18.42 ? 210 SER A N   1 
ATOM   1426 C CA  . SER A 1 222 ? 9.023   -0.124  20.239  1.00 18.39 ? 210 SER A CA  1 
ATOM   1427 C C   . SER A 1 222 ? 10.331  -0.708  19.708  1.00 20.06 ? 210 SER A C   1 
ATOM   1428 O O   . SER A 1 222 ? 10.750  -1.775  20.206  1.00 18.92 ? 210 SER A O   1 
ATOM   1429 C CB  . SER A 1 222 ? 7.790   -0.678  19.586  1.00 19.64 ? 210 SER A CB  1 
ATOM   1430 O OG  . SER A 1 222 ? 7.861   -0.608  18.199  1.00 20.94 ? 210 SER A OG  1 
ATOM   1431 N N   . ILE A 1 223 ? 11.008  -0.013  18.793  1.00 18.92 ? 211 ILE A N   1 
ATOM   1432 C CA  . ILE A 1 223 ? 12.307  -0.484  18.246  1.00 19.05 ? 211 ILE A CA  1 
ATOM   1433 C C   . ILE A 1 223 ? 13.457  -0.144  19.229  1.00 22.80 ? 211 ILE A C   1 
ATOM   1434 O O   . ILE A 1 223 ? 14.363  -1.007  19.358  1.00 22.47 ? 211 ILE A O   1 
ATOM   1435 C CB  . ILE A 1 223 ? 12.529  0.030   16.822  1.00 19.50 ? 211 ILE A CB  1 
ATOM   1436 C CG1 . ILE A 1 223 ? 11.491  -0.618  15.907  1.00 17.42 ? 211 ILE A CG1 1 
ATOM   1437 C CG2 . ILE A 1 223 ? 13.941  -0.231  16.325  1.00 20.80 ? 211 ILE A CG2 1 
ATOM   1438 C CD1 . ILE A 1 223 ? 11.355  0.068   14.558  1.00 18.45 ? 211 ILE A CD1 1 
ATOM   1439 N N   . TYR A 1 224 ? 13.444  1.008   19.886  1.00 21.14 ? 212 TYR A N   1 
ATOM   1440 C CA  . TYR A 1 224 ? 14.617  1.520   20.656  1.00 24.21 ? 212 TYR A CA  1 
ATOM   1441 C C   . TYR A 1 224 ? 14.390  1.368   22.156  1.00 27.27 ? 212 TYR A C   1 
ATOM   1442 O O   . TYR A 1 224 ? 15.395  1.459   22.908  1.00 23.59 ? 212 TYR A O   1 
ATOM   1443 C CB  . TYR A 1 224 ? 14.972  2.949   20.211  1.00 22.28 ? 212 TYR A CB  1 
ATOM   1444 C CG  . TYR A 1 224 ? 15.435  2.992   18.780  1.00 23.73 ? 212 TYR A CG  1 
ATOM   1445 C CD1 . TYR A 1 224 ? 16.711  2.581   18.400  1.00 23.39 ? 212 TYR A CD1 1 
ATOM   1446 C CD2 . TYR A 1 224 ? 14.572  3.400   17.779  1.00 22.02 ? 212 TYR A CD2 1 
ATOM   1447 C CE1 . TYR A 1 224 ? 17.083  2.540   17.073  1.00 19.99 ? 212 TYR A CE1 1 
ATOM   1448 C CE2 . TYR A 1 224 ? 14.956  3.425   16.464  1.00 23.39 ? 212 TYR A CE2 1 
ATOM   1449 C CZ  . TYR A 1 224 ? 16.224  3.022   16.105  1.00 22.36 ? 212 TYR A CZ  1 
ATOM   1450 O OH  . TYR A 1 224 ? 16.503  2.954   14.774  1.00 24.06 ? 212 TYR A OH  1 
ATOM   1451 N N   . GLY A 1 225 ? 13.151  1.079   22.590  1.00 26.11 ? 213 GLY A N   1 
ATOM   1452 C CA  . GLY A 1 225 ? 12.767  1.104   24.007  1.00 27.11 ? 213 GLY A CA  1 
ATOM   1453 C C   . GLY A 1 225 ? 13.097  -0.212  24.689  1.00 31.40 ? 213 GLY A C   1 
ATOM   1454 O O   . GLY A 1 225 ? 12.960  -1.260  24.050  1.00 27.66 ? 213 GLY A O   1 
ATOM   1455 N N   . GLU A 1 226 ? 13.572  -0.160  25.938  1.00 38.95 ? 214 GLU A N   1 
ATOM   1456 C CA  . GLU A 1 226 ? 14.180  -1.330  26.644  1.00 45.23 ? 214 GLU A CA  1 
ATOM   1457 C C   . GLU A 1 226 ? 13.088  -2.042  27.447  1.00 45.73 ? 214 GLU A C   1 
ATOM   1458 O O   . GLU A 1 226 ? 12.103  -1.363  27.770  1.00 47.09 ? 214 GLU A O   1 
ATOM   1459 C CB  . GLU A 1 226 ? 15.358  -0.835  27.480  1.00 52.99 ? 214 GLU A CB  1 
ATOM   1460 C CG  . GLU A 1 226 ? 16.009  -1.927  28.294  1.00 62.17 ? 214 GLU A CG  1 
ATOM   1461 C CD  . GLU A 1 226 ? 16.701  -2.963  27.433  1.00 60.67 ? 214 GLU A CD  1 
ATOM   1462 O OE1 . GLU A 1 226 ? 17.882  -2.729  27.114  1.00 70.80 ? 214 GLU A OE1 1 
ATOM   1463 O OE2 . GLU A 1 226 ? 16.053  -3.987  27.067  1.00 49.24 ? 214 GLU A OE2 1 
HETATM 1464 C C4  . GGK B 2 .   ? 11.054  1.169   6.379   1.00 33.07 ? 301 GGK A C4  1 
HETATM 1465 C C5  . GGK B 2 .   ? 9.659   0.762   6.332   1.00 25.47 ? 301 GGK A C5  1 
HETATM 1466 C C6  . GGK B 2 .   ? 8.720   1.716   6.596   1.00 25.33 ? 301 GGK A C6  1 
HETATM 1467 C C11 . GGK B 2 .   ? 3.721   -1.871  4.858   1.00 34.93 ? 301 GGK A C11 1 
HETATM 1468 C C7  . GGK B 2 .   ? 7.375   1.482   6.618   1.00 26.37 ? 301 GGK A C7  1 
HETATM 1469 C C8  . GGK B 2 .   ? 6.870   0.240   6.428   1.00 23.82 ? 301 GGK A C8  1 
HETATM 1470 C C9  . GGK B 2 .   ? 7.810   -0.784  6.170   1.00 26.48 ? 301 GGK A C9  1 
HETATM 1471 C C10 . GGK B 2 .   ? 9.190   -0.496  6.152   1.00 25.99 ? 301 GGK A C10 1 
HETATM 1472 C C12 . GGK B 2 .   ? 2.716   -1.396  3.804   1.00 36.87 ? 301 GGK A C12 1 
HETATM 1473 C C13 . GGK B 2 .   ? 1.708   -0.590  4.535   1.00 32.81 ? 301 GGK A C13 1 
HETATM 1474 N N1  . GGK B 2 .   ? 13.549  3.632   6.638   1.00 44.37 ? 301 GGK A N1  1 
HETATM 1475 N N2  . GGK B 2 .   ? 4.674   -0.815  4.979   1.00 28.00 ? 301 GGK A N2  1 
HETATM 1476 C C3  . GGK B 2 .   ? 12.147  1.633   6.550   1.00 35.83 ? 301 GGK A C3  1 
HETATM 1477 C C1  . GGK B 2 .   ? 14.279  5.760   4.812   1.00 48.15 ? 301 GGK A C1  1 
HETATM 1478 S S1  . GGK B 2 .   ? 14.304  3.993   5.089   1.00 51.20 ? 301 GGK A S1  1 
HETATM 1479 O O1  . GGK B 2 .   ? 13.626  3.319   3.954   1.00 58.72 ? 301 GGK A O1  1 
HETATM 1480 O O2  . GGK B 2 .   ? 15.745  3.605   5.174   1.00 59.57 ? 301 GGK A O2  1 
HETATM 1481 C C2  . GGK B 2 .   ? 13.508  2.192   6.866   1.00 38.00 ? 301 GGK A C2  1 
HETATM 1482 S S2  . GGK B 2 .   ? 5.150   -0.066  6.525   1.00 24.76 ? 301 GGK A S2  1 
HETATM 1483 O O3  . GGK B 2 .   ? 5.006   -0.854  7.751   1.00 23.65 ? 301 GGK A O3  1 
HETATM 1484 O O4  . GGK B 2 .   ? 4.567   1.242   6.510   1.00 26.46 ? 301 GGK A O4  1 
HETATM 1485 F F1  . GGK B 2 .   ? 1.896   -0.800  5.833   1.00 37.59 ? 301 GGK A F1  1 
HETATM 1486 F F2  . GGK B 2 .   ? 1.936   0.684   4.382   1.00 27.76 ? 301 GGK A F2  1 
HETATM 1487 F F3  . GGK B 2 .   ? 0.504   -0.991  4.223   1.00 30.54 ? 301 GGK A F3  1 
HETATM 1488 O O   . HOH C 3 .   ? 20.460  -6.519  8.934   1.00 35.78 ? 401 HOH A O   1 
HETATM 1489 O O   . HOH C 3 .   ? 15.660  -10.900 11.567  1.00 30.48 ? 402 HOH A O   1 
HETATM 1490 O O   . HOH C 3 .   ? 7.833   -11.283 19.514  1.00 25.08 ? 403 HOH A O   1 
HETATM 1491 O O   . HOH C 3 .   ? 4.403   13.672  3.806   1.00 22.63 ? 404 HOH A O   1 
HETATM 1492 O O   . HOH C 3 .   ? 15.148  -9.624  7.238   1.00 26.73 ? 405 HOH A O   1 
HETATM 1493 O O   . HOH C 3 .   ? 0.112   12.516  9.022   1.00 21.65 ? 406 HOH A O   1 
HETATM 1494 O O   . HOH C 3 .   ? -11.670 1.435   11.790  1.00 25.38 ? 407 HOH A O   1 
HETATM 1495 O O   . HOH C 3 .   ? 12.879  -2.789  21.786  1.00 22.16 ? 408 HOH A O   1 
HETATM 1496 O O   . HOH C 3 .   ? 7.914   -11.494 -0.948  1.00 31.71 ? 409 HOH A O   1 
HETATM 1497 O O   . HOH C 3 .   ? 11.495  12.721  7.993   1.00 37.87 ? 410 HOH A O   1 
HETATM 1498 O O   . HOH C 3 .   ? 8.907   -15.854 14.206  0.50 20.45 ? 411 HOH A O   1 
HETATM 1499 O O   . HOH C 3 .   ? 18.424  0.389   4.303   1.00 39.99 ? 412 HOH A O   1 
HETATM 1500 O O   . HOH C 3 .   ? 14.938  -3.632  19.088  1.00 19.36 ? 413 HOH A O   1 
HETATM 1501 O O   . HOH C 3 .   ? 12.964  -7.364  1.694   1.00 31.99 ? 414 HOH A O   1 
HETATM 1502 O O   . HOH C 3 .   ? -8.178  3.049   2.636   1.00 35.21 ? 415 HOH A O   1 
HETATM 1503 O O   . HOH C 3 .   ? 10.157  -16.512 18.472  1.00 33.91 ? 416 HOH A O   1 
HETATM 1504 O O   . HOH C 3 .   ? 6.189   11.256  16.082  1.00 24.51 ? 417 HOH A O   1 
HETATM 1505 O O   . HOH C 3 .   ? -6.254  5.246   11.431  1.00 23.04 ? 418 HOH A O   1 
HETATM 1506 O O   . HOH C 3 .   ? 5.457   -12.212 9.024   1.00 27.27 ? 419 HOH A O   1 
HETATM 1507 O O   . HOH C 3 .   ? -6.659  5.865   -6.433  1.00 31.88 ? 420 HOH A O   1 
HETATM 1508 O O   . HOH C 3 .   ? -12.796 -0.048  -29.886 1.00 29.62 ? 421 HOH A O   1 
HETATM 1509 O O   . HOH C 3 .   ? 20.306  -5.681  24.149  1.00 34.42 ? 422 HOH A O   1 
HETATM 1510 O O   . HOH C 3 .   ? -16.123 3.375   9.471   1.00 40.17 ? 423 HOH A O   1 
HETATM 1511 O O   . HOH C 3 .   ? 8.887   -11.606 5.746   1.00 23.47 ? 424 HOH A O   1 
HETATM 1512 O O   . HOH C 3 .   ? -11.297 -7.631  -29.421 1.00 25.76 ? 425 HOH A O   1 
HETATM 1513 O O   . HOH C 3 .   ? -6.079  9.776   -3.623  1.00 33.83 ? 426 HOH A O   1 
HETATM 1514 O O   . HOH C 3 .   ? 1.428   13.337  11.541  1.00 21.02 ? 427 HOH A O   1 
HETATM 1515 O O   . HOH C 3 .   ? -6.536  15.136  8.670   1.00 23.73 ? 428 HOH A O   1 
HETATM 1516 O O   . HOH C 3 .   ? 15.987  10.267  16.556  1.00 39.87 ? 429 HOH A O   1 
HETATM 1517 O O   . HOH C 3 .   ? 15.623  -11.394 16.427  1.00 33.33 ? 430 HOH A O   1 
HETATM 1518 O O   . HOH C 3 .   ? 8.203   10.224  17.462  1.00 35.77 ? 431 HOH A O   1 
HETATM 1519 O O   . HOH C 3 .   ? 6.478   -12.295 6.513   1.00 30.04 ? 432 HOH A O   1 
HETATM 1520 O O   . HOH C 3 .   ? 7.856   10.136  -1.047  1.00 43.87 ? 433 HOH A O   1 
HETATM 1521 O O   . HOH C 3 .   ? 1.395   14.435  7.484   1.00 30.60 ? 434 HOH A O   1 
# 
